data_1D5G
#
_entry.id   1D5G
#
_cell.length_a   1.0
_cell.length_b   1.0
_cell.length_c   1.0
_cell.angle_alpha   90.0
_cell.angle_beta   90.0
_cell.angle_gamma   90.0
#
_symmetry.space_group_name_H-M   'P 1'
#
loop_
_entity.id
_entity.type
_entity.pdbx_description
1 polymer 'HUMAN PHOSPHATASE HPTP1E'
2 polymer 'PEPTIDE FADSEADENEQVSAV'
#
loop_
_entity_poly.entity_id
_entity_poly.type
_entity_poly.pdbx_seq_one_letter_code
_entity_poly.pdbx_strand_id
1 'polypeptide(L)'
;PKPGDIFEVELAKNDNSLGISVTGGVNTSVRHGGIYVKAVIPQGAAESDGRIHKGDRVLAVNGVSLEGATHKQAVETLRN
TGQVVHLLLEKGQSPT
;
A
2 'polypeptide(L)' FADSEADENEQVSAV B
#
# COMPACT_ATOMS: atom_id res chain seq x y z
N PRO A 1 -15.30 -15.91 -8.40
CA PRO A 1 -14.24 -14.87 -8.34
C PRO A 1 -12.93 -15.52 -8.01
N LYS A 2 -11.82 -15.01 -8.57
CA LYS A 2 -10.50 -15.49 -8.23
C LYS A 2 -10.04 -14.96 -6.92
N PRO A 3 -9.15 -15.56 -6.18
CA PRO A 3 -8.80 -15.08 -4.88
C PRO A 3 -8.12 -13.75 -4.87
N GLY A 4 -7.08 -13.54 -5.70
CA GLY A 4 -6.35 -12.31 -5.72
C GLY A 4 -6.93 -11.30 -6.66
N ASP A 5 -8.22 -10.95 -6.48
CA ASP A 5 -8.92 -10.08 -7.35
C ASP A 5 -8.69 -8.63 -7.07
N ILE A 6 -8.83 -7.77 -8.09
CA ILE A 6 -8.61 -6.35 -8.00
C ILE A 6 -9.88 -5.67 -7.63
N PHE A 7 -9.87 -4.81 -6.60
CA PHE A 7 -11.03 -4.11 -6.14
C PHE A 7 -10.68 -2.69 -5.83
N GLU A 8 -11.67 -1.79 -5.77
CA GLU A 8 -11.43 -0.43 -5.38
C GLU A 8 -12.08 -0.09 -4.08
N VAL A 9 -11.38 0.69 -3.24
CA VAL A 9 -11.89 1.24 -2.03
C VAL A 9 -12.23 2.69 -2.24
N GLU A 10 -13.38 3.11 -1.69
CA GLU A 10 -13.79 4.48 -1.56
C GLU A 10 -13.99 4.77 -0.12
N LEU A 11 -13.02 5.45 0.53
CA LEU A 11 -13.11 5.79 1.91
C LEU A 11 -12.72 7.21 2.11
N ALA A 12 -12.64 7.68 3.37
CA ALA A 12 -12.18 9.00 3.69
C ALA A 12 -11.68 9.03 5.09
N LYS A 13 -11.11 10.17 5.52
CA LYS A 13 -10.53 10.38 6.80
C LYS A 13 -11.50 10.43 7.94
N ASN A 14 -11.31 9.55 8.94
CA ASN A 14 -12.16 9.39 10.07
C ASN A 14 -11.42 9.62 11.36
N ASP A 15 -10.70 8.59 11.86
CA ASP A 15 -9.79 8.67 12.95
C ASP A 15 -8.52 9.28 12.48
N ASN A 16 -7.90 8.67 11.44
CA ASN A 16 -7.00 9.35 10.57
C ASN A 16 -7.27 8.78 9.23
N SER A 17 -6.25 8.50 8.38
CA SER A 17 -6.47 7.96 7.07
C SER A 17 -6.56 6.48 7.11
N LEU A 18 -5.44 5.73 7.05
CA LEU A 18 -5.47 4.31 6.90
C LEU A 18 -5.24 3.57 8.18
N GLY A 19 -4.00 3.55 8.68
CA GLY A 19 -3.59 2.80 9.83
C GLY A 19 -3.02 1.49 9.42
N ILE A 20 -2.00 1.50 8.53
CA ILE A 20 -1.43 0.31 7.99
C ILE A 20 0.03 0.50 7.75
N SER A 21 0.81 -0.59 7.73
CA SER A 21 2.23 -0.57 7.60
C SER A 21 2.62 -1.35 6.39
N VAL A 22 3.76 -0.98 5.78
CA VAL A 22 4.14 -1.36 4.45
C VAL A 22 5.49 -2.03 4.48
N THR A 23 5.77 -2.93 3.52
CA THR A 23 7.03 -3.57 3.42
C THR A 23 7.46 -3.65 1.98
N GLY A 24 8.75 -3.40 1.72
CA GLY A 24 9.34 -3.38 0.42
C GLY A 24 9.06 -2.15 -0.37
N GLY A 25 8.77 -2.30 -1.68
CA GLY A 25 8.21 -1.29 -2.50
C GLY A 25 9.14 -0.32 -3.15
N VAL A 26 10.42 -0.67 -3.34
CA VAL A 26 11.42 0.24 -3.79
C VAL A 26 11.54 0.36 -5.28
N ASN A 27 12.69 0.05 -5.90
CA ASN A 27 12.97 0.33 -7.27
C ASN A 27 12.20 -0.52 -8.22
N THR A 28 12.13 -1.84 -7.95
CA THR A 28 11.00 -2.65 -8.29
C THR A 28 10.84 -3.52 -7.09
N SER A 29 9.75 -4.31 -6.98
CA SER A 29 9.52 -5.07 -5.80
C SER A 29 8.65 -6.25 -6.07
N VAL A 30 7.36 -6.00 -6.38
CA VAL A 30 6.33 -6.99 -6.44
C VAL A 30 6.17 -7.54 -7.82
N ARG A 31 5.90 -6.66 -8.79
CA ARG A 31 5.53 -7.05 -10.11
C ARG A 31 6.16 -6.15 -11.11
N HIS A 32 5.49 -5.06 -11.53
CA HIS A 32 6.04 -4.01 -12.33
C HIS A 32 5.99 -2.75 -11.53
N GLY A 33 6.55 -2.86 -10.31
CA GLY A 33 6.42 -1.93 -9.24
C GLY A 33 5.73 -2.64 -8.12
N GLY A 34 4.84 -1.93 -7.39
CA GLY A 34 3.99 -2.49 -6.40
C GLY A 34 4.49 -2.33 -5.01
N ILE A 35 3.57 -2.19 -4.05
CA ILE A 35 3.86 -2.01 -2.65
C ILE A 35 3.07 -3.05 -1.93
N TYR A 36 3.54 -3.53 -0.77
CA TYR A 36 2.98 -4.65 -0.08
C TYR A 36 2.64 -4.30 1.33
N VAL A 37 1.54 -4.85 1.88
CA VAL A 37 1.18 -4.70 3.26
C VAL A 37 2.06 -5.51 4.14
N LYS A 38 2.62 -4.87 5.19
CA LYS A 38 3.34 -5.55 6.23
C LYS A 38 2.37 -6.12 7.21
N ALA A 39 1.60 -5.23 7.87
CA ALA A 39 0.58 -5.59 8.80
C ALA A 39 -0.25 -4.38 9.07
N VAL A 40 -1.42 -4.57 9.71
CA VAL A 40 -2.36 -3.54 10.04
C VAL A 40 -2.09 -3.01 11.40
N ILE A 41 -2.14 -1.68 11.58
CA ILE A 41 -2.02 -1.03 12.85
C ILE A 41 -3.35 -1.02 13.52
N PRO A 42 -3.62 -1.58 14.66
CA PRO A 42 -4.94 -1.58 15.24
C PRO A 42 -5.28 -0.30 15.91
N GLN A 43 -5.38 0.80 15.15
CA GLN A 43 -5.73 2.10 15.62
C GLN A 43 -6.61 2.85 14.66
N GLY A 44 -6.95 2.29 13.50
CA GLY A 44 -7.64 3.03 12.48
C GLY A 44 -8.68 2.26 11.73
N ALA A 45 -9.05 2.80 10.56
CA ALA A 45 -10.11 2.35 9.71
C ALA A 45 -9.95 0.97 9.14
N ALA A 46 -8.72 0.58 8.77
CA ALA A 46 -8.44 -0.69 8.18
C ALA A 46 -8.78 -1.84 9.07
N GLU A 47 -8.49 -1.70 10.38
CA GLU A 47 -8.98 -2.57 11.41
C GLU A 47 -10.45 -2.47 11.62
N SER A 48 -10.96 -1.26 11.91
CA SER A 48 -12.30 -1.00 12.33
C SER A 48 -13.35 -1.44 11.35
N ASP A 49 -13.31 -0.96 10.10
CA ASP A 49 -14.28 -1.29 9.11
C ASP A 49 -13.97 -2.60 8.49
N GLY A 50 -12.67 -2.91 8.28
CA GLY A 50 -12.25 -4.16 7.73
C GLY A 50 -12.16 -4.09 6.24
N ARG A 51 -10.97 -3.73 5.72
CA ARG A 51 -10.80 -3.44 4.33
C ARG A 51 -9.54 -4.05 3.80
N ILE A 52 -8.44 -3.96 4.56
CA ILE A 52 -7.14 -4.42 4.12
C ILE A 52 -6.62 -5.30 5.19
N HIS A 53 -5.91 -6.39 4.85
CA HIS A 53 -5.21 -7.16 5.83
C HIS A 53 -3.83 -7.49 5.37
N LYS A 54 -3.09 -8.32 6.12
CA LYS A 54 -1.74 -8.71 5.83
C LYS A 54 -1.53 -9.32 4.49
N GLY A 55 -0.50 -8.85 3.76
CA GLY A 55 -0.15 -9.31 2.46
C GLY A 55 -0.95 -8.85 1.29
N ASP A 56 -1.86 -7.86 1.47
CA ASP A 56 -2.56 -7.24 0.39
C ASP A 56 -1.70 -6.32 -0.39
N ARG A 57 -2.03 -6.05 -1.66
CA ARG A 57 -1.19 -5.35 -2.58
C ARG A 57 -1.92 -4.18 -3.16
N VAL A 58 -1.24 -3.04 -3.41
CA VAL A 58 -1.85 -1.89 -4.00
C VAL A 58 -1.53 -1.76 -5.45
N LEU A 59 -2.43 -1.09 -6.19
CA LEU A 59 -2.30 -0.78 -7.59
C LEU A 59 -2.36 0.69 -7.74
N ALA A 60 -3.56 1.25 -7.96
CA ALA A 60 -3.75 2.60 -8.40
C ALA A 60 -4.06 3.56 -7.31
N VAL A 61 -3.63 4.81 -7.46
CA VAL A 61 -3.86 5.89 -6.53
C VAL A 61 -4.77 6.86 -7.20
N ASN A 62 -6.07 6.83 -6.86
CA ASN A 62 -7.10 7.67 -7.39
C ASN A 62 -7.20 7.59 -8.88
N GLY A 63 -7.49 6.38 -9.39
CA GLY A 63 -7.55 6.10 -10.80
C GLY A 63 -6.25 5.79 -11.44
N VAL A 64 -5.15 6.47 -11.06
CA VAL A 64 -3.92 6.45 -11.78
C VAL A 64 -3.05 5.30 -11.40
N SER A 65 -2.58 4.53 -12.40
CA SER A 65 -1.70 3.41 -12.21
C SER A 65 -0.30 3.84 -11.96
N LEU A 66 0.29 3.41 -10.83
CA LEU A 66 1.65 3.72 -10.47
C LEU A 66 2.59 2.74 -11.07
N GLU A 67 2.81 2.85 -12.39
CA GLU A 67 3.80 2.10 -13.10
C GLU A 67 5.20 2.48 -12.75
N GLY A 68 5.85 1.68 -11.88
CA GLY A 68 7.24 1.81 -11.56
C GLY A 68 7.57 2.82 -10.52
N ALA A 69 6.60 3.18 -9.64
CA ALA A 69 6.80 4.14 -8.61
C ALA A 69 7.57 3.58 -7.45
N THR A 70 8.54 4.36 -6.93
CA THR A 70 9.38 3.98 -5.84
C THR A 70 8.72 4.13 -4.51
N HIS A 71 9.37 3.65 -3.43
CA HIS A 71 8.85 3.70 -2.10
C HIS A 71 8.63 5.09 -1.62
N LYS A 72 9.57 6.02 -1.90
CA LYS A 72 9.42 7.43 -1.68
C LYS A 72 8.26 8.05 -2.36
N GLN A 73 7.97 7.69 -3.63
CA GLN A 73 6.86 8.18 -4.36
C GLN A 73 5.56 7.68 -3.83
N ALA A 74 5.50 6.39 -3.46
CA ALA A 74 4.36 5.78 -2.84
C ALA A 74 4.02 6.34 -1.51
N VAL A 75 5.01 6.58 -0.63
CA VAL A 75 4.83 7.16 0.66
C VAL A 75 4.44 8.60 0.61
N GLU A 76 5.08 9.40 -0.25
CA GLU A 76 4.78 10.79 -0.41
C GLU A 76 3.39 11.04 -0.90
N THR A 77 2.91 10.26 -1.88
CA THR A 77 1.56 10.32 -2.36
C THR A 77 0.52 9.84 -1.42
N LEU A 78 0.88 9.07 -0.38
CA LEU A 78 0.00 8.70 0.69
C LEU A 78 -0.18 9.77 1.71
N ARG A 79 0.87 10.51 2.09
CA ARG A 79 0.75 11.53 3.08
C ARG A 79 0.32 12.86 2.56
N ASN A 80 0.60 13.18 1.28
CA ASN A 80 0.11 14.36 0.66
C ASN A 80 -1.28 14.19 0.12
N THR A 81 -2.26 13.89 0.99
CA THR A 81 -3.62 13.63 0.66
C THR A 81 -4.53 14.72 1.10
N GLY A 82 -5.05 14.61 2.32
CA GLY A 82 -6.13 15.39 2.85
C GLY A 82 -7.24 14.45 3.17
N GLN A 83 -8.47 14.71 2.70
CA GLN A 83 -9.63 14.05 3.20
C GLN A 83 -9.89 12.69 2.66
N VAL A 84 -9.91 12.53 1.32
CA VAL A 84 -10.54 11.42 0.67
C VAL A 84 -9.59 10.39 0.18
N VAL A 85 -10.00 9.11 0.23
CA VAL A 85 -9.21 7.98 -0.13
C VAL A 85 -9.86 7.22 -1.23
N HIS A 86 -9.34 7.32 -2.46
CA HIS A 86 -9.70 6.48 -3.57
C HIS A 86 -8.50 5.71 -3.99
N LEU A 87 -8.54 4.36 -3.96
CA LEU A 87 -7.47 3.55 -4.44
C LEU A 87 -7.96 2.25 -4.99
N LEU A 88 -7.08 1.52 -5.70
CA LEU A 88 -7.34 0.21 -6.18
C LEU A 88 -6.32 -0.70 -5.60
N LEU A 89 -6.77 -1.89 -5.16
CA LEU A 89 -5.99 -2.88 -4.49
C LEU A 89 -6.13 -4.16 -5.22
N GLU A 90 -5.15 -5.08 -5.08
CA GLU A 90 -5.26 -6.44 -5.47
C GLU A 90 -5.23 -7.25 -4.22
N LYS A 91 -6.16 -8.21 -4.06
CA LYS A 91 -6.20 -9.00 -2.87
C LYS A 91 -5.04 -9.94 -2.76
N GLY A 92 -4.46 -10.06 -1.54
CA GLY A 92 -3.26 -10.79 -1.32
C GLY A 92 -3.43 -12.27 -1.31
N GLN A 93 -3.67 -12.83 -0.12
CA GLN A 93 -3.99 -14.21 0.11
C GLN A 93 -5.45 -14.39 0.35
N SER A 94 -5.91 -15.64 0.51
CA SER A 94 -7.28 -15.98 0.67
C SER A 94 -7.82 -15.66 2.02
N PRO A 95 -8.87 -14.94 2.22
CA PRO A 95 -9.49 -14.82 3.51
C PRO A 95 -10.30 -16.02 3.87
N THR A 96 -11.38 -16.34 3.12
CA THR A 96 -12.12 -17.56 3.25
C THR A 96 -12.24 -18.28 1.91
N PHE B 1 29.26 16.15 -1.23
CA PHE B 1 28.62 15.25 -0.25
C PHE B 1 27.19 14.98 -0.55
N ALA B 2 26.26 15.85 -0.08
CA ALA B 2 24.85 15.68 -0.26
C ALA B 2 24.34 16.43 -1.44
N ASP B 3 23.00 16.43 -1.64
CA ASP B 3 22.28 17.10 -2.68
C ASP B 3 22.62 16.64 -4.05
N SER B 4 22.88 15.34 -4.26
CA SER B 4 23.46 14.89 -5.49
C SER B 4 22.98 13.53 -5.87
N GLU B 5 23.51 12.47 -5.25
CA GLU B 5 23.45 11.15 -5.78
C GLU B 5 22.46 10.28 -5.10
N ALA B 6 22.70 9.90 -3.83
CA ALA B 6 21.77 9.08 -3.11
C ALA B 6 21.77 9.42 -1.66
N ASP B 7 20.58 9.34 -1.04
CA ASP B 7 20.36 9.50 0.36
C ASP B 7 19.83 8.21 0.88
N GLU B 8 19.50 8.11 2.17
CA GLU B 8 18.92 6.95 2.76
C GLU B 8 17.44 7.10 2.83
N ASN B 9 16.67 6.34 2.01
CA ASN B 9 15.24 6.42 2.03
C ASN B 9 14.57 5.14 1.62
N GLU B 10 15.21 3.98 1.83
CA GLU B 10 14.67 2.70 1.46
C GLU B 10 14.59 1.85 2.68
N GLN B 11 13.61 2.09 3.55
CA GLN B 11 13.27 1.26 4.65
C GLN B 11 11.79 1.06 4.69
N VAL B 12 11.10 1.42 5.78
CA VAL B 12 9.76 1.00 6.08
C VAL B 12 8.93 2.20 6.39
N SER B 13 7.63 2.18 6.01
CA SER B 13 6.70 3.23 6.22
C SER B 13 5.47 2.77 6.92
N ALA B 14 4.69 3.71 7.47
CA ALA B 14 3.33 3.48 7.84
C ALA B 14 2.54 4.73 7.63
N VAL B 15 1.20 4.61 7.51
CA VAL B 15 0.32 5.71 7.35
C VAL B 15 -1.06 5.32 7.88
N PRO A 1 -14.44 -15.17 -9.46
CA PRO A 1 -13.31 -14.32 -9.91
C PRO A 1 -12.06 -15.13 -9.91
N LYS A 2 -10.89 -14.52 -10.13
CA LYS A 2 -9.62 -15.12 -9.90
C LYS A 2 -9.30 -15.09 -8.44
N PRO A 3 -8.36 -15.79 -7.86
CA PRO A 3 -8.32 -15.97 -6.43
C PRO A 3 -7.85 -14.76 -5.71
N GLY A 4 -7.16 -13.82 -6.41
CA GLY A 4 -6.93 -12.50 -5.93
C GLY A 4 -7.80 -11.53 -6.65
N ASP A 5 -9.03 -11.28 -6.17
CA ASP A 5 -9.92 -10.35 -6.79
C ASP A 5 -9.54 -8.92 -6.56
N ILE A 6 -9.80 -8.06 -7.56
CA ILE A 6 -9.53 -6.66 -7.53
C ILE A 6 -10.71 -5.93 -6.98
N PHE A 7 -10.45 -4.94 -6.11
CA PHE A 7 -11.47 -4.18 -5.44
C PHE A 7 -11.00 -2.78 -5.24
N GLU A 8 -11.95 -1.85 -4.98
CA GLU A 8 -11.64 -0.50 -4.63
C GLU A 8 -12.11 -0.24 -3.24
N VAL A 9 -11.34 0.52 -2.45
CA VAL A 9 -11.72 0.95 -1.13
C VAL A 9 -12.12 2.38 -1.10
N GLU A 10 -13.07 2.73 -0.22
CA GLU A 10 -13.39 4.09 0.11
C GLU A 10 -13.04 4.34 1.53
N LEU A 11 -12.19 5.35 1.83
CA LEU A 11 -12.03 5.85 3.15
C LEU A 11 -12.08 7.34 3.16
N ALA A 12 -12.40 7.94 4.32
CA ALA A 12 -12.48 9.34 4.52
C ALA A 12 -12.00 9.59 5.92
N LYS A 13 -11.21 10.65 6.16
CA LYS A 13 -10.62 10.85 7.44
C LYS A 13 -11.58 11.24 8.51
N ASN A 14 -12.03 10.24 9.30
CA ASN A 14 -12.82 10.40 10.49
C ASN A 14 -11.93 10.47 11.67
N ASP A 15 -11.23 9.36 11.99
CA ASP A 15 -10.19 9.27 12.97
C ASP A 15 -8.88 9.59 12.34
N ASN A 16 -8.38 8.69 11.48
CA ASN A 16 -7.07 8.72 10.91
C ASN A 16 -7.24 8.37 9.47
N SER A 17 -6.21 8.59 8.63
CA SER A 17 -6.32 8.57 7.21
C SER A 17 -6.22 7.20 6.62
N LEU A 18 -5.06 6.53 6.62
CA LEU A 18 -4.91 5.23 6.05
C LEU A 18 -4.90 4.19 7.11
N GLY A 19 -3.76 3.92 7.76
CA GLY A 19 -3.67 3.09 8.91
C GLY A 19 -3.17 1.71 8.66
N ILE A 20 -2.16 1.55 7.79
CA ILE A 20 -1.62 0.26 7.49
C ILE A 20 -0.12 0.36 7.51
N SER A 21 0.59 -0.76 7.46
CA SER A 21 2.03 -0.78 7.39
C SER A 21 2.43 -1.53 6.17
N VAL A 22 3.55 -1.11 5.54
CA VAL A 22 3.90 -1.44 4.19
C VAL A 22 5.27 -2.05 4.15
N THR A 23 5.52 -2.93 3.18
CA THR A 23 6.77 -3.61 3.01
C THR A 23 7.14 -3.61 1.56
N GLY A 24 8.45 -3.45 1.29
CA GLY A 24 9.04 -3.41 0.00
C GLY A 24 8.95 -2.09 -0.68
N GLY A 25 8.50 -2.07 -1.95
CA GLY A 25 8.34 -0.88 -2.72
C GLY A 25 9.59 -0.38 -3.36
N VAL A 26 10.59 -1.27 -3.52
CA VAL A 26 11.86 -0.94 -4.10
C VAL A 26 11.75 -1.15 -5.58
N ASN A 27 12.73 -0.67 -6.36
CA ASN A 27 12.67 -0.47 -7.77
C ASN A 27 12.58 -1.75 -8.53
N THR A 28 13.12 -2.85 -7.96
CA THR A 28 12.64 -4.17 -8.25
C THR A 28 12.41 -4.80 -6.91
N SER A 29 11.21 -5.37 -6.68
CA SER A 29 10.87 -5.97 -5.44
C SER A 29 9.80 -6.99 -5.62
N VAL A 30 8.51 -6.61 -5.54
CA VAL A 30 7.39 -7.43 -5.87
C VAL A 30 7.23 -7.48 -7.35
N ARG A 31 7.29 -6.30 -8.00
CA ARG A 31 7.41 -6.12 -9.41
C ARG A 31 8.46 -5.07 -9.60
N HIS A 32 8.43 -4.31 -10.71
CA HIS A 32 9.11 -3.07 -10.89
C HIS A 32 8.39 -2.00 -10.15
N GLY A 33 8.76 -1.80 -8.87
CA GLY A 33 7.95 -1.08 -7.92
C GLY A 33 6.94 -2.00 -7.32
N GLY A 34 5.81 -1.43 -6.85
CA GLY A 34 4.72 -2.19 -6.31
C GLY A 34 4.77 -2.29 -4.83
N ILE A 35 3.61 -2.13 -4.18
CA ILE A 35 3.56 -1.87 -2.77
C ILE A 35 2.68 -2.92 -2.16
N TYR A 36 3.15 -3.52 -1.05
CA TYR A 36 2.56 -4.66 -0.44
C TYR A 36 2.30 -4.34 1.00
N VAL A 37 1.15 -4.81 1.55
CA VAL A 37 0.80 -4.59 2.92
C VAL A 37 1.52 -5.55 3.81
N LYS A 38 2.15 -5.05 4.89
CA LYS A 38 2.86 -5.84 5.85
C LYS A 38 1.94 -6.33 6.91
N ALA A 39 1.26 -5.39 7.59
CA ALA A 39 0.35 -5.67 8.66
C ALA A 39 -0.59 -4.51 8.81
N VAL A 40 -1.79 -4.74 9.38
CA VAL A 40 -2.75 -3.73 9.69
C VAL A 40 -2.61 -3.28 11.10
N ILE A 41 -2.56 -1.96 11.33
CA ILE A 41 -2.34 -1.36 12.60
C ILE A 41 -3.62 -1.28 13.36
N PRO A 42 -3.80 -1.81 14.54
CA PRO A 42 -5.07 -1.85 15.19
C PRO A 42 -5.43 -0.60 15.91
N GLN A 43 -5.15 0.58 15.33
CA GLN A 43 -5.52 1.85 15.87
C GLN A 43 -5.84 2.75 14.73
N GLY A 44 -6.76 2.31 13.84
CA GLY A 44 -7.05 3.08 12.66
C GLY A 44 -8.19 2.55 11.87
N ALA A 45 -8.56 3.32 10.82
CA ALA A 45 -9.66 3.07 9.94
C ALA A 45 -9.58 1.77 9.22
N ALA A 46 -8.37 1.32 8.83
CA ALA A 46 -8.10 0.06 8.23
C ALA A 46 -8.62 -1.11 8.97
N GLU A 47 -8.26 -1.24 10.27
CA GLU A 47 -8.73 -2.25 11.17
C GLU A 47 -10.16 -2.09 11.51
N SER A 48 -10.59 -0.89 11.92
CA SER A 48 -11.92 -0.60 12.37
C SER A 48 -13.00 -0.84 11.37
N ASP A 49 -12.75 -0.48 10.09
CA ASP A 49 -13.65 -0.70 9.00
C ASP A 49 -13.54 -2.09 8.48
N GLY A 50 -12.31 -2.58 8.23
CA GLY A 50 -12.04 -3.96 7.97
C GLY A 50 -12.30 -4.45 6.58
N ARG A 51 -11.58 -3.92 5.57
CA ARG A 51 -11.84 -4.22 4.19
C ARG A 51 -10.58 -4.48 3.45
N ILE A 52 -9.41 -4.39 4.10
CA ILE A 52 -8.12 -4.70 3.56
C ILE A 52 -7.50 -5.63 4.55
N HIS A 53 -6.63 -6.57 4.13
CA HIS A 53 -5.88 -7.35 5.06
C HIS A 53 -4.42 -7.29 4.77
N LYS A 54 -3.61 -7.89 5.66
CA LYS A 54 -2.20 -8.10 5.48
C LYS A 54 -1.84 -8.88 4.27
N GLY A 55 -0.82 -8.43 3.53
CA GLY A 55 -0.41 -9.04 2.30
C GLY A 55 -1.23 -8.79 1.09
N ASP A 56 -2.08 -7.74 1.05
CA ASP A 56 -2.70 -7.27 -0.15
C ASP A 56 -1.79 -6.38 -0.91
N ARG A 57 -2.08 -6.15 -2.21
CA ARG A 57 -1.24 -5.44 -3.12
C ARG A 57 -1.99 -4.33 -3.77
N VAL A 58 -1.53 -3.08 -3.68
CA VAL A 58 -2.22 -1.96 -4.22
C VAL A 58 -1.89 -1.71 -5.66
N LEU A 59 -2.81 -1.07 -6.40
CA LEU A 59 -2.71 -0.84 -7.81
C LEU A 59 -2.77 0.62 -8.12
N ALA A 60 -3.97 1.20 -8.26
CA ALA A 60 -4.16 2.56 -8.69
C ALA A 60 -4.45 3.54 -7.59
N VAL A 61 -3.95 4.77 -7.73
CA VAL A 61 -4.30 5.88 -6.89
C VAL A 61 -5.37 6.66 -7.56
N ASN A 62 -6.64 6.41 -7.21
CA ASN A 62 -7.80 7.10 -7.70
C ASN A 62 -7.93 7.05 -9.18
N GLY A 63 -7.77 5.84 -9.76
CA GLY A 63 -7.88 5.60 -11.16
C GLY A 63 -6.58 5.43 -11.86
N VAL A 64 -5.53 6.16 -11.43
CA VAL A 64 -4.28 6.24 -12.13
C VAL A 64 -3.25 5.35 -11.52
N SER A 65 -2.89 4.26 -12.21
CA SER A 65 -1.86 3.34 -11.84
C SER A 65 -0.50 3.85 -12.17
N LEU A 66 0.35 4.22 -11.20
CA LEU A 66 1.67 4.72 -11.48
C LEU A 66 2.66 3.60 -11.43
N GLU A 67 2.83 2.88 -12.55
CA GLU A 67 3.84 1.87 -12.68
C GLU A 67 5.23 2.41 -12.69
N GLY A 68 6.12 1.77 -11.94
CA GLY A 68 7.51 2.13 -11.83
C GLY A 68 7.82 3.05 -10.71
N ALA A 69 6.84 3.35 -9.82
CA ALA A 69 7.03 4.14 -8.66
C ALA A 69 7.74 3.40 -7.56
N THR A 70 8.77 4.00 -6.97
CA THR A 70 9.37 3.52 -5.76
C THR A 70 8.57 3.96 -4.57
N HIS A 71 8.92 3.43 -3.40
CA HIS A 71 8.30 3.66 -2.13
C HIS A 71 8.25 5.10 -1.74
N LYS A 72 9.31 5.87 -1.96
CA LYS A 72 9.37 7.30 -1.81
C LYS A 72 8.29 8.04 -2.53
N GLN A 73 8.03 7.69 -3.80
CA GLN A 73 7.08 8.33 -4.65
C GLN A 73 5.68 8.02 -4.24
N ALA A 74 5.45 6.76 -3.83
CA ALA A 74 4.18 6.28 -3.37
C ALA A 74 3.78 6.85 -2.05
N VAL A 75 4.72 6.95 -1.10
CA VAL A 75 4.55 7.47 0.23
C VAL A 75 4.16 8.90 0.26
N GLU A 76 4.84 9.79 -0.50
CA GLU A 76 4.48 11.17 -0.64
C GLU A 76 3.08 11.37 -1.07
N THR A 77 2.66 10.61 -2.10
CA THR A 77 1.39 10.65 -2.75
C THR A 77 0.26 10.26 -1.88
N LEU A 78 0.42 9.20 -1.06
CA LEU A 78 -0.60 8.76 -0.15
C LEU A 78 -0.60 9.46 1.17
N ARG A 79 0.55 9.96 1.66
CA ARG A 79 0.59 10.76 2.84
C ARG A 79 -0.12 12.06 2.69
N ASN A 80 0.09 12.79 1.58
CA ASN A 80 -0.61 14.02 1.34
C ASN A 80 -1.95 13.80 0.73
N THR A 81 -2.81 13.06 1.45
CA THR A 81 -4.18 12.78 1.12
C THR A 81 -5.06 13.80 1.76
N GLY A 82 -5.37 13.64 3.05
CA GLY A 82 -6.08 14.61 3.83
C GLY A 82 -7.53 14.30 4.03
N GLN A 83 -8.36 14.56 3.01
CA GLN A 83 -9.78 14.40 3.07
C GLN A 83 -10.23 12.99 2.86
N VAL A 84 -9.89 12.42 1.69
CA VAL A 84 -10.45 11.21 1.18
C VAL A 84 -9.38 10.33 0.62
N VAL A 85 -9.57 9.01 0.69
CA VAL A 85 -8.67 8.02 0.18
C VAL A 85 -9.46 7.08 -0.66
N HIS A 86 -9.24 7.06 -1.98
CA HIS A 86 -9.92 6.14 -2.86
C HIS A 86 -8.95 5.41 -3.72
N LEU A 87 -8.68 4.12 -3.40
CA LEU A 87 -7.63 3.37 -4.00
C LEU A 87 -8.13 2.08 -4.54
N LEU A 88 -7.34 1.44 -5.43
CA LEU A 88 -7.65 0.21 -6.09
C LEU A 88 -6.59 -0.76 -5.73
N LEU A 89 -6.98 -2.01 -5.40
CA LEU A 89 -6.06 -3.01 -4.95
C LEU A 89 -6.50 -4.38 -5.34
N GLU A 90 -5.56 -5.35 -5.33
CA GLU A 90 -5.79 -6.73 -5.63
C GLU A 90 -5.56 -7.55 -4.41
N LYS A 91 -6.45 -8.51 -4.11
CA LYS A 91 -6.27 -9.44 -3.03
C LYS A 91 -5.08 -10.33 -3.21
N GLY A 92 -4.31 -10.51 -2.11
CA GLY A 92 -3.12 -11.29 -2.11
C GLY A 92 -3.30 -12.75 -1.89
N GLN A 93 -2.40 -13.33 -1.08
CA GLN A 93 -2.40 -14.70 -0.66
C GLN A 93 -3.08 -14.85 0.67
N SER A 94 -3.62 -16.06 0.93
CA SER A 94 -4.42 -16.33 2.08
C SER A 94 -3.67 -16.40 3.36
N PRO A 95 -4.11 -15.94 4.49
CA PRO A 95 -3.35 -16.01 5.70
C PRO A 95 -3.39 -17.35 6.36
N THR A 96 -2.25 -17.81 6.89
CA THR A 96 -2.12 -19.01 7.66
C THR A 96 -2.16 -18.72 9.14
N PHE B 1 31.92 -9.00 -1.65
CA PHE B 1 31.09 -9.05 -2.88
C PHE B 1 31.51 -8.04 -3.89
N ALA B 2 31.08 -6.77 -3.80
CA ALA B 2 31.39 -5.82 -4.82
C ALA B 2 32.71 -5.15 -4.69
N ASP B 3 32.98 -4.52 -3.53
CA ASP B 3 34.04 -3.60 -3.26
C ASP B 3 33.81 -2.28 -3.93
N SER B 4 32.67 -1.65 -3.60
CA SER B 4 32.30 -0.37 -4.12
C SER B 4 31.76 0.44 -2.99
N GLU B 5 31.57 1.76 -3.19
CA GLU B 5 31.20 2.67 -2.15
C GLU B 5 29.78 2.57 -1.70
N ALA B 6 28.89 3.42 -2.25
CA ALA B 6 27.55 3.53 -1.74
C ALA B 6 26.64 4.10 -2.77
N ASP B 7 25.45 3.48 -2.96
CA ASP B 7 24.46 3.94 -3.88
C ASP B 7 23.15 4.05 -3.20
N GLU B 8 23.06 4.95 -2.20
CA GLU B 8 21.89 5.32 -1.48
C GLU B 8 21.16 4.22 -0.78
N ASN B 9 19.90 4.46 -0.35
CA ASN B 9 19.25 3.63 0.62
C ASN B 9 17.84 3.36 0.23
N GLU B 10 17.17 2.44 0.92
CA GLU B 10 15.76 2.19 0.85
C GLU B 10 15.29 2.04 2.26
N GLN B 11 13.96 2.16 2.52
CA GLN B 11 13.45 2.15 3.85
C GLN B 11 12.08 1.57 3.96
N VAL B 12 11.44 1.69 5.12
CA VAL B 12 10.16 1.13 5.46
C VAL B 12 9.28 2.24 5.89
N SER B 13 8.10 2.43 5.25
CA SER B 13 7.26 3.57 5.47
C SER B 13 5.84 3.22 5.76
N ALA B 14 5.20 3.80 6.78
CA ALA B 14 3.82 3.56 7.11
C ALA B 14 3.01 4.80 7.10
N VAL B 15 1.68 4.67 6.91
CA VAL B 15 0.70 5.71 6.98
C VAL B 15 -0.63 5.07 7.31
N PRO A 1 -15.52 -16.10 -10.02
CA PRO A 1 -14.47 -15.06 -9.83
C PRO A 1 -13.24 -15.73 -9.31
N LYS A 2 -12.06 -15.13 -9.49
CA LYS A 2 -10.81 -15.65 -8.99
C LYS A 2 -10.64 -15.32 -7.55
N PRO A 3 -9.79 -15.93 -6.77
CA PRO A 3 -9.77 -15.71 -5.35
C PRO A 3 -9.24 -14.37 -4.96
N GLY A 4 -8.16 -13.88 -5.62
CA GLY A 4 -7.58 -12.60 -5.37
C GLY A 4 -7.89 -11.62 -6.45
N ASP A 5 -9.15 -11.15 -6.52
CA ASP A 5 -9.59 -10.24 -7.52
C ASP A 5 -9.25 -8.81 -7.23
N ILE A 6 -9.61 -7.90 -8.15
CA ILE A 6 -9.40 -6.49 -8.01
C ILE A 6 -10.54 -5.92 -7.24
N PHE A 7 -10.25 -5.06 -6.25
CA PHE A 7 -11.26 -4.36 -5.50
C PHE A 7 -10.83 -2.94 -5.34
N GLU A 8 -11.80 -2.01 -5.32
CA GLU A 8 -11.52 -0.63 -5.10
C GLU A 8 -11.98 -0.24 -3.73
N VAL A 9 -11.13 0.52 -3.00
CA VAL A 9 -11.48 1.07 -1.72
C VAL A 9 -11.80 2.52 -1.93
N GLU A 10 -13.07 2.88 -1.68
CA GLU A 10 -13.57 4.22 -1.78
C GLU A 10 -14.09 4.63 -0.44
N LEU A 11 -13.26 5.32 0.36
CA LEU A 11 -13.63 5.72 1.68
C LEU A 11 -13.23 7.15 1.89
N ALA A 12 -13.04 7.56 3.15
CA ALA A 12 -12.58 8.87 3.51
C ALA A 12 -11.91 8.74 4.85
N LYS A 13 -11.18 9.77 5.31
CA LYS A 13 -10.65 9.76 6.65
C LYS A 13 -11.68 9.95 7.71
N ASN A 14 -11.68 9.07 8.72
CA ASN A 14 -12.56 9.12 9.84
C ASN A 14 -11.80 9.23 11.11
N ASP A 15 -11.07 8.18 11.55
CA ASP A 15 -10.25 8.19 12.71
C ASP A 15 -8.98 8.93 12.41
N ASN A 16 -8.20 8.40 11.46
CA ASN A 16 -7.52 9.22 10.51
C ASN A 16 -7.66 8.51 9.20
N SER A 17 -6.59 8.31 8.42
CA SER A 17 -6.65 7.64 7.16
C SER A 17 -6.44 6.17 7.30
N LEU A 18 -5.21 5.67 7.46
CA LEU A 18 -4.95 4.28 7.57
C LEU A 18 -4.66 3.83 8.97
N GLY A 19 -3.38 3.66 9.32
CA GLY A 19 -2.96 2.82 10.40
C GLY A 19 -2.58 1.48 9.86
N ILE A 20 -1.69 1.45 8.85
CA ILE A 20 -1.27 0.24 8.22
C ILE A 20 0.19 0.35 7.93
N SER A 21 0.93 -0.78 7.99
CA SER A 21 2.35 -0.78 7.84
C SER A 21 2.72 -1.67 6.71
N VAL A 22 3.82 -1.33 6.01
CA VAL A 22 4.13 -1.87 4.72
C VAL A 22 5.49 -2.50 4.75
N THR A 23 5.73 -3.43 3.81
CA THR A 23 7.01 -4.05 3.63
C THR A 23 7.25 -4.12 2.15
N GLY A 24 8.26 -3.36 1.67
CA GLY A 24 8.71 -3.43 0.32
C GLY A 24 7.92 -2.64 -0.65
N GLY A 25 8.41 -2.62 -1.91
CA GLY A 25 7.85 -1.86 -2.98
C GLY A 25 8.73 -0.69 -3.25
N VAL A 26 9.94 -0.96 -3.76
CA VAL A 26 10.97 -0.01 -4.02
C VAL A 26 10.96 0.41 -5.44
N ASN A 27 12.10 0.40 -6.16
CA ASN A 27 12.18 0.80 -7.52
C ASN A 27 11.52 -0.17 -8.45
N THR A 28 11.67 -1.48 -8.19
CA THR A 28 10.85 -2.51 -8.76
C THR A 28 10.88 -3.60 -7.75
N SER A 29 9.77 -4.34 -7.54
CA SER A 29 9.70 -5.32 -6.49
C SER A 29 8.68 -6.37 -6.74
N VAL A 30 7.38 -6.03 -6.70
CA VAL A 30 6.31 -6.98 -6.60
C VAL A 30 5.86 -7.48 -7.92
N ARG A 31 5.41 -6.57 -8.81
CA ARG A 31 4.81 -6.90 -10.06
C ARG A 31 5.54 -6.19 -11.16
N HIS A 32 5.19 -4.91 -11.42
CA HIS A 32 5.96 -3.99 -12.20
C HIS A 32 6.07 -2.75 -11.39
N GLY A 33 6.54 -2.90 -10.14
CA GLY A 33 6.38 -1.95 -9.09
C GLY A 33 5.54 -2.60 -8.04
N GLY A 34 4.61 -1.85 -7.42
CA GLY A 34 3.70 -2.36 -6.45
C GLY A 34 4.22 -2.34 -5.06
N ILE A 35 3.32 -2.20 -4.07
CA ILE A 35 3.63 -2.05 -2.69
C ILE A 35 2.87 -3.11 -1.97
N TYR A 36 3.39 -3.64 -0.84
CA TYR A 36 2.88 -4.80 -0.18
C TYR A 36 2.58 -4.54 1.26
N VAL A 37 1.42 -5.01 1.75
CA VAL A 37 1.00 -4.82 3.11
C VAL A 37 1.68 -5.76 4.04
N LYS A 38 2.25 -5.25 5.16
CA LYS A 38 2.88 -6.03 6.17
C LYS A 38 1.89 -6.44 7.21
N ALA A 39 1.25 -5.47 7.87
CA ALA A 39 0.22 -5.73 8.83
C ALA A 39 -0.57 -4.50 9.10
N VAL A 40 -1.75 -4.67 9.71
CA VAL A 40 -2.64 -3.61 10.09
C VAL A 40 -2.37 -3.24 11.51
N ILE A 41 -2.22 -1.93 11.80
CA ILE A 41 -1.94 -1.44 13.12
C ILE A 41 -3.21 -1.33 13.90
N PRO A 42 -3.44 -1.96 15.01
CA PRO A 42 -4.67 -1.84 15.73
C PRO A 42 -4.74 -0.60 16.56
N GLN A 43 -4.81 0.58 15.91
CA GLN A 43 -4.89 1.86 16.57
C GLN A 43 -5.72 2.82 15.80
N GLY A 44 -6.43 2.39 14.74
CA GLY A 44 -7.08 3.35 13.91
C GLY A 44 -7.98 2.78 12.87
N ALA A 45 -8.24 3.59 11.83
CA ALA A 45 -9.22 3.42 10.81
C ALA A 45 -9.14 2.14 10.03
N ALA A 46 -7.93 1.71 9.62
CA ALA A 46 -7.74 0.51 8.87
C ALA A 46 -8.19 -0.73 9.55
N GLU A 47 -7.94 -0.84 10.87
CA GLU A 47 -8.41 -1.91 11.70
C GLU A 47 -9.86 -1.79 11.98
N SER A 48 -10.29 -0.59 12.42
CA SER A 48 -11.62 -0.22 12.78
C SER A 48 -12.64 -0.47 11.72
N ASP A 49 -12.45 0.08 10.51
CA ASP A 49 -13.38 -0.04 9.43
C ASP A 49 -13.27 -1.36 8.75
N GLY A 50 -12.03 -1.82 8.48
CA GLY A 50 -11.74 -3.12 7.99
C GLY A 50 -11.93 -3.25 6.51
N ARG A 51 -10.86 -3.02 5.72
CA ARG A 51 -10.94 -2.95 4.29
C ARG A 51 -9.82 -3.71 3.67
N ILE A 52 -8.58 -3.53 4.18
CA ILE A 52 -7.38 -4.00 3.57
C ILE A 52 -6.70 -4.78 4.64
N HIS A 53 -6.22 -6.00 4.34
CA HIS A 53 -5.63 -6.85 5.34
C HIS A 53 -4.24 -7.24 4.99
N LYS A 54 -3.61 -8.08 5.85
CA LYS A 54 -2.27 -8.55 5.70
C LYS A 54 -1.99 -9.26 4.42
N GLY A 55 -0.96 -8.78 3.70
CA GLY A 55 -0.54 -9.29 2.43
C GLY A 55 -1.36 -8.93 1.23
N ASP A 56 -2.22 -7.90 1.32
CA ASP A 56 -2.85 -7.31 0.18
C ASP A 56 -1.90 -6.50 -0.65
N ARG A 57 -2.29 -6.24 -1.91
CA ARG A 57 -1.46 -5.59 -2.89
C ARG A 57 -2.15 -4.38 -3.39
N VAL A 58 -1.59 -3.17 -3.14
CA VAL A 58 -2.10 -1.97 -3.71
C VAL A 58 -1.48 -1.74 -5.04
N LEU A 59 -2.22 -1.11 -5.98
CA LEU A 59 -1.73 -0.79 -7.28
C LEU A 59 -1.96 0.65 -7.62
N ALA A 60 -3.17 1.02 -8.06
CA ALA A 60 -3.40 2.31 -8.64
C ALA A 60 -3.94 3.32 -7.69
N VAL A 61 -3.42 4.56 -7.78
CA VAL A 61 -3.73 5.68 -6.95
C VAL A 61 -4.77 6.52 -7.62
N ASN A 62 -6.06 6.23 -7.35
CA ASN A 62 -7.20 6.88 -7.91
C ASN A 62 -7.21 6.84 -9.39
N GLY A 63 -7.02 5.63 -9.97
CA GLY A 63 -6.98 5.44 -11.40
C GLY A 63 -5.60 5.32 -11.94
N VAL A 64 -4.64 6.08 -11.40
CA VAL A 64 -3.32 6.21 -11.95
C VAL A 64 -2.40 5.12 -11.52
N SER A 65 -1.81 4.40 -12.48
CA SER A 65 -0.82 3.39 -12.22
C SER A 65 0.51 4.00 -11.94
N LEU A 66 1.17 3.60 -10.84
CA LEU A 66 2.29 4.33 -10.30
C LEU A 66 3.60 3.80 -10.77
N GLU A 67 3.74 3.68 -12.11
CA GLU A 67 4.86 3.09 -12.77
C GLU A 67 6.13 3.86 -12.64
N GLY A 68 7.20 3.21 -12.13
CA GLY A 68 8.50 3.79 -11.99
C GLY A 68 8.74 4.44 -10.67
N ALA A 69 7.72 4.52 -9.80
CA ALA A 69 7.83 5.16 -8.53
C ALA A 69 8.56 4.32 -7.53
N THR A 70 9.36 4.98 -6.67
CA THR A 70 10.06 4.38 -5.56
C THR A 70 9.19 4.31 -4.36
N HIS A 71 9.70 3.69 -3.28
CA HIS A 71 9.01 3.48 -2.05
C HIS A 71 8.58 4.76 -1.40
N LYS A 72 9.49 5.75 -1.40
CA LYS A 72 9.31 7.10 -0.97
C LYS A 72 8.27 7.87 -1.69
N GLN A 73 8.16 7.73 -3.03
CA GLN A 73 7.22 8.45 -3.83
C GLN A 73 5.82 7.96 -3.64
N ALA A 74 5.65 6.65 -3.47
CA ALA A 74 4.41 6.04 -3.10
C ALA A 74 3.98 6.38 -1.71
N VAL A 75 4.93 6.54 -0.77
CA VAL A 75 4.71 7.04 0.54
C VAL A 75 4.23 8.46 0.55
N GLU A 76 4.92 9.39 -0.14
CA GLU A 76 4.56 10.77 -0.17
C GLU A 76 3.21 11.05 -0.72
N THR A 77 2.80 10.34 -1.79
CA THR A 77 1.50 10.45 -2.36
C THR A 77 0.43 9.86 -1.50
N LEU A 78 0.75 9.00 -0.52
CA LEU A 78 -0.15 8.51 0.47
C LEU A 78 -0.25 9.42 1.66
N ARG A 79 0.72 10.32 1.87
CA ARG A 79 0.63 11.37 2.85
C ARG A 79 -0.21 12.49 2.33
N ASN A 80 -0.01 12.89 1.06
CA ASN A 80 -0.78 13.88 0.38
C ASN A 80 -2.04 13.34 -0.20
N THR A 81 -2.96 12.89 0.66
CA THR A 81 -4.26 12.38 0.32
C THR A 81 -5.30 13.41 0.53
N GLY A 82 -5.66 13.69 1.80
CA GLY A 82 -6.56 14.71 2.21
C GLY A 82 -7.77 14.13 2.84
N GLN A 83 -8.98 14.56 2.43
CA GLN A 83 -10.22 14.16 3.00
C GLN A 83 -10.65 12.79 2.56
N VAL A 84 -10.53 12.49 1.26
CA VAL A 84 -11.12 11.35 0.64
C VAL A 84 -10.09 10.34 0.27
N VAL A 85 -10.50 9.10 -0.02
CA VAL A 85 -9.64 7.99 -0.36
C VAL A 85 -10.20 7.29 -1.55
N HIS A 86 -9.39 7.08 -2.59
CA HIS A 86 -9.75 6.26 -3.71
C HIS A 86 -8.55 5.51 -4.18
N LEU A 87 -8.54 4.16 -4.08
CA LEU A 87 -7.47 3.39 -4.63
C LEU A 87 -7.94 2.05 -5.09
N LEU A 88 -7.12 1.39 -5.93
CA LEU A 88 -7.44 0.13 -6.54
C LEU A 88 -6.42 -0.87 -6.15
N LEU A 89 -6.87 -1.99 -5.56
CA LEU A 89 -6.03 -3.01 -5.00
C LEU A 89 -6.27 -4.29 -5.74
N GLU A 90 -5.37 -5.27 -5.56
CA GLU A 90 -5.64 -6.64 -5.89
C GLU A 90 -5.58 -7.39 -4.61
N LYS A 91 -6.58 -8.24 -4.33
CA LYS A 91 -6.69 -8.93 -3.09
C LYS A 91 -5.68 -10.02 -2.98
N GLY A 92 -4.85 -10.00 -1.92
CA GLY A 92 -3.67 -10.79 -1.82
C GLY A 92 -3.87 -12.17 -1.32
N GLN A 93 -4.08 -12.28 0.01
CA GLN A 93 -4.24 -13.53 0.69
C GLN A 93 -5.68 -13.79 0.95
N SER A 94 -6.13 -15.05 0.80
CA SER A 94 -7.50 -15.42 0.94
C SER A 94 -7.94 -15.40 2.37
N PRO A 95 -9.13 -14.99 2.70
CA PRO A 95 -9.73 -15.28 3.98
C PRO A 95 -9.94 -16.75 4.18
N THR A 96 -10.82 -17.39 3.39
CA THR A 96 -10.77 -18.80 3.16
C THR A 96 -10.81 -19.07 1.67
N PHE B 1 29.08 16.28 -3.93
CA PHE B 1 28.30 15.78 -2.77
C PHE B 1 26.85 15.73 -3.08
N ALA B 2 26.04 16.65 -2.55
CA ALA B 2 24.62 16.67 -2.71
C ALA B 2 24.17 17.11 -4.07
N ASP B 3 22.90 16.81 -4.39
CA ASP B 3 22.21 17.16 -5.59
C ASP B 3 22.78 16.56 -6.81
N SER B 4 23.24 15.30 -6.75
CA SER B 4 23.85 14.61 -7.84
C SER B 4 23.05 13.39 -8.19
N GLU B 5 23.07 12.36 -7.34
CA GLU B 5 22.44 11.10 -7.61
C GLU B 5 21.06 11.00 -7.08
N ALA B 6 20.86 10.59 -5.81
CA ALA B 6 19.56 10.42 -5.25
C ALA B 6 19.56 10.67 -3.78
N ASP B 7 18.37 10.81 -3.18
CA ASP B 7 18.18 10.87 -1.77
C ASP B 7 17.97 9.52 -1.19
N GLU B 8 17.67 9.44 0.12
CA GLU B 8 17.33 8.26 0.83
C GLU B 8 15.94 7.83 0.52
N ASN B 9 15.76 6.91 -0.44
CA ASN B 9 14.48 6.60 -1.00
C ASN B 9 13.98 5.25 -0.61
N GLU B 10 14.85 4.37 -0.07
CA GLU B 10 14.60 2.97 0.04
C GLU B 10 14.66 2.52 1.46
N GLN B 11 13.53 2.35 2.16
CA GLN B 11 13.52 1.81 3.49
C GLN B 11 12.23 1.16 3.84
N VAL B 12 11.53 1.57 4.91
CA VAL B 12 10.34 1.00 5.45
C VAL B 12 9.32 2.09 5.49
N SER B 13 8.01 1.81 5.57
CA SER B 13 6.99 2.81 5.51
C SER B 13 5.75 2.49 6.27
N ALA B 14 5.02 3.53 6.69
CA ALA B 14 3.71 3.43 7.25
C ALA B 14 2.91 4.67 7.04
N VAL B 15 1.58 4.58 7.24
CA VAL B 15 0.65 5.66 7.16
C VAL B 15 -0.58 5.32 8.00
N PRO A 1 -14.42 -17.05 -10.77
CA PRO A 1 -13.63 -15.83 -10.47
C PRO A 1 -12.46 -16.24 -9.64
N LYS A 2 -11.39 -15.42 -9.58
CA LYS A 2 -10.29 -15.66 -8.71
C LYS A 2 -10.54 -15.09 -7.36
N PRO A 3 -10.09 -15.64 -6.27
CA PRO A 3 -10.38 -15.10 -4.97
C PRO A 3 -9.61 -13.85 -4.72
N GLY A 4 -8.38 -13.75 -5.27
CA GLY A 4 -7.56 -12.59 -5.22
C GLY A 4 -7.73 -11.74 -6.43
N ASP A 5 -8.96 -11.23 -6.65
CA ASP A 5 -9.25 -10.37 -7.75
C ASP A 5 -8.92 -8.94 -7.51
N ILE A 6 -9.16 -8.09 -8.52
CA ILE A 6 -8.95 -6.67 -8.48
C ILE A 6 -10.16 -6.02 -7.91
N PHE A 7 -9.97 -5.08 -6.96
CA PHE A 7 -11.05 -4.42 -6.30
C PHE A 7 -10.81 -2.96 -6.13
N GLU A 8 -11.90 -2.18 -5.96
CA GLU A 8 -11.88 -0.76 -5.94
C GLU A 8 -12.55 -0.20 -4.72
N VAL A 9 -11.76 0.46 -3.86
CA VAL A 9 -12.22 1.04 -2.63
C VAL A 9 -12.37 2.51 -2.77
N GLU A 10 -13.41 3.09 -2.16
CA GLU A 10 -13.49 4.48 -1.87
C GLU A 10 -13.56 4.63 -0.39
N LEU A 11 -12.61 5.36 0.22
CA LEU A 11 -12.59 5.55 1.64
C LEU A 11 -12.35 7.00 1.93
N ALA A 12 -12.63 7.47 3.16
CA ALA A 12 -12.39 8.81 3.52
C ALA A 12 -12.12 8.85 4.99
N LYS A 13 -11.26 9.78 5.44
CA LYS A 13 -10.74 9.74 6.78
C LYS A 13 -11.77 9.93 7.84
N ASN A 14 -11.87 8.91 8.73
CA ASN A 14 -12.80 8.86 9.82
C ASN A 14 -12.10 9.29 11.06
N ASP A 15 -11.46 8.36 11.79
CA ASP A 15 -10.60 8.66 12.90
C ASP A 15 -9.31 9.20 12.39
N ASN A 16 -8.73 8.53 11.37
CA ASN A 16 -7.62 9.02 10.62
C ASN A 16 -7.63 8.32 9.31
N SER A 17 -6.50 8.26 8.60
CA SER A 17 -6.37 7.63 7.32
C SER A 17 -6.17 6.16 7.42
N LEU A 18 -4.93 5.67 7.66
CA LEU A 18 -4.65 4.27 7.69
C LEU A 18 -4.51 3.69 9.06
N GLY A 19 -3.27 3.55 9.56
CA GLY A 19 -2.94 2.71 10.66
C GLY A 19 -2.43 1.39 10.20
N ILE A 20 -1.44 1.40 9.29
CA ILE A 20 -0.95 0.22 8.64
C ILE A 20 0.53 0.28 8.50
N SER A 21 1.19 -0.87 8.28
CA SER A 21 2.60 -0.94 8.05
C SER A 21 2.82 -1.60 6.73
N VAL A 22 3.83 -1.14 5.98
CA VAL A 22 4.09 -1.52 4.62
C VAL A 22 5.49 -2.04 4.56
N THR A 23 5.79 -2.93 3.60
CA THR A 23 7.08 -3.54 3.51
C THR A 23 7.55 -3.57 2.10
N GLY A 24 8.69 -2.92 1.84
CA GLY A 24 9.33 -2.84 0.57
C GLY A 24 8.62 -1.97 -0.41
N GLY A 25 8.71 -2.33 -1.70
CA GLY A 25 8.07 -1.63 -2.77
C GLY A 25 8.91 -0.55 -3.32
N VAL A 26 10.22 -0.82 -3.41
CA VAL A 26 11.26 0.11 -3.71
C VAL A 26 11.40 0.38 -5.17
N ASN A 27 12.52 -0.04 -5.80
CA ASN A 27 12.75 0.08 -7.21
C ASN A 27 11.90 -0.86 -7.99
N THR A 28 11.91 -2.15 -7.63
CA THR A 28 10.99 -3.12 -8.13
C THR A 28 10.86 -4.15 -7.06
N SER A 29 9.73 -4.88 -6.99
CA SER A 29 9.48 -5.81 -5.93
C SER A 29 8.53 -6.87 -6.34
N VAL A 30 7.24 -6.54 -6.53
CA VAL A 30 6.18 -7.49 -6.58
C VAL A 30 5.89 -7.96 -7.96
N ARG A 31 5.49 -7.02 -8.85
CA ARG A 31 4.81 -7.29 -10.08
C ARG A 31 5.52 -6.70 -11.24
N HIS A 32 5.48 -5.37 -11.36
CA HIS A 32 6.27 -4.56 -12.25
C HIS A 32 6.62 -3.35 -11.48
N GLY A 33 6.94 -3.56 -10.18
CA GLY A 33 6.87 -2.58 -9.15
C GLY A 33 5.89 -3.07 -8.15
N GLY A 34 5.12 -2.16 -7.53
CA GLY A 34 4.09 -2.48 -6.57
C GLY A 34 4.57 -2.41 -5.16
N ILE A 35 3.62 -2.26 -4.23
CA ILE A 35 3.85 -2.03 -2.83
C ILE A 35 3.07 -3.08 -2.11
N TYR A 36 3.58 -3.58 -0.97
CA TYR A 36 3.01 -4.71 -0.28
C TYR A 36 2.72 -4.39 1.15
N VAL A 37 1.57 -4.85 1.65
CA VAL A 37 1.10 -4.61 2.99
C VAL A 37 1.64 -5.60 3.95
N LYS A 38 2.26 -5.14 5.06
CA LYS A 38 2.86 -5.94 6.07
C LYS A 38 1.84 -6.40 7.05
N ALA A 39 1.20 -5.48 7.80
CA ALA A 39 0.15 -5.78 8.72
C ALA A 39 -0.46 -4.51 9.20
N VAL A 40 -1.58 -4.61 9.95
CA VAL A 40 -2.29 -3.48 10.48
C VAL A 40 -1.74 -3.07 11.80
N ILE A 41 -1.63 -1.76 12.08
CA ILE A 41 -1.33 -1.25 13.38
C ILE A 41 -2.61 -1.11 14.13
N PRO A 42 -2.96 -1.85 15.13
CA PRO A 42 -4.31 -1.93 15.61
C PRO A 42 -4.70 -0.83 16.54
N GLN A 43 -4.59 0.43 16.09
CA GLN A 43 -4.81 1.60 16.88
C GLN A 43 -5.51 2.65 16.08
N GLY A 44 -6.22 2.25 15.01
CA GLY A 44 -6.79 3.22 14.14
C GLY A 44 -7.74 2.68 13.12
N ALA A 45 -7.96 3.48 12.06
CA ALA A 45 -9.00 3.36 11.09
C ALA A 45 -9.02 2.07 10.34
N ALA A 46 -7.85 1.59 9.85
CA ALA A 46 -7.73 0.38 9.11
C ALA A 46 -8.18 -0.85 9.81
N GLU A 47 -7.93 -0.94 11.13
CA GLU A 47 -8.36 -2.03 11.96
C GLU A 47 -9.81 -1.91 12.31
N SER A 48 -10.26 -0.69 12.64
CA SER A 48 -11.61 -0.43 13.07
C SER A 48 -12.65 -0.58 12.01
N ASP A 49 -12.40 -0.02 10.81
CA ASP A 49 -13.30 -0.08 9.69
C ASP A 49 -13.16 -1.35 8.95
N GLY A 50 -11.98 -1.63 8.38
CA GLY A 50 -11.69 -2.87 7.70
C GLY A 50 -12.01 -2.87 6.25
N ARG A 51 -10.99 -2.67 5.39
CA ARG A 51 -11.13 -2.70 3.97
C ARG A 51 -9.99 -3.42 3.33
N ILE A 52 -8.76 -3.28 3.88
CA ILE A 52 -7.55 -3.75 3.28
C ILE A 52 -6.86 -4.57 4.31
N HIS A 53 -6.34 -5.76 3.96
CA HIS A 53 -5.72 -6.66 4.89
C HIS A 53 -4.29 -6.96 4.58
N LYS A 54 -3.67 -7.85 5.36
CA LYS A 54 -2.35 -8.36 5.18
C LYS A 54 -2.11 -8.98 3.85
N GLY A 55 -1.04 -8.54 3.16
CA GLY A 55 -0.67 -9.02 1.86
C GLY A 55 -1.50 -8.54 0.71
N ASP A 56 -2.37 -7.53 0.90
CA ASP A 56 -3.03 -6.86 -0.18
C ASP A 56 -2.09 -6.00 -0.95
N ARG A 57 -2.45 -5.73 -2.22
CA ARG A 57 -1.56 -5.15 -3.18
C ARG A 57 -2.15 -3.90 -3.73
N VAL A 58 -1.69 -2.73 -3.26
CA VAL A 58 -2.13 -1.45 -3.73
C VAL A 58 -1.46 -1.09 -5.01
N LEU A 59 -2.24 -0.64 -6.02
CA LEU A 59 -1.74 -0.45 -7.35
C LEU A 59 -1.93 0.96 -7.79
N ALA A 60 -3.16 1.39 -8.11
CA ALA A 60 -3.45 2.69 -8.61
C ALA A 60 -3.96 3.64 -7.57
N VAL A 61 -3.70 4.94 -7.78
CA VAL A 61 -4.18 6.04 -7.00
C VAL A 61 -5.08 6.84 -7.88
N ASN A 62 -6.41 6.67 -7.71
CA ASN A 62 -7.44 7.31 -8.46
C ASN A 62 -7.34 7.10 -9.93
N GLY A 63 -7.15 5.84 -10.34
CA GLY A 63 -7.05 5.44 -11.71
C GLY A 63 -5.68 5.52 -12.29
N VAL A 64 -4.74 6.21 -11.61
CA VAL A 64 -3.41 6.40 -12.09
C VAL A 64 -2.49 5.45 -11.40
N SER A 65 -1.85 4.55 -12.17
CA SER A 65 -0.95 3.55 -11.66
C SER A 65 0.41 4.06 -11.36
N LEU A 66 1.05 3.54 -10.30
CA LEU A 66 2.32 3.98 -9.82
C LEU A 66 3.46 3.20 -10.39
N GLU A 67 3.42 2.96 -11.71
CA GLU A 67 4.45 2.31 -12.47
C GLU A 67 5.69 3.14 -12.57
N GLY A 68 6.81 2.68 -11.96
CA GLY A 68 8.05 3.40 -11.97
C GLY A 68 8.19 4.35 -10.83
N ALA A 69 7.25 4.33 -9.87
CA ALA A 69 7.38 5.01 -8.61
C ALA A 69 8.27 4.25 -7.69
N THR A 70 9.09 4.94 -6.88
CA THR A 70 9.75 4.32 -5.77
C THR A 70 8.90 4.43 -4.54
N HIS A 71 9.35 3.83 -3.43
CA HIS A 71 8.61 3.75 -2.20
C HIS A 71 8.25 5.06 -1.60
N LYS A 72 9.13 6.08 -1.64
CA LYS A 72 8.86 7.42 -1.23
C LYS A 72 7.65 8.01 -1.86
N GLN A 73 7.43 7.79 -3.16
CA GLN A 73 6.35 8.34 -3.92
C GLN A 73 5.04 7.73 -3.55
N ALA A 74 5.02 6.41 -3.25
CA ALA A 74 3.87 5.72 -2.75
C ALA A 74 3.43 6.16 -1.40
N VAL A 75 4.39 6.51 -0.52
CA VAL A 75 4.14 6.97 0.81
C VAL A 75 3.76 8.41 0.84
N GLU A 76 4.43 9.27 0.04
CA GLU A 76 4.16 10.67 -0.08
C GLU A 76 2.79 10.95 -0.59
N THR A 77 2.30 10.12 -1.54
CA THR A 77 0.95 10.15 -2.01
C THR A 77 -0.07 9.68 -1.03
N LEU A 78 0.27 8.85 -0.03
CA LEU A 78 -0.61 8.48 1.03
C LEU A 78 -0.73 9.54 2.08
N ARG A 79 0.39 10.18 2.44
CA ARG A 79 0.43 11.30 3.32
C ARG A 79 -0.29 12.47 2.74
N ASN A 80 -0.09 12.76 1.45
CA ASN A 80 -0.84 13.73 0.72
C ASN A 80 -2.00 13.14 0.01
N THR A 81 -2.92 12.50 0.76
CA THR A 81 -4.22 12.11 0.31
C THR A 81 -5.16 13.24 0.56
N GLY A 82 -5.50 13.47 1.85
CA GLY A 82 -6.37 14.51 2.30
C GLY A 82 -7.60 13.88 2.89
N GLN A 83 -8.78 14.31 2.44
CA GLN A 83 -10.03 13.85 2.96
C GLN A 83 -10.40 12.49 2.49
N VAL A 84 -10.28 12.24 1.17
CA VAL A 84 -10.78 11.09 0.51
C VAL A 84 -9.69 10.30 -0.16
N VAL A 85 -9.86 8.98 -0.24
CA VAL A 85 -8.96 8.02 -0.78
C VAL A 85 -9.69 7.19 -1.79
N HIS A 86 -9.29 7.25 -3.07
CA HIS A 86 -9.82 6.41 -4.10
C HIS A 86 -8.70 5.60 -4.64
N LEU A 87 -8.72 4.27 -4.48
CA LEU A 87 -7.63 3.44 -4.90
C LEU A 87 -8.07 2.13 -5.45
N LEU A 88 -7.22 1.49 -6.26
CA LEU A 88 -7.47 0.21 -6.85
C LEU A 88 -6.39 -0.74 -6.45
N LEU A 89 -6.79 -1.95 -6.04
CA LEU A 89 -5.95 -2.92 -5.43
C LEU A 89 -6.08 -4.23 -6.14
N GLU A 90 -5.22 -5.21 -5.82
CA GLU A 90 -5.44 -6.60 -6.04
C GLU A 90 -5.46 -7.25 -4.69
N LYS A 91 -6.44 -8.14 -4.44
CA LYS A 91 -6.60 -8.81 -3.20
C LYS A 91 -5.62 -9.90 -2.95
N GLY A 92 -5.01 -9.90 -1.75
CA GLY A 92 -4.00 -10.82 -1.31
C GLY A 92 -4.47 -12.11 -0.75
N GLN A 93 -4.28 -12.29 0.57
CA GLN A 93 -4.42 -13.55 1.22
C GLN A 93 -5.83 -13.97 1.48
N SER A 94 -6.07 -15.28 1.57
CA SER A 94 -7.35 -15.85 1.86
C SER A 94 -7.46 -16.10 3.32
N PRO A 95 -8.53 -15.83 4.00
CA PRO A 95 -8.65 -16.23 5.37
C PRO A 95 -8.80 -17.69 5.59
N THR A 96 -9.70 -18.34 4.81
CA THR A 96 -10.11 -19.70 4.97
C THR A 96 -9.92 -20.44 3.66
N PHE B 1 29.17 17.40 -2.66
CA PHE B 1 28.30 16.48 -1.88
C PHE B 1 26.91 16.39 -2.42
N ALA B 2 25.94 17.15 -1.90
CA ALA B 2 24.55 16.94 -2.15
C ALA B 2 24.02 17.59 -3.39
N ASP B 3 22.73 17.38 -3.67
CA ASP B 3 21.99 17.87 -4.79
C ASP B 3 22.42 17.33 -6.11
N SER B 4 23.11 16.17 -6.12
CA SER B 4 23.63 15.53 -7.29
C SER B 4 22.82 14.32 -7.63
N GLU B 5 23.08 13.17 -6.99
CA GLU B 5 22.48 11.92 -7.32
C GLU B 5 21.13 11.74 -6.70
N ALA B 6 21.09 11.37 -5.40
CA ALA B 6 19.88 11.24 -4.66
C ALA B 6 20.26 11.17 -3.22
N ASP B 7 19.30 11.37 -2.30
CA ASP B 7 19.51 11.23 -0.89
C ASP B 7 19.33 9.81 -0.47
N GLU B 8 18.15 9.43 0.04
CA GLU B 8 17.87 8.15 0.60
C GLU B 8 16.91 7.39 -0.25
N ASN B 9 17.09 6.06 -0.39
CA ASN B 9 16.33 5.25 -1.29
C ASN B 9 15.39 4.31 -0.63
N GLU B 10 15.80 3.43 0.30
CA GLU B 10 14.98 2.38 0.79
C GLU B 10 14.78 2.46 2.27
N GLN B 11 13.54 2.23 2.75
CA GLN B 11 13.26 2.19 4.15
C GLN B 11 12.06 1.36 4.45
N VAL B 12 11.12 1.87 5.28
CA VAL B 12 9.88 1.26 5.65
C VAL B 12 8.91 2.39 5.74
N SER B 13 7.60 2.16 5.89
CA SER B 13 6.63 3.22 6.08
C SER B 13 5.51 2.89 7.00
N ALA B 14 5.11 3.90 7.79
CA ALA B 14 3.96 3.89 8.64
C ALA B 14 3.10 5.08 8.41
N VAL B 15 1.78 4.85 8.28
CA VAL B 15 0.75 5.82 8.11
C VAL B 15 -0.51 5.20 8.70
N PRO A 1 -14.99 -14.64 -12.96
CA PRO A 1 -14.43 -13.83 -11.84
C PRO A 1 -13.64 -14.72 -10.96
N LYS A 2 -12.34 -14.46 -10.77
CA LYS A 2 -11.48 -15.27 -9.95
C LYS A 2 -11.44 -14.74 -8.55
N PRO A 3 -11.12 -15.47 -7.52
CA PRO A 3 -11.26 -14.97 -6.18
C PRO A 3 -10.18 -14.02 -5.78
N GLY A 4 -9.00 -14.02 -6.42
CA GLY A 4 -7.96 -13.08 -6.18
C GLY A 4 -8.07 -11.91 -7.09
N ASP A 5 -9.15 -11.14 -6.96
CA ASP A 5 -9.48 -10.05 -7.82
C ASP A 5 -8.82 -8.75 -7.52
N ILE A 6 -8.98 -7.78 -8.44
CA ILE A 6 -8.64 -6.41 -8.24
C ILE A 6 -9.84 -5.73 -7.66
N PHE A 7 -9.67 -4.97 -6.57
CA PHE A 7 -10.72 -4.26 -5.93
C PHE A 7 -10.32 -2.86 -5.61
N GLU A 8 -11.30 -2.02 -5.27
CA GLU A 8 -11.11 -0.64 -4.93
C GLU A 8 -11.71 -0.37 -3.59
N VAL A 9 -11.00 0.39 -2.74
CA VAL A 9 -11.52 0.83 -1.49
C VAL A 9 -11.93 2.25 -1.61
N GLU A 10 -13.11 2.60 -1.06
CA GLU A 10 -13.74 3.87 -1.23
C GLU A 10 -14.06 4.45 0.10
N LEU A 11 -13.12 5.17 0.73
CA LEU A 11 -13.37 5.77 2.01
C LEU A 11 -12.88 7.18 2.02
N ALA A 12 -12.93 7.86 3.19
CA ALA A 12 -12.41 9.17 3.37
C ALA A 12 -11.62 9.16 4.64
N LYS A 13 -10.80 10.20 4.86
CA LYS A 13 -10.11 10.38 6.10
C LYS A 13 -11.04 10.79 7.20
N ASN A 14 -11.09 9.98 8.27
CA ASN A 14 -11.88 10.19 9.44
C ASN A 14 -10.96 10.57 10.54
N ASP A 15 -10.48 9.59 11.32
CA ASP A 15 -9.35 9.71 12.20
C ASP A 15 -8.08 9.62 11.41
N ASN A 16 -8.05 8.68 10.44
CA ASN A 16 -6.88 8.38 9.67
C ASN A 16 -7.26 8.13 8.25
N SER A 17 -6.27 8.21 7.34
CA SER A 17 -6.41 7.83 5.96
C SER A 17 -6.20 6.37 5.81
N LEU A 18 -4.96 5.86 6.01
CA LEU A 18 -4.69 4.46 5.90
C LEU A 18 -4.61 3.82 7.25
N GLY A 19 -3.47 3.97 7.96
CA GLY A 19 -3.27 3.45 9.27
C GLY A 19 -2.83 2.03 9.29
N ILE A 20 -1.79 1.69 8.50
CA ILE A 20 -1.35 0.34 8.33
C ILE A 20 0.14 0.30 8.34
N SER A 21 0.78 -0.87 8.17
CA SER A 21 2.21 -0.98 8.06
C SER A 21 2.57 -1.73 6.83
N VAL A 22 3.66 -1.32 6.15
CA VAL A 22 3.95 -1.71 4.81
C VAL A 22 5.29 -2.34 4.69
N THR A 23 5.51 -3.18 3.67
CA THR A 23 6.77 -3.78 3.36
C THR A 23 6.99 -3.71 1.88
N GLY A 24 8.25 -3.46 1.47
CA GLY A 24 8.68 -3.51 0.12
C GLY A 24 8.27 -2.38 -0.77
N GLY A 25 8.61 -2.50 -2.06
CA GLY A 25 8.18 -1.60 -3.08
C GLY A 25 9.30 -0.77 -3.62
N VAL A 26 10.46 -1.39 -3.88
CA VAL A 26 11.59 -0.76 -4.50
C VAL A 26 11.36 -0.72 -5.98
N ASN A 27 12.27 -0.10 -6.76
CA ASN A 27 12.06 0.38 -8.09
C ASN A 27 11.87 -0.69 -9.11
N THR A 28 12.40 -1.91 -8.87
CA THR A 28 11.80 -3.09 -9.40
C THR A 28 11.78 -4.06 -8.27
N SER A 29 10.64 -4.75 -8.03
CA SER A 29 10.46 -5.46 -6.80
C SER A 29 9.47 -6.57 -6.93
N VAL A 30 8.18 -6.26 -6.76
CA VAL A 30 7.06 -7.14 -6.94
C VAL A 30 6.62 -7.10 -8.37
N ARG A 31 6.47 -5.89 -8.92
CA ARG A 31 6.47 -5.59 -10.32
C ARG A 31 7.44 -4.47 -10.47
N HIS A 32 7.35 -3.61 -11.49
CA HIS A 32 8.04 -2.36 -11.51
C HIS A 32 7.30 -1.32 -10.74
N GLY A 33 7.28 -1.49 -9.40
CA GLY A 33 6.40 -0.79 -8.50
C GLY A 33 5.48 -1.78 -7.89
N GLY A 34 4.47 -1.29 -7.14
CA GLY A 34 3.60 -2.11 -6.37
C GLY A 34 4.10 -2.22 -4.96
N ILE A 35 3.18 -2.10 -3.97
CA ILE A 35 3.56 -1.99 -2.59
C ILE A 35 2.79 -3.04 -1.87
N TYR A 36 3.30 -3.62 -0.76
CA TYR A 36 2.72 -4.77 -0.16
C TYR A 36 2.41 -4.54 1.27
N VAL A 37 1.25 -5.04 1.73
CA VAL A 37 0.78 -4.83 3.07
C VAL A 37 1.41 -5.78 4.02
N LYS A 38 2.01 -5.27 5.10
CA LYS A 38 2.66 -6.08 6.10
C LYS A 38 1.70 -6.51 7.15
N ALA A 39 1.23 -5.57 7.99
CA ALA A 39 0.46 -5.88 9.15
C ALA A 39 -0.36 -4.70 9.56
N VAL A 40 -1.43 -4.92 10.34
CA VAL A 40 -2.41 -3.92 10.65
C VAL A 40 -2.23 -3.37 12.02
N ILE A 41 -2.26 -2.03 12.15
CA ILE A 41 -2.11 -1.35 13.39
C ILE A 41 -3.42 -1.28 14.11
N PRO A 42 -3.65 -1.80 15.27
CA PRO A 42 -4.93 -1.75 15.91
C PRO A 42 -5.18 -0.45 16.60
N GLN A 43 -5.16 0.67 15.85
CA GLN A 43 -5.34 1.99 16.38
C GLN A 43 -6.15 2.85 15.46
N GLY A 44 -6.59 2.35 14.29
CA GLY A 44 -7.19 3.21 13.32
C GLY A 44 -7.99 2.51 12.27
N ALA A 45 -8.42 3.31 11.28
CA ALA A 45 -9.34 3.04 10.22
C ALA A 45 -9.28 1.70 9.57
N ALA A 46 -8.09 1.25 9.14
CA ALA A 46 -7.87 -0.01 8.50
C ALA A 46 -8.40 -1.19 9.24
N GLU A 47 -8.14 -1.22 10.56
CA GLU A 47 -8.60 -2.24 11.46
C GLU A 47 -10.01 -2.00 11.86
N SER A 48 -10.32 -0.78 12.36
CA SER A 48 -11.57 -0.41 12.92
C SER A 48 -12.75 -0.46 12.02
N ASP A 49 -12.63 -0.08 10.73
CA ASP A 49 -13.66 -0.26 9.77
C ASP A 49 -13.62 -1.65 9.22
N GLY A 50 -12.44 -2.09 8.73
CA GLY A 50 -12.22 -3.43 8.30
C GLY A 50 -12.49 -3.65 6.84
N ARG A 51 -11.48 -3.36 6.00
CA ARG A 51 -11.65 -3.42 4.57
C ARG A 51 -10.50 -4.02 3.85
N ILE A 52 -9.29 -4.04 4.44
CA ILE A 52 -8.10 -4.56 3.87
C ILE A 52 -7.52 -5.50 4.88
N HIS A 53 -6.81 -6.56 4.46
CA HIS A 53 -6.15 -7.49 5.33
C HIS A 53 -4.68 -7.53 5.09
N LYS A 54 -3.93 -8.24 5.94
CA LYS A 54 -2.54 -8.52 5.76
C LYS A 54 -2.19 -9.20 4.48
N GLY A 55 -1.08 -8.76 3.84
CA GLY A 55 -0.60 -9.34 2.63
C GLY A 55 -1.33 -9.01 1.37
N ASP A 56 -2.08 -7.90 1.33
CA ASP A 56 -2.65 -7.39 0.12
C ASP A 56 -1.67 -6.58 -0.65
N ARG A 57 -1.96 -6.28 -1.92
CA ARG A 57 -1.03 -5.69 -2.83
C ARG A 57 -1.60 -4.43 -3.40
N VAL A 58 -1.10 -3.26 -2.94
CA VAL A 58 -1.68 -2.00 -3.31
C VAL A 58 -0.97 -1.41 -4.49
N LEU A 59 -1.76 -0.78 -5.38
CA LEU A 59 -1.30 -0.40 -6.68
C LEU A 59 -1.57 1.04 -6.96
N ALA A 60 -2.76 1.41 -7.46
CA ALA A 60 -3.03 2.75 -7.89
C ALA A 60 -3.59 3.60 -6.81
N VAL A 61 -3.37 4.93 -6.91
CA VAL A 61 -3.93 5.89 -6.01
C VAL A 61 -4.86 6.76 -6.79
N ASN A 62 -6.18 6.64 -6.58
CA ASN A 62 -7.20 7.47 -7.12
C ASN A 62 -7.18 7.58 -8.60
N GLY A 63 -7.12 6.42 -9.29
CA GLY A 63 -7.09 6.34 -10.72
C GLY A 63 -5.72 6.34 -11.31
N VAL A 64 -4.72 6.98 -10.65
CA VAL A 64 -3.41 7.13 -11.21
C VAL A 64 -2.54 5.96 -10.89
N SER A 65 -2.42 5.03 -11.85
CA SER A 65 -1.45 3.98 -11.83
C SER A 65 -0.12 4.50 -12.25
N LEU A 66 0.78 4.79 -11.29
CA LEU A 66 2.07 5.33 -11.57
C LEU A 66 3.07 4.23 -11.64
N GLU A 67 3.31 3.72 -12.87
CA GLU A 67 4.26 2.70 -13.17
C GLU A 67 5.66 3.16 -12.99
N GLY A 68 6.48 2.38 -12.25
CA GLY A 68 7.81 2.74 -11.91
C GLY A 68 7.94 3.40 -10.58
N ALA A 69 6.84 3.73 -9.89
CA ALA A 69 6.88 4.41 -8.64
C ALA A 69 7.28 3.54 -7.48
N THR A 70 8.20 4.05 -6.65
CA THR A 70 8.72 3.38 -5.50
C THR A 70 7.86 3.57 -4.30
N HIS A 71 8.26 2.93 -3.17
CA HIS A 71 7.68 3.04 -1.87
C HIS A 71 7.63 4.42 -1.33
N LYS A 72 8.72 5.20 -1.45
CA LYS A 72 8.76 6.60 -1.13
C LYS A 72 7.78 7.42 -1.88
N GLN A 73 7.64 7.21 -3.20
CA GLN A 73 6.74 7.93 -4.05
C GLN A 73 5.32 7.60 -3.76
N ALA A 74 5.02 6.31 -3.50
CA ALA A 74 3.75 5.84 -3.06
C ALA A 74 3.33 6.39 -1.75
N VAL A 75 4.16 6.31 -0.69
CA VAL A 75 3.86 6.82 0.60
C VAL A 75 3.70 8.30 0.64
N GLU A 76 4.48 9.06 -0.16
CA GLU A 76 4.27 10.45 -0.39
C GLU A 76 2.93 10.77 -0.96
N THR A 77 2.51 10.03 -2.00
CA THR A 77 1.24 10.12 -2.63
C THR A 77 0.10 9.78 -1.73
N LEU A 78 0.27 8.80 -0.83
CA LEU A 78 -0.72 8.36 0.11
C LEU A 78 -0.85 9.26 1.29
N ARG A 79 0.24 9.85 1.80
CA ARG A 79 0.19 10.84 2.83
C ARG A 79 -0.45 12.11 2.37
N ASN A 80 -0.37 12.45 1.07
CA ASN A 80 -1.07 13.55 0.49
C ASN A 80 -2.41 13.18 -0.03
N THR A 81 -3.21 12.48 0.80
CA THR A 81 -4.57 12.14 0.55
C THR A 81 -5.46 13.25 0.98
N GLY A 82 -5.60 13.48 2.30
CA GLY A 82 -6.26 14.62 2.83
C GLY A 82 -7.70 14.37 3.11
N GLN A 83 -8.58 14.57 2.12
CA GLN A 83 -9.96 14.22 2.23
C GLN A 83 -10.25 12.78 1.93
N VAL A 84 -9.96 12.34 0.70
CA VAL A 84 -10.45 11.12 0.15
C VAL A 84 -9.43 10.04 0.09
N VAL A 85 -9.84 8.78 0.35
CA VAL A 85 -9.01 7.62 0.32
C VAL A 85 -9.60 6.68 -0.68
N HIS A 86 -9.16 6.74 -1.94
CA HIS A 86 -9.69 5.94 -3.00
C HIS A 86 -8.62 5.19 -3.70
N LEU A 87 -8.41 3.91 -3.35
CA LEU A 87 -7.22 3.18 -3.67
C LEU A 87 -7.53 1.89 -4.35
N LEU A 88 -6.61 1.35 -5.17
CA LEU A 88 -6.80 0.18 -5.95
C LEU A 88 -5.78 -0.84 -5.56
N LEU A 89 -6.21 -2.10 -5.37
CA LEU A 89 -5.38 -3.13 -4.83
C LEU A 89 -5.77 -4.46 -5.38
N GLU A 90 -4.82 -5.41 -5.43
CA GLU A 90 -4.98 -6.74 -5.95
C GLU A 90 -4.87 -7.72 -4.83
N LYS A 91 -5.92 -8.54 -4.62
CA LYS A 91 -6.09 -9.30 -3.42
C LYS A 91 -5.00 -10.22 -3.00
N GLY A 92 -4.70 -10.17 -1.68
CA GLY A 92 -3.74 -10.99 -1.00
C GLY A 92 -4.17 -12.39 -0.73
N GLN A 93 -3.20 -13.22 -0.29
CA GLN A 93 -3.34 -14.64 -0.15
C GLN A 93 -3.71 -15.04 1.25
N SER A 94 -3.92 -16.35 1.46
CA SER A 94 -4.37 -16.89 2.71
C SER A 94 -3.23 -17.14 3.65
N PRO A 95 -3.30 -16.83 4.91
CA PRO A 95 -2.44 -17.41 5.89
C PRO A 95 -2.84 -18.79 6.26
N THR A 96 -2.06 -19.46 7.12
CA THR A 96 -2.32 -20.76 7.67
C THR A 96 -3.03 -20.64 9.01
N PHE B 1 30.73 -10.04 -0.37
CA PHE B 1 30.13 -10.53 -1.64
C PHE B 1 30.18 -9.54 -2.76
N ALA B 2 29.63 -8.33 -2.55
CA ALA B 2 29.49 -7.35 -3.59
C ALA B 2 30.57 -6.33 -3.63
N ASP B 3 30.63 -5.42 -2.64
CA ASP B 3 31.46 -4.26 -2.53
C ASP B 3 30.87 -3.11 -3.27
N SER B 4 29.99 -2.34 -2.61
CA SER B 4 29.13 -1.38 -3.24
C SER B 4 29.15 -0.05 -2.57
N GLU B 5 28.69 1.00 -3.27
CA GLU B 5 28.35 2.27 -2.70
C GLU B 5 26.86 2.39 -2.63
N ALA B 6 26.33 3.50 -2.10
CA ALA B 6 24.96 3.66 -1.74
C ALA B 6 24.13 4.45 -2.70
N ASP B 7 23.17 3.82 -3.39
CA ASP B 7 22.21 4.48 -4.23
C ASP B 7 20.97 4.80 -3.47
N GLU B 8 20.98 5.92 -2.72
CA GLU B 8 19.87 6.47 -2.01
C GLU B 8 19.29 5.63 -0.93
N ASN B 9 18.15 6.04 -0.36
CA ASN B 9 17.50 5.38 0.74
C ASN B 9 16.28 4.64 0.28
N GLU B 10 16.24 3.31 0.52
CA GLU B 10 15.07 2.50 0.32
C GLU B 10 14.78 1.83 1.63
N GLN B 11 13.67 2.18 2.31
CA GLN B 11 13.46 1.83 3.68
C GLN B 11 12.07 1.32 3.94
N VAL B 12 11.52 1.55 5.14
CA VAL B 12 10.27 1.04 5.61
C VAL B 12 9.45 2.22 5.98
N SER B 13 8.10 2.16 5.85
CA SER B 13 7.24 3.26 6.12
C SER B 13 6.01 2.86 6.86
N ALA B 14 5.29 3.87 7.39
CA ALA B 14 3.94 3.82 7.82
C ALA B 14 3.17 4.94 7.21
N VAL B 15 1.88 4.71 6.93
CA VAL B 15 0.89 5.65 6.52
C VAL B 15 -0.45 5.06 6.93
N PRO A 1 -14.94 -14.74 -10.70
CA PRO A 1 -13.58 -14.16 -10.77
C PRO A 1 -12.66 -15.02 -9.98
N LYS A 2 -11.34 -14.73 -9.96
CA LYS A 2 -10.37 -15.49 -9.25
C LYS A 2 -10.41 -15.20 -7.79
N PRO A 3 -9.85 -15.94 -6.88
CA PRO A 3 -10.13 -15.75 -5.48
C PRO A 3 -9.44 -14.56 -4.91
N GLY A 4 -8.31 -14.11 -5.47
CA GLY A 4 -7.68 -12.88 -5.12
C GLY A 4 -7.93 -11.85 -6.15
N ASP A 5 -9.19 -11.36 -6.27
CA ASP A 5 -9.57 -10.41 -7.25
C ASP A 5 -9.29 -9.00 -6.86
N ILE A 6 -9.34 -8.07 -7.83
CA ILE A 6 -9.11 -6.67 -7.61
C ILE A 6 -10.32 -5.99 -7.07
N PHE A 7 -10.14 -5.19 -6.01
CA PHE A 7 -11.19 -4.45 -5.36
C PHE A 7 -10.73 -3.07 -5.05
N GLU A 8 -11.65 -2.19 -4.66
CA GLU A 8 -11.36 -0.83 -4.32
C GLU A 8 -11.79 -0.52 -2.93
N VAL A 9 -10.95 0.22 -2.18
CA VAL A 9 -11.26 0.71 -0.87
C VAL A 9 -11.57 2.17 -0.88
N GLU A 10 -12.52 2.59 -0.04
CA GLU A 10 -13.09 3.89 -0.03
C GLU A 10 -13.02 4.46 1.34
N LEU A 11 -12.13 5.43 1.62
CA LEU A 11 -12.10 6.10 2.88
C LEU A 11 -12.11 7.57 2.70
N ALA A 12 -12.51 8.29 3.76
CA ALA A 12 -12.22 9.68 3.94
C ALA A 12 -11.78 9.79 5.36
N LYS A 13 -11.13 10.90 5.75
CA LYS A 13 -10.74 11.09 7.12
C LYS A 13 -11.88 11.38 8.04
N ASN A 14 -12.16 10.46 8.98
CA ASN A 14 -12.96 10.71 10.15
C ASN A 14 -12.03 10.88 11.31
N ASP A 15 -11.38 9.79 11.74
CA ASP A 15 -10.30 9.76 12.67
C ASP A 15 -9.00 9.91 11.96
N ASN A 16 -8.54 8.86 11.28
CA ASN A 16 -7.20 8.72 10.79
C ASN A 16 -7.33 8.18 9.40
N SER A 17 -6.41 8.51 8.48
CA SER A 17 -6.70 8.40 7.08
C SER A 17 -6.56 7.01 6.56
N LEU A 18 -5.36 6.42 6.60
CA LEU A 18 -5.14 5.09 6.11
C LEU A 18 -5.08 4.11 7.23
N GLY A 19 -3.91 3.90 7.84
CA GLY A 19 -3.75 3.14 9.04
C GLY A 19 -3.31 1.72 8.84
N ILE A 20 -2.31 1.48 7.98
CA ILE A 20 -1.79 0.16 7.75
C ILE A 20 -0.30 0.22 7.77
N SER A 21 0.40 -0.93 7.73
CA SER A 21 1.83 -0.96 7.66
C SER A 21 2.23 -1.70 6.42
N VAL A 22 3.32 -1.26 5.80
CA VAL A 22 3.73 -1.60 4.47
C VAL A 22 5.10 -2.19 4.53
N THR A 23 5.45 -3.04 3.55
CA THR A 23 6.79 -3.50 3.36
C THR A 23 7.06 -3.51 1.89
N GLY A 24 8.35 -3.54 1.49
CA GLY A 24 8.76 -3.60 0.12
C GLY A 24 8.60 -2.32 -0.62
N GLY A 25 8.00 -2.37 -1.83
CA GLY A 25 7.64 -1.21 -2.58
C GLY A 25 8.72 -0.62 -3.41
N VAL A 26 9.92 -1.23 -3.41
CA VAL A 26 11.12 -0.78 -4.03
C VAL A 26 11.05 -0.96 -5.52
N ASN A 27 11.99 -0.34 -6.25
CA ASN A 27 11.95 -0.08 -7.66
C ASN A 27 12.09 -1.29 -8.52
N THR A 28 12.54 -2.43 -7.97
CA THR A 28 12.10 -3.71 -8.46
C THR A 28 11.79 -4.55 -7.28
N SER A 29 10.51 -4.96 -7.15
CA SER A 29 10.04 -5.66 -5.99
C SER A 29 8.99 -6.63 -6.40
N VAL A 30 7.74 -6.15 -6.53
CA VAL A 30 6.60 -6.87 -7.01
C VAL A 30 6.49 -6.75 -8.49
N ARG A 31 6.53 -5.51 -9.02
CA ARG A 31 6.82 -5.19 -10.38
C ARG A 31 7.87 -4.14 -10.29
N HIS A 32 8.07 -3.29 -11.32
CA HIS A 32 8.84 -2.08 -11.20
C HIS A 32 8.08 -0.99 -10.54
N GLY A 33 7.58 -1.25 -9.32
CA GLY A 33 6.71 -0.41 -8.56
C GLY A 33 5.53 -1.19 -8.08
N GLY A 34 4.74 -0.61 -7.16
CA GLY A 34 3.64 -1.25 -6.52
C GLY A 34 3.99 -1.68 -5.14
N ILE A 35 3.01 -1.75 -4.23
CA ILE A 35 3.24 -1.76 -2.81
C ILE A 35 2.57 -2.95 -2.21
N TYR A 36 3.13 -3.51 -1.13
CA TYR A 36 2.68 -4.74 -0.53
C TYR A 36 2.42 -4.51 0.92
N VAL A 37 1.31 -5.06 1.45
CA VAL A 37 0.87 -4.81 2.79
C VAL A 37 1.52 -5.73 3.77
N LYS A 38 2.03 -5.19 4.88
CA LYS A 38 2.68 -5.93 5.92
C LYS A 38 1.68 -6.42 6.92
N ALA A 39 1.10 -5.50 7.72
CA ALA A 39 0.15 -5.87 8.73
C ALA A 39 -0.74 -4.71 9.05
N VAL A 40 -1.88 -5.01 9.72
CA VAL A 40 -2.88 -4.05 10.08
C VAL A 40 -2.60 -3.42 11.39
N ILE A 41 -2.64 -2.08 11.47
CA ILE A 41 -2.45 -1.33 12.67
C ILE A 41 -3.74 -1.25 13.40
N PRO A 42 -3.95 -1.73 14.60
CA PRO A 42 -5.24 -1.75 15.23
C PRO A 42 -5.57 -0.46 15.91
N GLN A 43 -5.33 0.68 15.26
CA GLN A 43 -5.44 1.98 15.85
C GLN A 43 -5.99 2.93 14.85
N GLY A 44 -6.89 2.49 13.96
CA GLY A 44 -7.30 3.32 12.87
C GLY A 44 -8.41 2.72 12.06
N ALA A 45 -8.72 3.40 10.94
CA ALA A 45 -9.78 3.08 10.04
C ALA A 45 -9.65 1.74 9.39
N ALA A 46 -8.42 1.28 9.05
CA ALA A 46 -8.17 0.00 8.48
C ALA A 46 -8.71 -1.16 9.24
N GLU A 47 -8.44 -1.18 10.57
CA GLU A 47 -8.96 -2.12 11.52
C GLU A 47 -10.44 -1.98 11.70
N SER A 48 -10.92 -0.75 12.00
CA SER A 48 -12.28 -0.49 12.33
C SER A 48 -13.25 -0.71 11.21
N ASP A 49 -12.82 -0.53 9.95
CA ASP A 49 -13.54 -0.88 8.76
C ASP A 49 -13.41 -2.32 8.44
N GLY A 50 -12.18 -2.86 8.34
CA GLY A 50 -11.94 -4.26 8.18
C GLY A 50 -12.09 -4.74 6.78
N ARG A 51 -11.21 -4.29 5.88
CA ARG A 51 -11.41 -4.45 4.46
C ARG A 51 -10.18 -4.82 3.72
N ILE A 52 -8.99 -4.71 4.35
CA ILE A 52 -7.72 -5.05 3.79
C ILE A 52 -7.07 -5.92 4.80
N HIS A 53 -6.29 -6.94 4.42
CA HIS A 53 -5.56 -7.75 5.35
C HIS A 53 -4.09 -7.70 5.08
N LYS A 54 -3.30 -8.46 5.86
CA LYS A 54 -1.92 -8.73 5.61
C LYS A 54 -1.63 -9.39 4.31
N GLY A 55 -0.65 -8.90 3.55
CA GLY A 55 -0.28 -9.47 2.29
C GLY A 55 -1.14 -9.16 1.12
N ASP A 56 -2.06 -8.19 1.21
CA ASP A 56 -2.74 -7.67 0.07
C ASP A 56 -1.82 -6.79 -0.72
N ARG A 57 -2.16 -6.53 -2.01
CA ARG A 57 -1.25 -5.96 -2.94
C ARG A 57 -1.84 -4.71 -3.50
N VAL A 58 -1.35 -3.53 -3.09
CA VAL A 58 -1.99 -2.28 -3.32
C VAL A 58 -1.35 -1.55 -4.45
N LEU A 59 -2.16 -1.14 -5.45
CA LEU A 59 -1.68 -0.79 -6.74
C LEU A 59 -2.02 0.61 -7.12
N ALA A 60 -3.20 0.84 -7.73
CA ALA A 60 -3.51 2.08 -8.37
C ALA A 60 -4.14 3.06 -7.44
N VAL A 61 -3.69 4.33 -7.49
CA VAL A 61 -4.11 5.36 -6.60
C VAL A 61 -5.17 6.18 -7.27
N ASN A 62 -6.43 6.00 -6.87
CA ASN A 62 -7.61 6.64 -7.39
C ASN A 62 -7.77 6.44 -8.86
N GLY A 63 -7.53 5.20 -9.32
CA GLY A 63 -7.58 4.82 -10.69
C GLY A 63 -6.25 4.74 -11.34
N VAL A 64 -5.27 5.53 -10.88
CA VAL A 64 -4.03 5.77 -11.55
C VAL A 64 -3.00 4.72 -11.29
N SER A 65 -2.72 3.89 -12.31
CA SER A 65 -1.67 2.92 -12.31
C SER A 65 -0.35 3.58 -12.56
N LEU A 66 0.43 3.86 -11.50
CA LEU A 66 1.61 4.65 -11.57
C LEU A 66 2.82 3.77 -11.58
N GLU A 67 3.09 3.13 -12.72
CA GLU A 67 4.27 2.32 -12.89
C GLU A 67 5.52 3.13 -12.91
N GLY A 68 6.62 2.61 -12.33
CA GLY A 68 7.86 3.33 -12.19
C GLY A 68 8.00 4.08 -10.93
N ALA A 69 7.06 3.92 -9.98
CA ALA A 69 7.14 4.48 -8.67
C ALA A 69 8.09 3.78 -7.76
N THR A 70 8.74 4.54 -6.85
CA THR A 70 9.47 4.05 -5.73
C THR A 70 8.58 4.02 -4.54
N HIS A 71 9.05 3.40 -3.44
CA HIS A 71 8.39 3.46 -2.16
C HIS A 71 8.28 4.85 -1.63
N LYS A 72 9.34 5.67 -1.76
CA LYS A 72 9.33 7.09 -1.54
C LYS A 72 8.22 7.82 -2.21
N GLN A 73 8.01 7.63 -3.53
CA GLN A 73 6.99 8.31 -4.26
C GLN A 73 5.63 7.83 -3.91
N ALA A 74 5.43 6.53 -3.64
CA ALA A 74 4.20 6.00 -3.12
C ALA A 74 3.82 6.56 -1.79
N VAL A 75 4.81 6.69 -0.89
CA VAL A 75 4.64 7.22 0.44
C VAL A 75 4.30 8.67 0.42
N GLU A 76 4.97 9.49 -0.41
CA GLU A 76 4.60 10.87 -0.57
C GLU A 76 3.36 11.08 -1.36
N THR A 77 2.83 10.06 -2.06
CA THR A 77 1.55 10.13 -2.70
C THR A 77 0.46 10.11 -1.67
N LEU A 78 0.41 9.07 -0.81
CA LEU A 78 -0.68 8.91 0.10
C LEU A 78 -0.58 9.72 1.34
N ARG A 79 0.61 10.20 1.74
CA ARG A 79 0.72 11.21 2.74
C ARG A 79 0.28 12.55 2.26
N ASN A 80 0.29 12.84 0.94
CA ASN A 80 -0.23 14.04 0.37
C ASN A 80 -1.66 13.90 -0.01
N THR A 81 -2.50 13.46 0.96
CA THR A 81 -3.92 13.33 0.83
C THR A 81 -4.60 14.36 1.65
N GLY A 82 -4.98 14.03 2.89
CA GLY A 82 -5.63 14.92 3.82
C GLY A 82 -7.10 14.66 3.91
N GLN A 83 -7.83 14.79 2.79
CA GLN A 83 -9.24 14.57 2.72
C GLN A 83 -9.63 13.14 2.54
N VAL A 84 -9.50 12.63 1.29
CA VAL A 84 -10.14 11.46 0.81
C VAL A 84 -9.15 10.52 0.21
N VAL A 85 -9.36 9.19 0.39
CA VAL A 85 -8.49 8.14 -0.03
C VAL A 85 -9.24 7.15 -0.85
N HIS A 86 -8.75 6.79 -2.05
CA HIS A 86 -9.38 5.79 -2.86
C HIS A 86 -8.35 4.97 -3.55
N LEU A 87 -8.25 3.66 -3.24
CA LEU A 87 -7.20 2.83 -3.72
C LEU A 87 -7.72 1.60 -4.35
N LEU A 88 -6.95 1.01 -5.28
CA LEU A 88 -7.28 -0.17 -6.01
C LEU A 88 -6.22 -1.17 -5.71
N LEU A 89 -6.63 -2.41 -5.34
CA LEU A 89 -5.74 -3.40 -4.82
C LEU A 89 -6.18 -4.75 -5.24
N GLU A 90 -5.24 -5.70 -5.36
CA GLU A 90 -5.49 -7.07 -5.71
C GLU A 90 -5.37 -7.85 -4.44
N LYS A 91 -6.31 -8.77 -4.17
CA LYS A 91 -6.27 -9.51 -2.94
C LYS A 91 -5.22 -10.57 -2.91
N GLY A 92 -4.52 -10.69 -1.77
CA GLY A 92 -3.33 -11.46 -1.62
C GLY A 92 -3.52 -12.92 -1.38
N GLN A 93 -2.41 -13.63 -1.14
CA GLN A 93 -2.37 -15.05 -0.99
C GLN A 93 -2.79 -15.50 0.36
N SER A 94 -3.20 -16.77 0.50
CA SER A 94 -3.81 -17.29 1.67
C SER A 94 -2.91 -17.38 2.86
N PRO A 95 -3.28 -16.97 4.04
CA PRO A 95 -2.48 -17.19 5.21
C PRO A 95 -2.47 -18.60 5.67
N THR A 96 -1.54 -18.91 6.59
CA THR A 96 -1.09 -20.22 6.94
C THR A 96 -1.82 -20.80 8.14
N PHE B 1 31.60 -9.64 -0.13
CA PHE B 1 30.45 -9.46 -1.03
C PHE B 1 30.76 -8.54 -2.16
N ALA B 2 30.13 -7.36 -2.24
CA ALA B 2 30.29 -6.46 -3.34
C ALA B 2 31.41 -5.49 -3.17
N ASP B 3 31.60 -4.95 -1.95
CA ASP B 3 32.59 -3.99 -1.59
C ASP B 3 32.50 -2.72 -2.37
N SER B 4 31.31 -2.12 -2.42
CA SER B 4 31.01 -0.90 -3.09
C SER B 4 30.76 0.18 -2.09
N GLU B 5 30.61 1.44 -2.54
CA GLU B 5 30.20 2.54 -1.72
C GLU B 5 28.73 2.49 -1.43
N ALA B 6 28.15 3.52 -0.78
CA ALA B 6 26.78 3.51 -0.42
C ALA B 6 25.86 3.85 -1.54
N ASP B 7 24.76 3.08 -1.69
CA ASP B 7 23.68 3.39 -2.58
C ASP B 7 22.45 3.62 -1.78
N GLU B 8 22.36 4.78 -1.12
CA GLU B 8 21.30 5.25 -0.28
C GLU B 8 20.72 4.26 0.67
N ASN B 9 19.43 4.41 1.05
CA ASN B 9 18.76 3.52 1.95
C ASN B 9 17.41 3.22 1.38
N GLU B 10 16.93 1.98 1.53
CA GLU B 10 15.58 1.64 1.19
C GLU B 10 14.91 1.07 2.40
N GLN B 11 14.07 1.88 3.07
CA GLN B 11 13.50 1.58 4.35
C GLN B 11 12.01 1.62 4.33
N VAL B 12 11.36 1.58 5.50
CA VAL B 12 10.03 1.05 5.67
C VAL B 12 9.13 2.12 6.19
N SER B 13 7.89 2.18 5.67
CA SER B 13 7.00 3.29 5.84
C SER B 13 5.65 2.87 6.33
N ALA B 14 4.90 3.79 6.95
CA ALA B 14 3.54 3.56 7.35
C ALA B 14 2.74 4.80 7.13
N VAL B 15 1.42 4.67 6.94
CA VAL B 15 0.47 5.74 6.93
C VAL B 15 -0.88 5.17 7.32
N PRO A 1 -13.53 -14.01 -12.27
CA PRO A 1 -12.09 -13.66 -12.32
C PRO A 1 -11.30 -14.70 -11.60
N LYS A 2 -10.01 -14.46 -11.33
CA LYS A 2 -9.17 -15.30 -10.54
C LYS A 2 -9.47 -15.10 -9.09
N PRO A 3 -9.11 -15.94 -8.15
CA PRO A 3 -9.61 -15.81 -6.81
C PRO A 3 -8.99 -14.70 -6.04
N GLY A 4 -7.87 -14.13 -6.52
CA GLY A 4 -7.34 -12.89 -6.04
C GLY A 4 -7.57 -11.79 -7.02
N ASP A 5 -8.82 -11.31 -7.18
CA ASP A 5 -9.17 -10.29 -8.12
C ASP A 5 -8.95 -8.88 -7.67
N ILE A 6 -9.11 -7.90 -8.58
CA ILE A 6 -8.92 -6.51 -8.32
C ILE A 6 -10.18 -5.88 -7.85
N PHE A 7 -10.14 -5.09 -6.75
CA PHE A 7 -11.26 -4.38 -6.24
C PHE A 7 -10.93 -2.96 -5.94
N GLU A 8 -11.98 -2.11 -5.81
CA GLU A 8 -11.87 -0.73 -5.48
C GLU A 8 -12.39 -0.46 -4.11
N VAL A 9 -11.66 0.32 -3.30
CA VAL A 9 -12.19 0.91 -2.11
C VAL A 9 -12.48 2.36 -2.32
N GLU A 10 -13.50 2.86 -1.60
CA GLU A 10 -13.79 4.26 -1.46
C GLU A 10 -13.97 4.46 0.01
N LEU A 11 -13.01 5.08 0.72
CA LEU A 11 -13.13 5.31 2.13
C LEU A 11 -12.71 6.72 2.40
N ALA A 12 -12.72 7.15 3.68
CA ALA A 12 -12.32 8.47 4.03
C ALA A 12 -11.55 8.45 5.30
N LYS A 13 -10.98 9.61 5.67
CA LYS A 13 -10.33 9.85 6.92
C LYS A 13 -11.32 9.93 8.03
N ASN A 14 -11.31 8.94 8.94
CA ASN A 14 -12.21 8.83 10.04
C ASN A 14 -11.49 9.01 11.33
N ASP A 15 -10.86 7.95 11.87
CA ASP A 15 -10.04 7.99 13.03
C ASP A 15 -8.66 8.42 12.65
N ASN A 16 -8.10 7.81 11.59
CA ASN A 16 -6.92 8.28 10.94
C ASN A 16 -7.18 8.15 9.48
N SER A 17 -6.16 8.38 8.62
CA SER A 17 -6.32 8.43 7.20
C SER A 17 -6.29 7.07 6.60
N LEU A 18 -5.11 6.42 6.54
CA LEU A 18 -4.97 5.09 6.02
C LEU A 18 -4.85 4.12 7.15
N GLY A 19 -3.63 3.90 7.68
CA GLY A 19 -3.38 3.16 8.87
C GLY A 19 -2.76 1.81 8.69
N ILE A 20 -1.63 1.70 7.99
CA ILE A 20 -1.01 0.43 7.77
C ILE A 20 0.47 0.50 7.85
N SER A 21 1.15 -0.66 7.77
CA SER A 21 2.58 -0.78 7.72
C SER A 21 2.97 -1.53 6.49
N VAL A 22 4.01 -1.04 5.78
CA VAL A 22 4.32 -1.40 4.43
C VAL A 22 5.72 -1.92 4.35
N THR A 23 5.97 -2.94 3.50
CA THR A 23 7.25 -3.56 3.41
C THR A 23 7.65 -3.80 1.99
N GLY A 24 8.66 -3.06 1.54
CA GLY A 24 9.19 -3.08 0.21
C GLY A 24 8.58 -2.03 -0.64
N GLY A 25 8.16 -2.38 -1.88
CA GLY A 25 7.38 -1.53 -2.71
C GLY A 25 8.15 -0.63 -3.62
N VAL A 26 9.41 -1.00 -3.95
CA VAL A 26 10.27 -0.12 -4.68
C VAL A 26 10.33 -0.43 -6.13
N ASN A 27 11.52 -0.61 -6.72
CA ASN A 27 11.79 -0.61 -8.12
C ASN A 27 11.42 -1.88 -8.78
N THR A 28 11.78 -3.03 -8.17
CA THR A 28 11.27 -4.32 -8.54
C THR A 28 11.33 -5.16 -7.30
N SER A 29 10.16 -5.37 -6.65
CA SER A 29 10.12 -6.03 -5.38
C SER A 29 9.02 -7.04 -5.37
N VAL A 30 7.76 -6.60 -5.24
CA VAL A 30 6.59 -7.42 -5.40
C VAL A 30 6.35 -7.69 -6.84
N ARG A 31 6.24 -6.63 -7.67
CA ARG A 31 6.31 -6.67 -9.10
C ARG A 31 7.21 -5.54 -9.46
N HIS A 32 7.25 -5.09 -10.73
CA HIS A 32 7.87 -3.85 -11.08
C HIS A 32 7.00 -2.70 -10.72
N GLY A 33 7.00 -2.34 -9.43
CA GLY A 33 6.06 -1.45 -8.83
C GLY A 33 5.13 -2.23 -7.96
N GLY A 34 4.14 -1.57 -7.37
CA GLY A 34 3.22 -2.18 -6.46
C GLY A 34 3.77 -2.17 -5.07
N ILE A 35 2.88 -2.07 -4.06
CA ILE A 35 3.26 -1.88 -2.69
C ILE A 35 2.59 -2.96 -1.91
N TYR A 36 3.26 -3.52 -0.87
CA TYR A 36 2.82 -4.70 -0.20
C TYR A 36 2.68 -4.42 1.25
N VAL A 37 1.53 -4.79 1.84
CA VAL A 37 1.21 -4.57 3.22
C VAL A 37 1.78 -5.63 4.09
N LYS A 38 2.38 -5.21 5.21
CA LYS A 38 2.97 -6.05 6.20
C LYS A 38 1.97 -6.44 7.24
N ALA A 39 1.38 -5.46 7.93
CA ALA A 39 0.48 -5.69 9.02
C ALA A 39 -0.36 -4.48 9.29
N VAL A 40 -1.50 -4.68 9.96
CA VAL A 40 -2.46 -3.65 10.24
C VAL A 40 -2.23 -2.98 11.55
N ILE A 41 -2.17 -1.63 11.53
CA ILE A 41 -1.92 -0.79 12.66
C ILE A 41 -3.19 -0.51 13.40
N PRO A 42 -3.34 -0.62 14.69
CA PRO A 42 -4.56 -0.35 15.37
C PRO A 42 -4.84 1.10 15.61
N GLN A 43 -4.57 1.97 14.63
CA GLN A 43 -4.85 3.37 14.64
C GLN A 43 -5.16 3.79 13.25
N GLY A 44 -6.28 3.30 12.67
CA GLY A 44 -6.61 3.70 11.34
C GLY A 44 -7.93 3.23 10.84
N ALA A 45 -8.26 3.69 9.62
CA ALA A 45 -9.46 3.33 8.92
C ALA A 45 -9.48 1.89 8.53
N ALA A 46 -8.30 1.33 8.17
CA ALA A 46 -8.08 -0.04 7.85
C ALA A 46 -8.53 -0.99 8.91
N GLU A 47 -8.02 -0.84 10.15
CA GLU A 47 -8.32 -1.70 11.25
C GLU A 47 -9.74 -1.55 11.70
N SER A 48 -10.19 -0.30 11.87
CA SER A 48 -11.51 0.02 12.30
C SER A 48 -12.61 -0.45 11.40
N ASP A 49 -12.52 -0.25 10.08
CA ASP A 49 -13.49 -0.76 9.16
C ASP A 49 -13.44 -2.24 9.03
N GLY A 50 -12.25 -2.82 8.76
CA GLY A 50 -12.10 -4.22 8.58
C GLY A 50 -12.47 -4.64 7.19
N ARG A 51 -11.57 -4.41 6.23
CA ARG A 51 -11.91 -4.32 4.85
C ARG A 51 -10.92 -5.01 3.97
N ILE A 52 -9.63 -4.97 4.34
CA ILE A 52 -8.51 -5.46 3.60
C ILE A 52 -7.78 -6.33 4.57
N HIS A 53 -6.77 -7.12 4.19
CA HIS A 53 -5.91 -7.71 5.17
C HIS A 53 -4.48 -7.73 4.72
N LYS A 54 -3.57 -8.30 5.53
CA LYS A 54 -2.19 -8.44 5.21
C LYS A 54 -1.92 -9.15 3.93
N GLY A 55 -0.90 -8.73 3.17
CA GLY A 55 -0.59 -9.37 1.93
C GLY A 55 -1.47 -9.10 0.76
N ASP A 56 -2.43 -8.15 0.87
CA ASP A 56 -3.11 -7.58 -0.25
C ASP A 56 -2.24 -6.52 -0.86
N ARG A 57 -2.41 -6.22 -2.15
CA ARG A 57 -1.43 -5.48 -2.90
C ARG A 57 -2.05 -4.44 -3.78
N VAL A 58 -1.59 -3.18 -3.70
CA VAL A 58 -2.18 -2.09 -4.42
C VAL A 58 -1.79 -1.99 -5.85
N LEU A 59 -2.60 -1.23 -6.61
CA LEU A 59 -2.37 -0.83 -7.96
C LEU A 59 -2.34 0.65 -7.97
N ALA A 60 -3.50 1.33 -8.10
CA ALA A 60 -3.57 2.73 -8.31
C ALA A 60 -3.85 3.55 -7.10
N VAL A 61 -3.54 4.86 -7.17
CA VAL A 61 -3.98 5.87 -6.26
C VAL A 61 -4.96 6.72 -6.99
N ASN A 62 -6.27 6.48 -6.80
CA ASN A 62 -7.35 7.17 -7.43
C ASN A 62 -7.30 7.16 -8.92
N GLY A 63 -7.23 5.96 -9.53
CA GLY A 63 -7.11 5.81 -10.95
C GLY A 63 -5.70 5.83 -11.45
N VAL A 64 -4.81 6.60 -10.78
CA VAL A 64 -3.48 6.86 -11.24
C VAL A 64 -2.53 5.78 -10.85
N SER A 65 -1.86 5.18 -11.84
CA SER A 65 -0.85 4.18 -11.63
C SER A 65 0.44 4.78 -11.22
N LEU A 66 1.10 4.23 -10.18
CA LEU A 66 2.37 4.67 -9.71
C LEU A 66 3.45 3.97 -10.47
N GLU A 67 3.51 4.21 -11.78
CA GLU A 67 4.29 3.49 -12.74
C GLU A 67 5.76 3.66 -12.58
N GLY A 68 6.43 2.64 -12.03
CA GLY A 68 7.84 2.61 -11.80
C GLY A 68 8.33 3.60 -10.78
N ALA A 69 7.47 3.94 -9.81
CA ALA A 69 7.78 4.81 -8.71
C ALA A 69 8.59 4.18 -7.64
N THR A 70 9.29 5.01 -6.83
CA THR A 70 9.90 4.58 -5.61
C THR A 70 8.92 4.51 -4.50
N HIS A 71 9.27 3.80 -3.41
CA HIS A 71 8.50 3.69 -2.21
C HIS A 71 8.33 5.02 -1.56
N LYS A 72 9.40 5.84 -1.52
CA LYS A 72 9.39 7.22 -1.17
C LYS A 72 8.32 8.03 -1.82
N GLN A 73 8.13 7.87 -3.14
CA GLN A 73 7.16 8.60 -3.90
C GLN A 73 5.76 8.19 -3.62
N ALA A 74 5.53 6.88 -3.42
CA ALA A 74 4.28 6.33 -3.03
C ALA A 74 3.84 6.75 -1.67
N VAL A 75 4.78 6.83 -0.71
CA VAL A 75 4.59 7.31 0.62
C VAL A 75 4.32 8.77 0.67
N GLU A 76 5.10 9.61 -0.04
CA GLU A 76 4.87 11.02 -0.14
C GLU A 76 3.50 11.37 -0.61
N THR A 77 3.02 10.65 -1.64
CA THR A 77 1.72 10.77 -2.21
C THR A 77 0.62 10.45 -1.25
N LEU A 78 0.69 9.30 -0.55
CA LEU A 78 -0.36 8.89 0.34
C LEU A 78 -0.33 9.53 1.69
N ARG A 79 0.75 10.23 2.09
CA ARG A 79 0.74 11.06 3.26
C ARG A 79 0.02 12.35 3.00
N ASN A 80 0.06 12.88 1.76
CA ASN A 80 -0.68 14.04 1.37
C ASN A 80 -1.93 13.76 0.62
N THR A 81 -2.94 13.12 1.25
CA THR A 81 -4.22 12.87 0.66
C THR A 81 -5.20 13.95 0.95
N GLY A 82 -5.61 14.07 2.23
CA GLY A 82 -6.65 14.94 2.69
C GLY A 82 -7.76 14.16 3.30
N GLN A 83 -9.01 14.39 2.85
CA GLN A 83 -10.19 13.81 3.42
C GLN A 83 -10.50 12.44 2.93
N VAL A 84 -10.44 12.20 1.60
CA VAL A 84 -10.98 11.03 0.98
C VAL A 84 -9.94 10.15 0.37
N VAL A 85 -10.15 8.83 0.41
CA VAL A 85 -9.22 7.82 0.01
C VAL A 85 -9.85 6.91 -1.00
N HIS A 86 -9.35 6.94 -2.25
CA HIS A 86 -9.81 6.08 -3.31
C HIS A 86 -8.68 5.25 -3.82
N LEU A 87 -8.69 3.94 -3.58
CA LEU A 87 -7.59 3.08 -3.94
C LEU A 87 -8.07 1.86 -4.65
N LEU A 88 -7.20 1.31 -5.51
CA LEU A 88 -7.47 0.15 -6.31
C LEU A 88 -6.43 -0.84 -5.93
N LEU A 89 -6.84 -2.08 -5.58
CA LEU A 89 -5.97 -3.07 -5.03
C LEU A 89 -6.39 -4.44 -5.44
N GLU A 90 -5.44 -5.39 -5.42
CA GLU A 90 -5.65 -6.76 -5.79
C GLU A 90 -5.62 -7.62 -4.57
N LYS A 91 -6.56 -8.57 -4.48
CA LYS A 91 -6.66 -9.48 -3.38
C LYS A 91 -5.54 -10.47 -3.38
N GLY A 92 -4.89 -10.63 -2.21
CA GLY A 92 -3.73 -11.44 -2.00
C GLY A 92 -4.03 -12.88 -1.74
N GLN A 93 -2.97 -13.71 -1.71
CA GLN A 93 -3.07 -15.14 -1.67
C GLN A 93 -3.07 -15.70 -0.29
N SER A 94 -3.11 -17.04 -0.18
CA SER A 94 -3.46 -17.71 1.04
C SER A 94 -2.36 -17.78 2.04
N PRO A 95 -2.56 -17.60 3.31
CA PRO A 95 -1.66 -18.08 4.32
C PRO A 95 -1.63 -19.57 4.40
N THR A 96 -0.57 -20.16 4.99
CA THR A 96 -0.35 -21.57 5.02
C THR A 96 -0.91 -22.21 6.28
N PHE B 1 30.95 -9.37 -3.84
CA PHE B 1 29.52 -9.17 -4.19
C PHE B 1 29.34 -7.94 -5.01
N ALA B 2 28.79 -6.85 -4.46
CA ALA B 2 28.58 -5.63 -5.18
C ALA B 2 29.77 -4.72 -5.27
N ASP B 3 30.16 -4.11 -4.14
CA ASP B 3 31.07 -3.02 -4.01
C ASP B 3 30.78 -1.86 -4.91
N SER B 4 29.49 -1.48 -4.96
CA SER B 4 28.97 -0.37 -5.70
C SER B 4 28.75 0.79 -4.79
N GLU B 5 28.28 1.93 -5.32
CA GLU B 5 27.74 2.99 -4.54
C GLU B 5 26.27 2.82 -4.35
N ALA B 6 25.69 3.56 -3.38
CA ALA B 6 24.29 3.49 -3.07
C ALA B 6 23.47 4.35 -3.97
N ASP B 7 22.29 3.85 -4.40
CA ASP B 7 21.27 4.62 -5.03
C ASP B 7 20.40 5.19 -3.97
N GLU B 8 20.82 6.32 -3.37
CA GLU B 8 20.30 6.94 -2.20
C GLU B 8 19.97 6.04 -1.06
N ASN B 9 18.69 5.87 -0.68
CA ASN B 9 18.33 5.11 0.47
C ASN B 9 17.06 4.35 0.27
N GLU B 10 16.95 3.18 0.94
CA GLU B 10 15.78 2.37 0.99
C GLU B 10 15.45 2.10 2.42
N GLN B 11 14.16 2.25 2.83
CA GLN B 11 13.77 1.93 4.16
C GLN B 11 12.34 1.51 4.24
N VAL B 12 11.72 1.64 5.43
CA VAL B 12 10.42 1.12 5.76
C VAL B 12 9.59 2.27 6.17
N SER B 13 8.32 2.35 5.71
CA SER B 13 7.46 3.48 5.90
C SER B 13 6.15 3.08 6.46
N ALA B 14 5.37 4.07 6.92
CA ALA B 14 4.08 3.84 7.49
C ALA B 14 3.19 5.02 7.25
N VAL B 15 1.94 4.76 6.81
CA VAL B 15 0.88 5.70 6.65
C VAL B 15 -0.44 4.96 6.76
N PRO A 1 -12.72 -15.16 -12.11
CA PRO A 1 -11.52 -14.59 -11.45
C PRO A 1 -11.07 -15.47 -10.34
N LYS A 2 -9.82 -15.28 -9.86
CA LYS A 2 -9.25 -16.07 -8.82
C LYS A 2 -9.78 -15.65 -7.49
N PRO A 3 -9.68 -16.37 -6.42
CA PRO A 3 -10.39 -16.05 -5.21
C PRO A 3 -9.88 -14.83 -4.52
N GLY A 4 -8.67 -14.36 -4.88
CA GLY A 4 -8.18 -13.07 -4.51
C GLY A 4 -8.23 -12.13 -5.68
N ASP A 5 -9.42 -11.55 -5.96
CA ASP A 5 -9.63 -10.59 -7.00
C ASP A 5 -9.27 -9.19 -6.65
N ILE A 6 -9.51 -8.25 -7.57
CA ILE A 6 -9.22 -6.86 -7.42
C ILE A 6 -10.40 -6.16 -6.83
N PHE A 7 -10.17 -5.30 -5.81
CA PHE A 7 -11.20 -4.54 -5.18
C PHE A 7 -10.80 -3.11 -5.04
N GLU A 8 -11.81 -2.22 -4.89
CA GLU A 8 -11.59 -0.83 -4.66
C GLU A 8 -12.12 -0.40 -3.34
N VAL A 9 -11.38 0.48 -2.64
CA VAL A 9 -11.88 1.17 -1.50
C VAL A 9 -12.24 2.57 -1.88
N GLU A 10 -13.33 3.09 -1.29
CA GLU A 10 -13.81 4.43 -1.44
C GLU A 10 -14.01 4.94 -0.04
N LEU A 11 -12.92 5.29 0.66
CA LEU A 11 -12.94 5.54 2.06
C LEU A 11 -12.67 6.98 2.34
N ALA A 12 -12.83 7.41 3.61
CA ALA A 12 -12.58 8.77 3.97
C ALA A 12 -12.03 8.80 5.36
N LYS A 13 -11.38 9.92 5.73
CA LYS A 13 -10.81 10.13 7.03
C LYS A 13 -11.85 10.26 8.09
N ASN A 14 -11.89 9.26 9.01
CA ASN A 14 -12.79 9.20 10.12
C ASN A 14 -12.03 9.28 11.40
N ASP A 15 -11.41 8.19 11.85
CA ASP A 15 -10.54 8.18 12.99
C ASP A 15 -9.16 8.64 12.59
N ASN A 16 -8.69 8.11 11.45
CA ASN A 16 -7.39 8.37 10.91
C ASN A 16 -7.51 8.43 9.43
N SER A 17 -6.39 8.63 8.72
CA SER A 17 -6.32 8.67 7.30
C SER A 17 -6.24 7.28 6.77
N LEU A 18 -5.04 6.67 6.73
CA LEU A 18 -4.85 5.31 6.33
C LEU A 18 -4.67 4.47 7.53
N GLY A 19 -3.43 4.10 7.91
CA GLY A 19 -3.14 3.37 9.10
C GLY A 19 -2.88 1.92 8.91
N ILE A 20 -1.85 1.56 8.12
CA ILE A 20 -1.38 0.21 8.02
C ILE A 20 0.11 0.24 8.04
N SER A 21 0.80 -0.91 8.05
CA SER A 21 2.23 -0.95 7.96
C SER A 21 2.60 -1.76 6.77
N VAL A 22 3.70 -1.36 6.11
CA VAL A 22 4.11 -1.84 4.83
C VAL A 22 5.50 -2.38 4.97
N THR A 23 6.00 -3.12 3.96
CA THR A 23 7.29 -3.74 3.98
C THR A 23 7.93 -3.54 2.65
N GLY A 24 8.27 -2.27 2.37
CA GLY A 24 8.97 -1.90 1.17
C GLY A 24 8.06 -1.81 -0.01
N GLY A 25 8.53 -2.35 -1.16
CA GLY A 25 7.92 -2.12 -2.43
C GLY A 25 8.61 -0.95 -3.06
N VAL A 26 9.64 -1.23 -3.89
CA VAL A 26 10.51 -0.21 -4.39
C VAL A 26 10.46 -0.14 -5.88
N ASN A 27 11.55 -0.48 -6.58
CA ASN A 27 11.76 -0.19 -7.97
C ASN A 27 11.31 -1.33 -8.83
N THR A 28 11.93 -2.51 -8.72
CA THR A 28 11.40 -3.71 -9.30
C THR A 28 11.48 -4.80 -8.28
N SER A 29 10.35 -5.04 -7.59
CA SER A 29 10.31 -5.78 -6.37
C SER A 29 9.21 -6.77 -6.36
N VAL A 30 7.97 -6.35 -6.02
CA VAL A 30 6.77 -7.11 -6.12
C VAL A 30 6.35 -7.21 -7.55
N ARG A 31 6.27 -6.04 -8.23
CA ARG A 31 6.31 -5.86 -9.64
C ARG A 31 7.18 -4.66 -9.81
N HIS A 32 7.22 -4.02 -10.99
CA HIS A 32 7.84 -2.75 -11.16
C HIS A 32 6.88 -1.64 -10.88
N GLY A 33 6.47 -1.51 -9.61
CA GLY A 33 5.43 -0.62 -9.18
C GLY A 33 4.36 -1.35 -8.46
N GLY A 34 3.82 -0.74 -7.39
CA GLY A 34 2.93 -1.36 -6.47
C GLY A 34 3.61 -1.75 -5.21
N ILE A 35 2.82 -1.86 -4.12
CA ILE A 35 3.28 -1.91 -2.77
C ILE A 35 2.59 -3.01 -2.06
N TYR A 36 3.20 -3.63 -1.03
CA TYR A 36 2.76 -4.83 -0.40
C TYR A 36 2.56 -4.62 1.06
N VAL A 37 1.36 -4.93 1.59
CA VAL A 37 1.00 -4.71 2.95
C VAL A 37 1.63 -5.70 3.88
N LYS A 38 2.18 -5.22 5.01
CA LYS A 38 2.81 -6.04 6.01
C LYS A 38 1.87 -6.48 7.06
N ALA A 39 1.36 -5.56 7.91
CA ALA A 39 0.55 -5.90 9.04
C ALA A 39 -0.29 -4.73 9.42
N VAL A 40 -1.41 -4.98 10.12
CA VAL A 40 -2.35 -3.95 10.47
C VAL A 40 -2.03 -3.28 11.77
N ILE A 41 -2.05 -1.93 11.75
CA ILE A 41 -1.93 -1.11 12.92
C ILE A 41 -3.28 -0.97 13.54
N PRO A 42 -3.56 -1.24 14.77
CA PRO A 42 -4.88 -1.16 15.33
C PRO A 42 -5.30 0.22 15.70
N GLN A 43 -4.85 1.24 14.94
CA GLN A 43 -5.14 2.62 15.14
C GLN A 43 -5.24 3.24 13.79
N GLY A 44 -6.25 2.82 13.00
CA GLY A 44 -6.40 3.31 11.66
C GLY A 44 -7.65 2.84 11.02
N ALA A 45 -7.93 3.34 9.80
CA ALA A 45 -9.13 3.11 9.05
C ALA A 45 -9.29 1.70 8.59
N ALA A 46 -8.17 1.07 8.19
CA ALA A 46 -8.09 -0.30 7.76
C ALA A 46 -8.65 -1.29 8.72
N GLU A 47 -8.28 -1.21 10.01
CA GLU A 47 -8.80 -2.03 11.05
C GLU A 47 -10.13 -1.58 11.54
N SER A 48 -10.38 -0.26 11.61
CA SER A 48 -11.61 0.31 12.05
C SER A 48 -12.80 -0.11 11.24
N ASP A 49 -12.72 0.03 9.90
CA ASP A 49 -13.75 -0.43 9.02
C ASP A 49 -13.70 -1.91 8.83
N GLY A 50 -12.48 -2.48 8.70
CA GLY A 50 -12.27 -3.89 8.59
C GLY A 50 -12.42 -4.36 7.19
N ARG A 51 -11.50 -3.93 6.31
CA ARG A 51 -11.75 -3.95 4.90
C ARG A 51 -10.58 -4.42 4.09
N ILE A 52 -9.36 -4.35 4.66
CA ILE A 52 -8.13 -4.75 4.07
C ILE A 52 -7.49 -5.62 5.11
N HIS A 53 -6.61 -6.57 4.75
CA HIS A 53 -5.86 -7.29 5.73
C HIS A 53 -4.46 -7.51 5.27
N LYS A 54 -3.62 -8.15 6.09
CA LYS A 54 -2.24 -8.38 5.79
C LYS A 54 -1.96 -9.13 4.54
N GLY A 55 -0.94 -8.69 3.77
CA GLY A 55 -0.56 -9.30 2.53
C GLY A 55 -1.43 -9.05 1.36
N ASP A 56 -2.27 -8.00 1.38
CA ASP A 56 -2.89 -7.49 0.19
C ASP A 56 -1.95 -6.57 -0.51
N ARG A 57 -2.18 -6.28 -1.80
CA ARG A 57 -1.24 -5.56 -2.60
C ARG A 57 -1.91 -4.41 -3.27
N VAL A 58 -1.42 -3.17 -3.09
CA VAL A 58 -2.03 -2.00 -3.64
C VAL A 58 -1.45 -1.65 -4.96
N LEU A 59 -2.28 -1.08 -5.85
CA LEU A 59 -1.89 -0.71 -7.18
C LEU A 59 -2.12 0.75 -7.39
N ALA A 60 -3.31 1.19 -7.83
CA ALA A 60 -3.53 2.53 -8.26
C ALA A 60 -4.06 3.44 -7.20
N VAL A 61 -3.69 4.73 -7.27
CA VAL A 61 -4.12 5.77 -6.38
C VAL A 61 -5.03 6.70 -7.10
N ASN A 62 -6.35 6.41 -7.12
CA ASN A 62 -7.37 7.25 -7.66
C ASN A 62 -7.21 7.61 -9.10
N GLY A 63 -7.17 6.58 -9.97
CA GLY A 63 -6.92 6.73 -11.38
C GLY A 63 -5.49 6.49 -11.74
N VAL A 64 -4.55 6.90 -10.89
CA VAL A 64 -3.16 6.94 -11.24
C VAL A 64 -2.44 5.71 -10.79
N SER A 65 -1.94 4.88 -11.72
CA SER A 65 -0.94 3.90 -11.45
C SER A 65 0.40 4.55 -11.38
N LEU A 66 1.19 4.25 -10.34
CA LEU A 66 2.43 4.91 -10.05
C LEU A 66 3.56 4.20 -10.71
N GLU A 67 3.67 4.39 -12.04
CA GLU A 67 4.46 3.62 -12.95
C GLU A 67 5.94 3.66 -12.75
N GLY A 68 6.50 2.58 -12.16
CA GLY A 68 7.91 2.45 -11.90
C GLY A 68 8.42 3.35 -10.83
N ALA A 69 7.50 3.94 -10.04
CA ALA A 69 7.82 4.84 -8.97
C ALA A 69 8.31 4.13 -7.75
N THR A 70 9.29 4.73 -7.07
CA THR A 70 9.97 4.20 -5.93
C THR A 70 9.18 4.28 -4.68
N HIS A 71 9.71 3.67 -3.60
CA HIS A 71 9.11 3.62 -2.29
C HIS A 71 8.90 4.97 -1.69
N LYS A 72 9.85 5.90 -1.88
CA LYS A 72 9.72 7.27 -1.48
C LYS A 72 8.55 7.96 -2.08
N GLN A 73 8.39 7.88 -3.42
CA GLN A 73 7.36 8.52 -4.17
C GLN A 73 6.02 7.92 -3.95
N ALA A 74 5.93 6.58 -3.85
CA ALA A 74 4.72 5.87 -3.56
C ALA A 74 4.16 6.19 -2.21
N VAL A 75 5.00 6.28 -1.16
CA VAL A 75 4.56 6.62 0.16
C VAL A 75 4.19 8.06 0.26
N GLU A 76 4.93 8.97 -0.39
CA GLU A 76 4.63 10.36 -0.50
C GLU A 76 3.31 10.64 -1.12
N THR A 77 2.92 9.82 -2.11
CA THR A 77 1.66 9.84 -2.78
C THR A 77 0.52 9.43 -1.91
N LEU A 78 0.67 8.40 -1.05
CA LEU A 78 -0.35 7.98 -0.15
C LEU A 78 -0.45 8.81 1.09
N ARG A 79 0.60 9.56 1.45
CA ARG A 79 0.52 10.58 2.44
C ARG A 79 -0.22 11.78 1.96
N ASN A 80 -0.25 12.02 0.63
CA ASN A 80 -0.99 13.08 0.02
C ASN A 80 -2.38 12.67 -0.33
N THR A 81 -3.24 12.50 0.68
CA THR A 81 -4.64 12.25 0.53
C THR A 81 -5.41 13.47 0.84
N GLY A 82 -5.59 13.75 2.14
CA GLY A 82 -6.40 14.80 2.68
C GLY A 82 -7.54 14.15 3.41
N GLN A 83 -8.78 14.40 2.94
CA GLN A 83 -9.96 13.78 3.48
C GLN A 83 -10.23 12.44 2.92
N VAL A 84 -10.22 12.27 1.58
CA VAL A 84 -10.74 11.12 0.92
C VAL A 84 -9.67 10.19 0.42
N VAL A 85 -9.95 8.88 0.41
CA VAL A 85 -9.02 7.84 0.10
C VAL A 85 -9.62 6.90 -0.89
N HIS A 86 -9.13 6.88 -2.14
CA HIS A 86 -9.60 5.96 -3.14
C HIS A 86 -8.49 5.15 -3.70
N LEU A 87 -8.45 3.84 -3.41
CA LEU A 87 -7.37 2.98 -3.82
C LEU A 87 -7.89 1.75 -4.49
N LEU A 88 -7.07 1.16 -5.37
CA LEU A 88 -7.37 -0.04 -6.09
C LEU A 88 -6.32 -1.02 -5.73
N LEU A 89 -6.73 -2.23 -5.30
CA LEU A 89 -5.85 -3.20 -4.73
C LEU A 89 -6.27 -4.59 -5.06
N GLU A 90 -5.32 -5.54 -5.01
CA GLU A 90 -5.55 -6.94 -5.23
C GLU A 90 -5.51 -7.65 -3.92
N LYS A 91 -6.46 -8.57 -3.70
CA LYS A 91 -6.48 -9.45 -2.57
C LYS A 91 -5.41 -10.47 -2.61
N GLY A 92 -4.67 -10.66 -1.51
CA GLY A 92 -3.62 -11.62 -1.35
C GLY A 92 -4.04 -13.03 -1.14
N GLN A 93 -3.08 -13.84 -0.64
CA GLN A 93 -3.17 -15.27 -0.55
C GLN A 93 -3.51 -15.76 0.82
N SER A 94 -3.70 -17.08 0.97
CA SER A 94 -4.08 -17.72 2.19
C SER A 94 -2.96 -17.83 3.17
N PRO A 95 -3.14 -17.80 4.45
CA PRO A 95 -2.18 -18.34 5.37
C PRO A 95 -2.18 -19.83 5.35
N THR A 96 -1.12 -20.44 5.89
CA THR A 96 -0.94 -21.86 5.99
C THR A 96 -0.66 -22.22 7.44
N PHE B 1 30.97 -9.23 -2.29
CA PHE B 1 29.50 -9.18 -2.52
C PHE B 1 29.16 -8.07 -3.46
N ALA B 2 28.64 -6.94 -2.98
CA ALA B 2 28.15 -5.89 -3.83
C ALA B 2 29.17 -4.89 -4.22
N ASP B 3 29.59 -4.01 -3.29
CA ASP B 3 30.44 -2.88 -3.49
C ASP B 3 29.90 -1.89 -4.45
N SER B 4 28.61 -1.50 -4.27
CA SER B 4 27.92 -0.53 -5.06
C SER B 4 27.96 0.80 -4.38
N GLU B 5 27.45 1.86 -5.04
CA GLU B 5 27.28 3.16 -4.46
C GLU B 5 25.91 3.30 -3.92
N ALA B 6 25.64 4.35 -3.13
CA ALA B 6 24.38 4.55 -2.48
C ALA B 6 23.47 5.43 -3.27
N ASP B 7 22.37 4.87 -3.80
CA ASP B 7 21.33 5.63 -4.44
C ASP B 7 20.29 5.97 -3.43
N GLU B 8 20.48 7.12 -2.75
CA GLU B 8 19.56 7.70 -1.83
C GLU B 8 19.32 6.89 -0.60
N ASN B 9 18.06 6.73 -0.15
CA ASN B 9 17.73 6.01 1.04
C ASN B 9 16.59 5.08 0.81
N GLU B 10 16.72 3.81 1.21
CA GLU B 10 15.71 2.81 1.07
C GLU B 10 15.37 2.22 2.39
N GLN B 11 14.17 2.49 2.93
CA GLN B 11 13.73 1.92 4.17
C GLN B 11 12.31 1.46 4.10
N VAL B 12 11.64 1.32 5.26
CA VAL B 12 10.33 0.78 5.42
C VAL B 12 9.52 1.83 6.08
N SER B 13 8.24 1.97 5.67
CA SER B 13 7.44 3.14 5.88
C SER B 13 6.08 2.82 6.40
N ALA B 14 5.39 3.83 6.97
CA ALA B 14 4.01 3.75 7.35
C ALA B 14 3.26 4.97 6.93
N VAL B 15 1.95 4.81 6.72
CA VAL B 15 0.96 5.83 6.54
C VAL B 15 -0.38 5.26 6.97
N PRO A 1 -13.94 -13.99 -12.72
CA PRO A 1 -13.57 -13.50 -11.38
C PRO A 1 -12.76 -14.54 -10.69
N LYS A 2 -11.47 -14.27 -10.41
CA LYS A 2 -10.60 -15.15 -9.69
C LYS A 2 -10.78 -15.00 -8.22
N PRO A 3 -10.23 -15.81 -7.35
CA PRO A 3 -10.45 -15.66 -5.94
C PRO A 3 -9.87 -14.42 -5.35
N GLY A 4 -8.75 -13.93 -5.89
CA GLY A 4 -8.19 -12.66 -5.52
C GLY A 4 -8.62 -11.60 -6.48
N ASP A 5 -9.90 -11.18 -6.43
CA ASP A 5 -10.45 -10.22 -7.34
C ASP A 5 -10.15 -8.81 -6.96
N ILE A 6 -10.26 -7.91 -7.97
CA ILE A 6 -9.91 -6.52 -7.87
C ILE A 6 -11.02 -5.77 -7.24
N PHE A 7 -10.70 -4.87 -6.30
CA PHE A 7 -11.65 -4.13 -5.53
C PHE A 7 -11.23 -2.70 -5.38
N GLU A 8 -12.22 -1.79 -5.25
CA GLU A 8 -11.98 -0.38 -5.19
C GLU A 8 -12.45 0.15 -3.88
N VAL A 9 -11.53 0.63 -3.03
CA VAL A 9 -11.81 1.04 -1.69
C VAL A 9 -11.90 2.52 -1.55
N GLU A 10 -12.77 2.98 -0.63
CA GLU A 10 -12.88 4.35 -0.24
C GLU A 10 -12.63 4.44 1.22
N LEU A 11 -11.80 5.41 1.66
CA LEU A 11 -11.76 5.85 3.01
C LEU A 11 -11.84 7.34 3.02
N ALA A 12 -12.46 7.93 4.05
CA ALA A 12 -12.55 9.34 4.24
C ALA A 12 -12.16 9.62 5.64
N LYS A 13 -11.32 10.64 5.88
CA LYS A 13 -10.64 10.83 7.13
C LYS A 13 -11.53 11.16 8.28
N ASN A 14 -11.57 10.32 9.33
CA ASN A 14 -12.32 10.55 10.53
C ASN A 14 -11.43 10.62 11.72
N ASP A 15 -11.07 9.47 12.32
CA ASP A 15 -10.15 9.32 13.40
C ASP A 15 -8.76 9.43 12.90
N ASN A 16 -8.50 8.80 11.74
CA ASN A 16 -7.30 8.93 10.98
C ASN A 16 -7.64 8.57 9.58
N SER A 17 -6.66 8.45 8.68
CA SER A 17 -6.91 8.09 7.31
C SER A 17 -6.80 6.61 7.14
N LEU A 18 -5.58 6.05 7.15
CA LEU A 18 -5.36 4.64 6.98
C LEU A 18 -5.08 3.98 8.28
N GLY A 19 -3.80 3.87 8.68
CA GLY A 19 -3.37 3.13 9.83
C GLY A 19 -2.83 1.79 9.45
N ILE A 20 -1.88 1.76 8.50
CA ILE A 20 -1.48 0.52 7.90
C ILE A 20 -0.02 0.53 7.56
N SER A 21 0.59 -0.66 7.42
CA SER A 21 1.98 -0.82 7.16
C SER A 21 2.18 -1.59 5.90
N VAL A 22 3.28 -1.31 5.18
CA VAL A 22 3.52 -1.80 3.86
C VAL A 22 4.82 -2.52 3.84
N THR A 23 5.09 -3.33 2.81
CA THR A 23 6.40 -3.82 2.53
C THR A 23 6.57 -3.71 1.05
N GLY A 24 7.81 -3.57 0.57
CA GLY A 24 8.12 -3.34 -0.82
C GLY A 24 8.25 -1.90 -1.14
N GLY A 25 7.81 -1.48 -2.35
CA GLY A 25 7.92 -0.15 -2.84
C GLY A 25 9.21 0.15 -3.52
N VAL A 26 10.14 -0.83 -3.50
CA VAL A 26 11.51 -0.66 -3.87
C VAL A 26 11.69 -1.17 -5.26
N ASN A 27 12.79 -0.76 -5.93
CA ASN A 27 13.01 -0.83 -7.34
C ASN A 27 13.16 -2.21 -7.88
N THR A 28 13.47 -3.18 -7.00
CA THR A 28 13.09 -4.55 -7.20
C THR A 28 12.46 -4.95 -5.90
N SER A 29 11.23 -5.48 -5.93
CA SER A 29 10.57 -5.99 -4.78
C SER A 29 9.55 -7.00 -5.19
N VAL A 30 8.26 -6.63 -5.23
CA VAL A 30 7.20 -7.47 -5.70
C VAL A 30 7.22 -7.56 -7.18
N ARG A 31 7.44 -6.43 -7.87
CA ARG A 31 7.85 -6.35 -9.24
C ARG A 31 8.99 -5.41 -9.30
N HIS A 32 9.12 -4.63 -10.40
CA HIS A 32 10.00 -3.52 -10.58
C HIS A 32 9.45 -2.30 -9.92
N GLY A 33 9.16 -2.40 -8.60
CA GLY A 33 8.34 -1.49 -7.86
C GLY A 33 7.21 -2.29 -7.32
N GLY A 34 6.10 -1.61 -6.95
CA GLY A 34 4.91 -2.22 -6.46
C GLY A 34 4.84 -2.22 -4.97
N ILE A 35 3.62 -2.17 -4.42
CA ILE A 35 3.38 -1.95 -3.02
C ILE A 35 2.51 -3.06 -2.53
N TYR A 36 2.90 -3.66 -1.39
CA TYR A 36 2.27 -4.80 -0.81
C TYR A 36 1.88 -4.49 0.60
N VAL A 37 0.70 -4.94 1.06
CA VAL A 37 0.28 -4.70 2.40
C VAL A 37 0.95 -5.63 3.35
N LYS A 38 1.58 -5.10 4.42
CA LYS A 38 2.25 -5.91 5.40
C LYS A 38 1.31 -6.28 6.50
N ALA A 39 0.79 -5.29 7.24
CA ALA A 39 -0.06 -5.56 8.36
C ALA A 39 -0.85 -4.33 8.68
N VAL A 40 -2.00 -4.50 9.36
CA VAL A 40 -2.83 -3.45 9.83
C VAL A 40 -2.40 -3.10 11.21
N ILE A 41 -2.24 -1.81 11.52
CA ILE A 41 -1.84 -1.35 12.81
C ILE A 41 -3.04 -1.28 13.69
N PRO A 42 -3.15 -1.83 14.85
CA PRO A 42 -4.34 -1.82 15.64
C PRO A 42 -4.56 -0.54 16.38
N GLN A 43 -4.27 0.60 15.72
CA GLN A 43 -4.43 1.95 16.18
C GLN A 43 -4.83 2.75 15.00
N GLY A 44 -5.89 2.35 14.28
CA GLY A 44 -6.25 2.99 13.05
C GLY A 44 -7.54 2.54 12.46
N ALA A 45 -8.10 3.36 11.56
CA ALA A 45 -9.27 3.15 10.78
C ALA A 45 -9.27 1.93 9.93
N ALA A 46 -8.10 1.51 9.42
CA ALA A 46 -7.91 0.25 8.75
C ALA A 46 -8.34 -0.94 9.52
N GLU A 47 -8.10 -0.97 10.84
CA GLU A 47 -8.57 -2.00 11.73
C GLU A 47 -10.00 -1.84 12.07
N SER A 48 -10.47 -0.59 12.28
CA SER A 48 -11.83 -0.28 12.59
C SER A 48 -12.79 -0.75 11.55
N ASP A 49 -12.48 -0.47 10.28
CA ASP A 49 -13.25 -0.86 9.14
C ASP A 49 -13.10 -2.31 8.83
N GLY A 50 -11.90 -2.76 8.42
CA GLY A 50 -11.66 -4.13 8.07
C GLY A 50 -12.12 -4.52 6.70
N ARG A 51 -11.32 -4.16 5.68
CA ARG A 51 -11.64 -4.32 4.30
C ARG A 51 -10.44 -4.78 3.54
N ILE A 52 -9.24 -4.37 3.99
CA ILE A 52 -7.98 -4.62 3.38
C ILE A 52 -7.17 -5.26 4.45
N HIS A 53 -6.37 -6.29 4.13
CA HIS A 53 -5.62 -6.98 5.13
C HIS A 53 -4.26 -7.31 4.60
N LYS A 54 -3.47 -8.07 5.40
CA LYS A 54 -2.14 -8.47 5.06
C LYS A 54 -2.03 -9.23 3.78
N GLY A 55 -1.03 -8.87 2.95
CA GLY A 55 -0.77 -9.46 1.69
C GLY A 55 -1.64 -9.11 0.53
N ASP A 56 -2.51 -8.08 0.63
CA ASP A 56 -3.22 -7.56 -0.49
C ASP A 56 -2.34 -6.70 -1.33
N ARG A 57 -2.64 -6.55 -2.64
CA ARG A 57 -1.72 -6.10 -3.64
C ARG A 57 -2.28 -4.91 -4.34
N VAL A 58 -1.66 -3.72 -4.23
CA VAL A 58 -2.27 -2.52 -4.72
C VAL A 58 -1.85 -2.14 -6.10
N LEU A 59 -2.72 -1.40 -6.80
CA LEU A 59 -2.50 -0.96 -8.15
C LEU A 59 -2.55 0.53 -8.22
N ALA A 60 -3.75 1.12 -8.44
CA ALA A 60 -3.89 2.48 -8.83
C ALA A 60 -4.23 3.42 -7.73
N VAL A 61 -3.64 4.63 -7.76
CA VAL A 61 -3.92 5.69 -6.84
C VAL A 61 -4.93 6.58 -7.46
N ASN A 62 -6.20 6.46 -7.01
CA ASN A 62 -7.32 7.24 -7.45
C ASN A 62 -7.58 7.15 -8.91
N GLY A 63 -7.49 5.92 -9.46
CA GLY A 63 -7.74 5.64 -10.85
C GLY A 63 -6.49 5.54 -11.67
N VAL A 64 -5.41 6.21 -11.27
CA VAL A 64 -4.19 6.29 -12.02
C VAL A 64 -3.24 5.20 -11.65
N SER A 65 -2.96 4.28 -12.60
CA SER A 65 -1.89 3.34 -12.49
C SER A 65 -0.58 3.95 -12.88
N LEU A 66 0.34 4.14 -11.93
CA LEU A 66 1.64 4.71 -12.17
C LEU A 66 2.66 3.69 -11.83
N GLU A 67 2.97 2.75 -12.75
CA GLU A 67 3.99 1.76 -12.52
C GLU A 67 5.37 2.30 -12.49
N GLY A 68 6.24 1.73 -11.62
CA GLY A 68 7.62 2.07 -11.54
C GLY A 68 7.99 2.93 -10.39
N ALA A 69 7.01 3.58 -9.72
CA ALA A 69 7.19 4.46 -8.61
C ALA A 69 7.90 3.88 -7.45
N THR A 70 8.95 4.58 -6.96
CA THR A 70 9.66 4.26 -5.76
C THR A 70 8.85 4.58 -4.55
N HIS A 71 9.25 4.04 -3.39
CA HIS A 71 8.48 4.04 -2.19
C HIS A 71 8.14 5.39 -1.65
N LYS A 72 9.08 6.34 -1.66
CA LYS A 72 8.89 7.72 -1.34
C LYS A 72 7.85 8.40 -2.14
N GLN A 73 7.74 8.08 -3.45
CA GLN A 73 6.81 8.66 -4.37
C GLN A 73 5.42 8.21 -4.09
N ALA A 74 5.21 6.92 -3.82
CA ALA A 74 3.95 6.38 -3.42
C ALA A 74 3.49 6.87 -2.09
N VAL A 75 4.34 6.83 -1.07
CA VAL A 75 4.03 7.18 0.29
C VAL A 75 3.57 8.58 0.45
N GLU A 76 4.33 9.59 -0.03
CA GLU A 76 3.93 10.95 0.12
C GLU A 76 2.76 11.35 -0.71
N THR A 77 2.46 10.64 -1.80
CA THR A 77 1.26 10.80 -2.57
C THR A 77 0.05 10.42 -1.77
N LEU A 78 0.14 9.34 -0.98
CA LEU A 78 -0.92 8.88 -0.15
C LEU A 78 -1.02 9.62 1.14
N ARG A 79 0.08 10.20 1.67
CA ARG A 79 0.06 11.12 2.76
C ARG A 79 -0.62 12.40 2.40
N ASN A 80 -0.35 12.96 1.21
CA ASN A 80 -0.97 14.14 0.68
C ASN A 80 -2.33 13.91 0.13
N THR A 81 -3.22 13.31 0.94
CA THR A 81 -4.60 13.08 0.69
C THR A 81 -5.41 13.99 1.54
N GLY A 82 -5.73 13.60 2.78
CA GLY A 82 -6.33 14.49 3.73
C GLY A 82 -7.82 14.42 3.79
N GLN A 83 -8.54 14.63 2.67
CA GLN A 83 -9.96 14.48 2.64
C GLN A 83 -10.38 13.07 2.44
N VAL A 84 -10.11 12.53 1.23
CA VAL A 84 -10.57 11.24 0.81
C VAL A 84 -9.43 10.45 0.26
N VAL A 85 -9.42 9.14 0.55
CA VAL A 85 -8.46 8.18 0.09
C VAL A 85 -9.16 7.21 -0.78
N HIS A 86 -8.92 7.24 -2.11
CA HIS A 86 -9.50 6.32 -3.03
C HIS A 86 -8.43 5.50 -3.69
N LEU A 87 -8.57 4.17 -3.66
CA LEU A 87 -7.55 3.25 -4.09
C LEU A 87 -8.12 2.09 -4.81
N LEU A 88 -7.32 1.48 -5.71
CA LEU A 88 -7.68 0.34 -6.49
C LEU A 88 -6.69 -0.73 -6.22
N LEU A 89 -7.14 -1.92 -5.78
CA LEU A 89 -6.25 -2.97 -5.36
C LEU A 89 -6.81 -4.31 -5.66
N GLU A 90 -5.96 -5.35 -5.58
CA GLU A 90 -6.26 -6.72 -5.82
C GLU A 90 -6.17 -7.46 -4.53
N LYS A 91 -7.07 -8.43 -4.28
CA LYS A 91 -6.94 -9.30 -3.16
C LYS A 91 -5.82 -10.28 -3.34
N GLY A 92 -5.04 -10.49 -2.27
CA GLY A 92 -3.88 -11.33 -2.27
C GLY A 92 -4.13 -12.78 -2.06
N GLN A 93 -3.21 -13.43 -1.34
CA GLN A 93 -3.25 -14.82 -1.02
C GLN A 93 -4.00 -15.09 0.24
N SER A 94 -4.32 -16.37 0.50
CA SER A 94 -4.98 -16.82 1.68
C SER A 94 -4.01 -17.04 2.78
N PRO A 95 -4.36 -17.08 4.04
CA PRO A 95 -3.48 -17.53 5.08
C PRO A 95 -3.13 -18.97 5.05
N THR A 96 -2.21 -19.41 5.94
CA THR A 96 -1.76 -20.75 6.03
C THR A 96 -2.41 -21.49 7.19
N PHE B 1 30.47 -11.21 -2.07
CA PHE B 1 29.07 -10.79 -2.26
C PHE B 1 28.96 -9.55 -3.06
N ALA B 2 28.99 -8.36 -2.44
CA ALA B 2 28.82 -7.10 -3.11
C ALA B 2 30.10 -6.41 -3.42
N ASP B 3 30.74 -5.82 -2.39
CA ASP B 3 31.89 -4.97 -2.45
C ASP B 3 31.74 -3.73 -3.26
N SER B 4 30.86 -2.82 -2.79
CA SER B 4 30.70 -1.49 -3.29
C SER B 4 31.03 -0.53 -2.20
N GLU B 5 30.64 0.75 -2.37
CA GLU B 5 30.73 1.76 -1.34
C GLU B 5 29.34 2.06 -0.88
N ALA B 6 28.53 2.68 -1.74
CA ALA B 6 27.28 3.31 -1.38
C ALA B 6 26.08 2.43 -1.52
N ASP B 7 25.80 1.58 -0.52
CA ASP B 7 24.59 0.83 -0.41
C ASP B 7 23.50 1.63 0.19
N GLU B 8 23.64 2.05 1.46
CA GLU B 8 22.75 2.90 2.18
C GLU B 8 21.48 2.23 2.58
N ASN B 9 20.29 2.79 2.30
CA ASN B 9 19.05 2.22 2.73
C ASN B 9 17.91 2.52 1.84
N GLU B 10 16.88 1.65 1.92
CA GLU B 10 15.52 1.87 1.55
C GLU B 10 14.75 1.57 2.79
N GLN B 11 13.55 2.14 2.99
CA GLN B 11 12.86 2.08 4.24
C GLN B 11 11.51 1.47 4.18
N VAL B 12 10.83 1.36 5.33
CA VAL B 12 9.56 0.73 5.52
C VAL B 12 8.67 1.79 6.07
N SER B 13 7.40 1.86 5.63
CA SER B 13 6.58 3.03 5.63
C SER B 13 5.21 2.81 6.18
N ALA B 14 4.70 3.78 6.95
CA ALA B 14 3.38 3.82 7.51
C ALA B 14 2.63 5.03 7.10
N VAL B 15 1.28 4.97 7.15
CA VAL B 15 0.39 6.02 6.79
C VAL B 15 -0.93 5.83 7.52
N PRO A 1 -14.56 -12.91 -13.09
CA PRO A 1 -13.14 -12.72 -12.70
C PRO A 1 -12.59 -14.00 -12.19
N LYS A 2 -11.30 -14.02 -11.81
CA LYS A 2 -10.68 -15.09 -11.08
C LYS A 2 -11.01 -15.03 -9.64
N PRO A 3 -10.76 -15.98 -8.78
CA PRO A 3 -11.18 -15.92 -7.42
C PRO A 3 -10.54 -14.85 -6.61
N GLY A 4 -9.28 -14.46 -6.91
CA GLY A 4 -8.68 -13.29 -6.37
C GLY A 4 -9.02 -12.10 -7.22
N ASP A 5 -10.21 -11.52 -7.02
CA ASP A 5 -10.68 -10.43 -7.82
C ASP A 5 -10.13 -9.10 -7.41
N ILE A 6 -10.13 -8.16 -8.39
CA ILE A 6 -9.77 -6.79 -8.21
C ILE A 6 -10.97 -6.02 -7.78
N PHE A 7 -10.81 -5.14 -6.79
CA PHE A 7 -11.85 -4.33 -6.25
C PHE A 7 -11.29 -3.00 -5.87
N GLU A 8 -12.16 -2.02 -5.60
CA GLU A 8 -11.76 -0.74 -5.12
C GLU A 8 -12.49 -0.43 -3.85
N VAL A 9 -11.80 0.24 -2.91
CA VAL A 9 -12.39 0.77 -1.72
C VAL A 9 -12.58 2.24 -1.86
N GLU A 10 -13.62 2.77 -1.20
CA GLU A 10 -13.88 4.17 -1.10
C GLU A 10 -14.11 4.49 0.34
N LEU A 11 -13.03 4.88 1.03
CA LEU A 11 -13.04 5.07 2.45
C LEU A 11 -12.63 6.48 2.74
N ALA A 12 -12.88 7.00 3.95
CA ALA A 12 -12.42 8.29 4.33
C ALA A 12 -11.84 8.22 5.70
N LYS A 13 -11.21 9.32 6.17
CA LYS A 13 -10.71 9.46 7.50
C LYS A 13 -11.79 9.61 8.52
N ASN A 14 -12.06 8.54 9.27
CA ASN A 14 -12.95 8.54 10.40
C ASN A 14 -12.14 8.64 11.65
N ASP A 15 -11.40 7.59 12.03
CA ASP A 15 -10.45 7.55 13.10
C ASP A 15 -9.25 8.36 12.74
N ASN A 16 -8.39 7.78 11.89
CA ASN A 16 -7.26 8.37 11.25
C ASN A 16 -7.35 7.85 9.86
N SER A 17 -6.40 8.15 8.95
CA SER A 17 -6.63 7.97 7.55
C SER A 17 -6.48 6.56 7.11
N LEU A 18 -5.30 5.92 7.25
CA LEU A 18 -5.12 4.57 6.81
C LEU A 18 -5.17 3.63 7.97
N GLY A 19 -4.03 3.36 8.62
CA GLY A 19 -3.90 2.37 9.64
C GLY A 19 -3.28 1.14 9.09
N ILE A 20 -2.20 1.28 8.29
CA ILE A 20 -1.63 0.17 7.61
C ILE A 20 -0.18 0.39 7.37
N SER A 21 0.63 -0.68 7.37
CA SER A 21 2.05 -0.62 7.27
C SER A 21 2.51 -1.42 6.10
N VAL A 22 3.73 -1.13 5.60
CA VAL A 22 4.16 -1.44 4.27
C VAL A 22 5.37 -2.30 4.34
N THR A 23 5.72 -2.99 3.23
CA THR A 23 6.99 -3.61 3.06
C THR A 23 7.31 -3.55 1.60
N GLY A 24 8.59 -3.47 1.22
CA GLY A 24 9.04 -3.45 -0.13
C GLY A 24 8.80 -2.18 -0.87
N GLY A 25 8.62 -2.29 -2.20
CA GLY A 25 8.13 -1.25 -3.05
C GLY A 25 9.14 -0.37 -3.72
N VAL A 26 10.43 -0.73 -3.73
CA VAL A 26 11.49 0.19 -3.98
C VAL A 26 11.83 0.36 -5.43
N ASN A 27 12.98 -0.17 -5.90
CA ASN A 27 13.49 0.06 -7.21
C ASN A 27 12.99 -0.97 -8.16
N THR A 28 12.95 -2.24 -7.72
CA THR A 28 12.10 -3.25 -8.32
C THR A 28 11.50 -3.96 -7.16
N SER A 29 10.30 -4.56 -7.30
CA SER A 29 9.68 -5.17 -6.19
C SER A 29 8.73 -6.23 -6.63
N VAL A 30 7.43 -5.90 -6.82
CA VAL A 30 6.40 -6.81 -7.20
C VAL A 30 6.51 -7.14 -8.64
N ARG A 31 6.56 -6.07 -9.47
CA ARG A 31 7.18 -6.09 -10.76
C ARG A 31 8.17 -4.98 -10.77
N HIS A 32 8.29 -4.21 -11.87
CA HIS A 32 9.02 -2.98 -11.96
C HIS A 32 8.28 -1.87 -11.31
N GLY A 33 8.15 -1.98 -9.97
CA GLY A 33 7.34 -1.17 -9.13
C GLY A 33 6.28 -2.00 -8.50
N GLY A 34 5.40 -1.35 -7.73
CA GLY A 34 4.33 -2.00 -7.03
C GLY A 34 4.72 -2.20 -5.60
N ILE A 35 3.76 -2.24 -4.68
CA ILE A 35 3.99 -2.32 -3.27
C ILE A 35 3.18 -3.47 -2.76
N TYR A 36 3.52 -4.03 -1.59
CA TYR A 36 2.80 -5.12 -0.99
C TYR A 36 2.38 -4.74 0.38
N VAL A 37 1.33 -5.41 0.90
CA VAL A 37 0.71 -5.11 2.16
C VAL A 37 1.30 -5.91 3.27
N LYS A 38 1.72 -5.27 4.37
CA LYS A 38 2.28 -5.96 5.50
C LYS A 38 1.30 -6.21 6.58
N ALA A 39 0.80 -5.17 7.27
CA ALA A 39 -0.01 -5.36 8.42
C ALA A 39 -0.91 -4.19 8.70
N VAL A 40 -2.04 -4.44 9.36
CA VAL A 40 -3.01 -3.49 9.77
C VAL A 40 -2.67 -2.98 11.13
N ILE A 41 -2.43 -1.65 11.25
CA ILE A 41 -2.13 -0.99 12.49
C ILE A 41 -3.39 -0.65 13.20
N PRO A 42 -3.61 -0.90 14.46
CA PRO A 42 -4.79 -0.46 15.15
C PRO A 42 -4.74 0.99 15.50
N GLN A 43 -4.71 1.86 14.47
CA GLN A 43 -4.81 3.28 14.61
C GLN A 43 -5.21 3.87 13.31
N GLY A 44 -6.33 3.40 12.73
CA GLY A 44 -6.81 4.00 11.53
C GLY A 44 -8.12 3.45 11.08
N ALA A 45 -8.65 3.97 9.96
CA ALA A 45 -9.86 3.57 9.34
C ALA A 45 -9.90 2.15 8.89
N ALA A 46 -8.75 1.60 8.46
CA ALA A 46 -8.58 0.24 8.07
C ALA A 46 -9.00 -0.77 9.09
N GLU A 47 -8.66 -0.51 10.36
CA GLU A 47 -9.03 -1.32 11.49
C GLU A 47 -10.31 -0.86 12.10
N SER A 48 -10.48 0.45 12.35
CA SER A 48 -11.61 0.98 13.03
C SER A 48 -12.91 0.89 12.31
N ASP A 49 -12.96 1.05 10.99
CA ASP A 49 -14.11 0.68 10.22
C ASP A 49 -14.05 -0.77 9.89
N GLY A 50 -12.91 -1.26 9.38
CA GLY A 50 -12.69 -2.65 9.13
C GLY A 50 -12.80 -2.98 7.68
N ARG A 51 -11.69 -2.92 6.93
CA ARG A 51 -11.76 -2.94 5.50
C ARG A 51 -10.73 -3.80 4.84
N ILE A 52 -9.42 -3.63 5.09
CA ILE A 52 -8.39 -4.21 4.29
C ILE A 52 -7.49 -4.98 5.20
N HIS A 53 -6.92 -6.10 4.73
CA HIS A 53 -6.22 -7.02 5.58
C HIS A 53 -4.78 -7.18 5.19
N LYS A 54 -3.99 -7.91 5.98
CA LYS A 54 -2.68 -8.36 5.61
C LYS A 54 -2.59 -9.26 4.42
N GLY A 55 -1.61 -9.01 3.53
CA GLY A 55 -1.32 -9.81 2.40
C GLY A 55 -2.20 -9.71 1.19
N ASP A 56 -2.86 -8.57 0.97
CA ASP A 56 -3.44 -8.19 -0.28
C ASP A 56 -2.41 -7.64 -1.20
N ARG A 57 -2.75 -7.31 -2.46
CA ARG A 57 -1.85 -6.67 -3.37
C ARG A 57 -2.47 -5.42 -3.87
N VAL A 58 -1.82 -4.26 -3.65
CA VAL A 58 -2.32 -2.98 -4.06
C VAL A 58 -1.79 -2.57 -5.40
N LEU A 59 -2.54 -1.73 -6.13
CA LEU A 59 -2.14 -1.26 -7.43
C LEU A 59 -2.15 0.22 -7.50
N ALA A 60 -3.33 0.84 -7.74
CA ALA A 60 -3.44 2.21 -8.10
C ALA A 60 -3.76 3.14 -6.99
N VAL A 61 -3.32 4.40 -7.09
CA VAL A 61 -3.57 5.47 -6.18
C VAL A 61 -4.58 6.36 -6.82
N ASN A 62 -5.88 6.12 -6.57
CA ASN A 62 -6.98 6.86 -7.09
C ASN A 62 -7.02 6.92 -8.58
N GLY A 63 -7.01 5.75 -9.24
CA GLY A 63 -7.07 5.63 -10.66
C GLY A 63 -5.77 5.35 -11.32
N VAL A 64 -4.67 5.98 -10.86
CA VAL A 64 -3.41 5.98 -11.52
C VAL A 64 -2.48 4.99 -10.91
N SER A 65 -1.73 4.20 -11.71
CA SER A 65 -0.78 3.26 -11.20
C SER A 65 0.47 3.95 -10.79
N LEU A 66 1.12 3.46 -9.72
CA LEU A 66 2.31 4.06 -9.19
C LEU A 66 3.56 3.52 -9.79
N GLU A 67 3.49 2.43 -10.57
CA GLU A 67 4.61 1.71 -11.09
C GLU A 67 5.56 2.54 -11.90
N GLY A 68 6.87 2.22 -11.79
CA GLY A 68 7.93 3.10 -12.15
C GLY A 68 8.50 3.84 -10.99
N ALA A 69 7.66 4.37 -10.09
CA ALA A 69 8.07 5.09 -8.93
C ALA A 69 8.57 4.24 -7.81
N THR A 70 9.35 4.85 -6.89
CA THR A 70 9.85 4.26 -5.69
C THR A 70 8.84 4.35 -4.59
N HIS A 71 9.08 3.62 -3.48
CA HIS A 71 8.33 3.71 -2.26
C HIS A 71 8.37 5.05 -1.62
N LYS A 72 9.51 5.75 -1.65
CA LYS A 72 9.70 7.12 -1.29
C LYS A 72 8.78 8.07 -1.98
N GLN A 73 8.62 7.93 -3.30
CA GLN A 73 7.76 8.75 -4.11
C GLN A 73 6.32 8.41 -3.95
N ALA A 74 6.01 7.12 -3.75
CA ALA A 74 4.70 6.61 -3.49
C ALA A 74 4.09 7.11 -2.22
N VAL A 75 4.84 7.15 -1.10
CA VAL A 75 4.33 7.62 0.16
C VAL A 75 4.15 9.10 0.21
N GLU A 76 4.89 9.87 -0.60
CA GLU A 76 4.68 11.26 -0.79
C GLU A 76 3.40 11.54 -1.50
N THR A 77 3.13 10.78 -2.59
CA THR A 77 1.96 10.85 -3.41
C THR A 77 0.71 10.58 -2.65
N LEU A 78 0.77 9.72 -1.63
CA LEU A 78 -0.34 9.40 -0.78
C LEU A 78 -0.56 10.44 0.27
N ARG A 79 0.46 10.77 1.07
CA ARG A 79 0.30 11.60 2.23
C ARG A 79 -0.05 13.03 1.99
N ASN A 80 -0.09 13.51 0.74
CA ASN A 80 -0.60 14.82 0.45
C ASN A 80 -2.08 14.90 0.26
N THR A 81 -2.77 13.82 0.63
CA THR A 81 -4.20 13.75 0.70
C THR A 81 -4.64 13.85 2.13
N GLY A 82 -5.04 12.75 2.79
CA GLY A 82 -5.46 12.73 4.16
C GLY A 82 -6.89 12.36 4.33
N GLN A 83 -7.81 13.11 3.70
CA GLN A 83 -9.23 12.97 3.88
C GLN A 83 -9.83 11.74 3.30
N VAL A 84 -9.86 11.62 1.96
CA VAL A 84 -10.51 10.54 1.27
C VAL A 84 -9.55 9.61 0.64
N VAL A 85 -9.83 8.30 0.72
CA VAL A 85 -8.99 7.24 0.25
C VAL A 85 -9.70 6.45 -0.80
N HIS A 86 -9.22 6.53 -2.06
CA HIS A 86 -9.66 5.65 -3.11
C HIS A 86 -8.50 4.85 -3.56
N LEU A 87 -8.57 3.52 -3.36
CA LEU A 87 -7.50 2.60 -3.60
C LEU A 87 -8.02 1.48 -4.45
N LEU A 88 -7.18 0.93 -5.34
CA LEU A 88 -7.52 -0.13 -6.23
C LEU A 88 -6.58 -1.25 -5.92
N LEU A 89 -7.12 -2.43 -5.57
CA LEU A 89 -6.38 -3.53 -5.05
C LEU A 89 -6.89 -4.82 -5.58
N GLU A 90 -6.05 -5.87 -5.57
CA GLU A 90 -6.44 -7.22 -5.81
C GLU A 90 -6.46 -7.93 -4.51
N LYS A 91 -7.45 -8.83 -4.31
CA LYS A 91 -7.55 -9.64 -3.15
C LYS A 91 -6.43 -10.63 -3.02
N GLY A 92 -5.89 -10.73 -1.79
CA GLY A 92 -4.85 -11.67 -1.44
C GLY A 92 -5.36 -13.05 -1.26
N GLN A 93 -4.42 -14.02 -1.26
CA GLN A 93 -4.73 -15.41 -1.16
C GLN A 93 -4.91 -15.85 0.24
N SER A 94 -5.36 -17.10 0.45
CA SER A 94 -5.59 -17.65 1.76
C SER A 94 -4.35 -17.95 2.53
N PRO A 95 -3.28 -18.52 2.07
CA PRO A 95 -2.14 -18.82 2.91
C PRO A 95 -1.26 -17.69 3.30
N THR A 96 -1.79 -16.53 3.74
CA THR A 96 -1.06 -15.49 4.39
C THR A 96 -1.75 -15.18 5.71
N PHE B 1 15.00 -13.65 -8.42
CA PHE B 1 15.34 -14.98 -8.98
C PHE B 1 15.45 -16.03 -7.92
N ALA B 2 16.66 -16.52 -7.60
CA ALA B 2 16.90 -17.45 -6.56
C ALA B 2 17.35 -16.74 -5.32
N ASP B 3 18.64 -16.75 -4.98
CA ASP B 3 19.18 -15.93 -3.95
C ASP B 3 19.65 -14.65 -4.54
N SER B 4 20.20 -13.71 -3.75
CA SER B 4 20.53 -12.41 -4.22
C SER B 4 21.95 -12.32 -4.65
N GLU B 5 22.46 -11.11 -4.93
CA GLU B 5 23.87 -10.85 -5.04
C GLU B 5 24.26 -9.91 -3.95
N ALA B 6 24.10 -8.58 -4.15
CA ALA B 6 24.35 -7.57 -3.17
C ALA B 6 23.07 -6.87 -2.88
N ASP B 7 22.43 -7.24 -1.76
CA ASP B 7 21.07 -6.88 -1.44
C ASP B 7 20.97 -6.42 -0.02
N GLU B 8 20.33 -5.26 0.20
CA GLU B 8 20.07 -4.72 1.50
C GLU B 8 18.81 -3.95 1.47
N ASN B 9 18.49 -3.23 2.57
CA ASN B 9 17.21 -2.62 2.77
C ASN B 9 17.19 -1.21 2.28
N GLU B 10 16.02 -0.54 2.33
CA GLU B 10 15.90 0.87 2.09
C GLU B 10 15.26 1.41 3.33
N GLN B 11 14.05 1.99 3.29
CA GLN B 11 13.26 2.15 4.47
C GLN B 11 11.84 1.76 4.22
N VAL B 12 11.07 1.68 5.32
CA VAL B 12 9.75 1.14 5.41
C VAL B 12 8.84 2.20 5.90
N SER B 13 7.53 2.12 5.66
CA SER B 13 6.63 3.22 5.89
C SER B 13 5.31 2.79 6.45
N ALA B 14 4.59 3.73 7.10
CA ALA B 14 3.24 3.52 7.52
C ALA B 14 2.43 4.76 7.43
N VAL B 15 1.09 4.61 7.43
CA VAL B 15 0.13 5.66 7.45
C VAL B 15 -1.02 5.17 8.33
N PRO A 1 -13.77 -15.12 -11.85
CA PRO A 1 -12.55 -14.55 -11.22
C PRO A 1 -12.04 -15.53 -10.21
N LYS A 2 -10.74 -15.44 -9.87
CA LYS A 2 -10.06 -16.31 -8.96
C LYS A 2 -10.34 -15.98 -7.53
N PRO A 3 -9.89 -16.66 -6.53
CA PRO A 3 -10.26 -16.37 -5.17
C PRO A 3 -9.87 -15.03 -4.66
N GLY A 4 -8.74 -14.49 -5.15
CA GLY A 4 -8.32 -13.14 -4.88
C GLY A 4 -8.57 -12.22 -6.01
N ASP A 5 -9.79 -11.64 -6.11
CA ASP A 5 -10.19 -10.73 -7.14
C ASP A 5 -9.75 -9.31 -6.96
N ILE A 6 -9.90 -8.50 -8.02
CA ILE A 6 -9.63 -7.10 -8.06
C ILE A 6 -10.84 -6.34 -7.62
N PHE A 7 -10.68 -5.33 -6.75
CA PHE A 7 -11.76 -4.57 -6.21
C PHE A 7 -11.41 -3.15 -5.95
N GLU A 8 -12.45 -2.34 -5.64
CA GLU A 8 -12.35 -0.91 -5.48
C GLU A 8 -12.94 -0.47 -4.18
N VAL A 9 -12.18 0.27 -3.36
CA VAL A 9 -12.69 0.87 -2.17
C VAL A 9 -12.89 2.35 -2.30
N GLU A 10 -13.91 2.87 -1.59
CA GLU A 10 -14.21 4.26 -1.46
C GLU A 10 -14.40 4.61 -0.02
N LEU A 11 -13.40 5.26 0.59
CA LEU A 11 -13.40 5.63 1.97
C LEU A 11 -13.19 7.11 2.06
N ALA A 12 -13.26 7.70 3.26
CA ALA A 12 -12.80 9.04 3.50
C ALA A 12 -12.20 9.02 4.86
N LYS A 13 -11.40 10.04 5.21
CA LYS A 13 -10.70 10.11 6.46
C LYS A 13 -11.60 10.15 7.65
N ASN A 14 -11.46 9.16 8.53
CA ASN A 14 -12.22 9.03 9.74
C ASN A 14 -11.31 9.11 10.92
N ASP A 15 -10.75 7.97 11.38
CA ASP A 15 -9.79 7.89 12.43
C ASP A 15 -8.46 8.42 11.98
N ASN A 16 -8.01 7.94 10.80
CA ASN A 16 -6.89 8.44 10.06
C ASN A 16 -7.25 8.10 8.66
N SER A 17 -6.31 8.09 7.70
CA SER A 17 -6.59 7.66 6.36
C SER A 17 -6.45 6.18 6.27
N LEU A 18 -5.26 5.63 6.53
CA LEU A 18 -5.05 4.22 6.60
C LEU A 18 -4.91 3.76 8.02
N GLY A 19 -3.67 3.67 8.53
CA GLY A 19 -3.34 3.05 9.78
C GLY A 19 -2.81 1.68 9.55
N ILE A 20 -1.80 1.54 8.67
CA ILE A 20 -1.29 0.25 8.30
C ILE A 20 0.16 0.34 7.94
N SER A 21 0.86 -0.80 7.89
CA SER A 21 2.28 -0.85 7.70
C SER A 21 2.60 -1.67 6.49
N VAL A 22 3.70 -1.31 5.80
CA VAL A 22 4.05 -1.75 4.49
C VAL A 22 5.42 -2.32 4.50
N THR A 23 5.75 -3.19 3.53
CA THR A 23 7.08 -3.69 3.35
C THR A 23 7.40 -3.75 1.90
N GLY A 24 8.70 -3.60 1.55
CA GLY A 24 9.21 -3.67 0.22
C GLY A 24 8.81 -2.56 -0.68
N GLY A 25 8.73 -2.86 -2.00
CA GLY A 25 8.18 -2.00 -2.99
C GLY A 25 9.09 -0.95 -3.55
N VAL A 26 10.38 -1.31 -3.72
CA VAL A 26 11.41 -0.36 -3.98
C VAL A 26 11.61 -0.06 -5.43
N ASN A 27 12.70 -0.53 -6.06
CA ASN A 27 13.11 -0.14 -7.37
C ASN A 27 12.52 -1.04 -8.40
N THR A 28 12.71 -2.37 -8.24
CA THR A 28 11.90 -3.34 -8.90
C THR A 28 11.63 -4.36 -7.83
N SER A 29 10.39 -4.84 -7.69
CA SER A 29 10.01 -5.53 -6.50
C SER A 29 8.87 -6.45 -6.77
N VAL A 30 7.63 -5.94 -6.73
CA VAL A 30 6.43 -6.66 -7.00
C VAL A 30 6.24 -6.68 -8.48
N ARG A 31 6.17 -5.47 -9.08
CA ARG A 31 6.37 -5.22 -10.47
C ARG A 31 7.56 -4.33 -10.56
N HIS A 32 7.54 -3.31 -11.43
CA HIS A 32 8.43 -2.19 -11.43
C HIS A 32 8.08 -1.23 -10.35
N GLY A 33 8.24 -1.69 -9.10
CA GLY A 33 7.75 -1.04 -7.92
C GLY A 33 6.61 -1.85 -7.40
N GLY A 34 5.60 -1.20 -6.79
CA GLY A 34 4.42 -1.83 -6.32
C GLY A 34 4.55 -2.25 -4.90
N ILE A 35 3.47 -2.19 -4.09
CA ILE A 35 3.59 -2.18 -2.67
C ILE A 35 2.80 -3.30 -2.11
N TYR A 36 3.27 -3.91 -1.00
CA TYR A 36 2.64 -5.00 -0.33
C TYR A 36 2.44 -4.68 1.11
N VAL A 37 1.29 -5.09 1.68
CA VAL A 37 0.94 -4.82 3.03
C VAL A 37 1.54 -5.78 4.00
N LYS A 38 2.09 -5.27 5.11
CA LYS A 38 2.81 -6.02 6.09
C LYS A 38 1.95 -6.42 7.25
N ALA A 39 1.49 -5.43 8.04
CA ALA A 39 0.78 -5.70 9.25
C ALA A 39 -0.10 -4.56 9.60
N VAL A 40 -1.12 -4.82 10.44
CA VAL A 40 -2.16 -3.91 10.82
C VAL A 40 -1.82 -3.25 12.11
N ILE A 41 -1.95 -1.91 12.16
CA ILE A 41 -1.86 -1.13 13.36
C ILE A 41 -3.19 -1.15 14.02
N PRO A 42 -3.40 -1.57 15.24
CA PRO A 42 -4.71 -1.74 15.81
C PRO A 42 -5.29 -0.47 16.33
N GLN A 43 -5.11 0.65 15.61
CA GLN A 43 -5.65 1.93 15.92
C GLN A 43 -5.61 2.71 14.65
N GLY A 44 -6.56 2.44 13.75
CA GLY A 44 -6.61 3.13 12.49
C GLY A 44 -7.85 2.72 11.78
N ALA A 45 -8.17 3.40 10.66
CA ALA A 45 -9.31 3.15 9.85
C ALA A 45 -9.31 1.78 9.26
N ALA A 46 -8.13 1.24 8.92
CA ALA A 46 -7.92 -0.08 8.45
C ALA A 46 -8.47 -1.18 9.31
N GLU A 47 -8.30 -1.07 10.63
CA GLU A 47 -8.78 -2.02 11.60
C GLU A 47 -10.13 -1.68 12.13
N SER A 48 -10.43 -0.38 12.34
CA SER A 48 -11.67 0.07 12.90
C SER A 48 -12.85 -0.14 12.03
N ASP A 49 -12.69 0.00 10.69
CA ASP A 49 -13.65 -0.41 9.73
C ASP A 49 -13.58 -1.89 9.55
N GLY A 50 -12.41 -2.37 9.11
CA GLY A 50 -12.16 -3.74 8.77
C GLY A 50 -11.99 -3.84 7.29
N ARG A 51 -10.89 -3.28 6.78
CA ARG A 51 -10.83 -2.85 5.41
C ARG A 51 -9.56 -3.22 4.75
N ILE A 52 -8.40 -3.08 5.43
CA ILE A 52 -7.14 -3.32 4.81
C ILE A 52 -6.42 -4.27 5.71
N HIS A 53 -6.03 -5.45 5.20
CA HIS A 53 -5.39 -6.47 5.99
C HIS A 53 -4.03 -6.75 5.47
N LYS A 54 -3.31 -7.70 6.10
CA LYS A 54 -2.07 -8.23 5.64
C LYS A 54 -2.10 -8.90 4.31
N GLY A 55 -1.04 -8.71 3.50
CA GLY A 55 -0.82 -9.45 2.30
C GLY A 55 -1.61 -9.12 1.08
N ASP A 56 -2.42 -8.04 1.09
CA ASP A 56 -3.11 -7.56 -0.06
C ASP A 56 -2.24 -6.77 -0.98
N ARG A 57 -2.76 -6.44 -2.18
CA ARG A 57 -1.95 -5.96 -3.26
C ARG A 57 -2.55 -4.73 -3.86
N VAL A 58 -2.19 -3.53 -3.37
CA VAL A 58 -2.70 -2.29 -3.84
C VAL A 58 -2.09 -1.81 -5.11
N LEU A 59 -2.76 -0.90 -5.83
CA LEU A 59 -2.22 -0.34 -7.03
C LEU A 59 -2.51 1.11 -7.20
N ALA A 60 -3.70 1.48 -7.70
CA ALA A 60 -3.95 2.82 -8.16
C ALA A 60 -4.48 3.75 -7.11
N VAL A 61 -4.09 5.03 -7.23
CA VAL A 61 -4.38 6.09 -6.33
C VAL A 61 -5.27 7.06 -7.04
N ASN A 62 -6.61 6.87 -6.95
CA ASN A 62 -7.60 7.65 -7.61
C ASN A 62 -7.43 7.65 -9.09
N GLY A 63 -7.46 6.45 -9.70
CA GLY A 63 -7.29 6.27 -11.11
C GLY A 63 -5.88 6.13 -11.54
N VAL A 64 -4.95 6.94 -10.98
CA VAL A 64 -3.59 6.99 -11.40
C VAL A 64 -2.78 5.93 -10.73
N SER A 65 -2.13 5.05 -11.52
CA SER A 65 -1.26 4.05 -11.01
C SER A 65 0.06 4.61 -10.63
N LEU A 66 0.64 4.13 -9.51
CA LEU A 66 1.89 4.59 -9.00
C LEU A 66 3.07 3.88 -9.56
N GLU A 67 2.87 2.86 -10.42
CA GLU A 67 3.90 1.99 -10.89
C GLU A 67 4.98 2.66 -11.68
N GLY A 68 6.23 2.19 -11.50
CA GLY A 68 7.40 2.87 -11.95
C GLY A 68 8.10 3.62 -10.87
N ALA A 69 7.36 4.11 -9.86
CA ALA A 69 7.87 4.81 -8.72
C ALA A 69 8.48 3.94 -7.68
N THR A 70 9.42 4.50 -6.89
CA THR A 70 10.00 3.86 -5.75
C THR A 70 9.15 3.99 -4.54
N HIS A 71 9.50 3.25 -3.46
CA HIS A 71 8.80 3.24 -2.22
C HIS A 71 8.61 4.56 -1.58
N LYS A 72 9.64 5.42 -1.50
CA LYS A 72 9.55 6.75 -0.97
C LYS A 72 8.60 7.63 -1.71
N GLN A 73 8.57 7.56 -3.05
CA GLN A 73 7.67 8.30 -3.88
C GLN A 73 6.27 7.79 -3.77
N ALA A 74 6.09 6.47 -3.70
CA ALA A 74 4.83 5.79 -3.51
C ALA A 74 4.14 6.13 -2.24
N VAL A 75 4.85 6.16 -1.10
CA VAL A 75 4.27 6.52 0.16
C VAL A 75 3.89 7.96 0.24
N GLU A 76 4.69 8.88 -0.33
CA GLU A 76 4.40 10.28 -0.44
C GLU A 76 3.14 10.55 -1.19
N THR A 77 2.92 9.80 -2.29
CA THR A 77 1.77 9.84 -3.14
C THR A 77 0.50 9.56 -2.42
N LEU A 78 0.52 8.62 -1.47
CA LEU A 78 -0.61 8.26 -0.66
C LEU A 78 -0.81 9.18 0.49
N ARG A 79 0.27 9.73 1.07
CA ARG A 79 0.21 10.60 2.20
C ARG A 79 -0.38 11.94 1.90
N ASN A 80 0.04 12.63 0.81
CA ASN A 80 -0.42 13.95 0.51
C ASN A 80 -1.64 14.03 -0.34
N THR A 81 -2.64 13.18 -0.05
CA THR A 81 -3.96 13.21 -0.61
C THR A 81 -4.85 14.01 0.27
N GLY A 82 -5.21 13.45 1.45
CA GLY A 82 -5.95 14.10 2.49
C GLY A 82 -7.28 13.48 2.74
N GLN A 83 -8.36 14.08 2.21
CA GLN A 83 -9.69 13.87 2.69
C GLN A 83 -10.38 12.63 2.25
N VAL A 84 -10.35 12.29 0.95
CA VAL A 84 -11.08 11.18 0.40
C VAL A 84 -10.17 10.13 -0.14
N VAL A 85 -10.56 8.85 -0.05
CA VAL A 85 -9.81 7.74 -0.54
C VAL A 85 -10.56 7.05 -1.63
N HIS A 86 -10.03 7.13 -2.86
CA HIS A 86 -10.41 6.26 -3.94
C HIS A 86 -9.20 5.46 -4.26
N LEU A 87 -9.29 4.13 -4.11
CA LEU A 87 -8.13 3.28 -4.19
C LEU A 87 -8.49 1.98 -4.82
N LEU A 88 -7.58 1.41 -5.63
CA LEU A 88 -7.82 0.24 -6.41
C LEU A 88 -6.84 -0.80 -5.99
N LEU A 89 -7.31 -2.00 -5.63
CA LEU A 89 -6.48 -3.04 -5.11
C LEU A 89 -6.91 -4.40 -5.57
N GLU A 90 -6.02 -5.38 -5.41
CA GLU A 90 -6.26 -6.77 -5.67
C GLU A 90 -6.13 -7.50 -4.37
N LYS A 91 -6.98 -8.51 -4.14
CA LYS A 91 -6.89 -9.33 -2.97
C LYS A 91 -5.74 -10.28 -3.06
N GLY A 92 -5.02 -10.44 -1.94
CA GLY A 92 -3.82 -11.23 -1.85
C GLY A 92 -4.01 -12.69 -1.64
N GLN A 93 -3.29 -13.22 -0.64
CA GLN A 93 -3.12 -14.63 -0.42
C GLN A 93 -4.20 -15.24 0.40
N SER A 94 -4.82 -16.31 -0.11
CA SER A 94 -5.82 -17.08 0.56
C SER A 94 -5.30 -18.18 1.42
N PRO A 95 -4.54 -19.16 1.02
CA PRO A 95 -4.08 -20.19 1.90
C PRO A 95 -2.90 -19.81 2.72
N THR A 96 -3.05 -18.81 3.63
CA THR A 96 -2.02 -18.38 4.53
C THR A 96 -2.50 -18.40 5.97
N PHE B 1 14.69 -15.10 -12.46
CA PHE B 1 14.16 -15.39 -11.11
C PHE B 1 14.59 -16.74 -10.63
N ALA B 2 15.82 -16.84 -10.10
CA ALA B 2 16.40 -18.06 -9.64
C ALA B 2 16.77 -17.93 -8.21
N ASP B 3 18.01 -17.52 -7.90
CA ASP B 3 18.42 -17.08 -6.60
C ASP B 3 18.56 -15.59 -6.66
N SER B 4 18.61 -14.90 -5.51
CA SER B 4 18.35 -13.50 -5.42
C SER B 4 19.47 -12.60 -5.81
N GLU B 5 20.72 -12.96 -5.51
CA GLU B 5 21.90 -12.19 -5.77
C GLU B 5 21.97 -10.95 -4.94
N ALA B 6 22.09 -11.17 -3.62
CA ALA B 6 22.13 -10.21 -2.57
C ALA B 6 20.79 -9.66 -2.20
N ASP B 7 20.13 -10.30 -1.23
CA ASP B 7 18.86 -9.92 -0.70
C ASP B 7 19.03 -9.02 0.47
N GLU B 8 18.24 -7.93 0.54
CA GLU B 8 18.16 -7.04 1.65
C GLU B 8 16.93 -6.20 1.49
N ASN B 9 16.75 -5.16 2.33
CA ASN B 9 15.64 -4.27 2.24
C ASN B 9 16.13 -2.90 1.88
N GLU B 10 15.25 -1.89 1.84
CA GLU B 10 15.61 -0.53 1.64
C GLU B 10 15.12 0.28 2.78
N GLN B 11 13.81 0.57 2.88
CA GLN B 11 13.24 1.24 4.01
C GLN B 11 11.93 0.60 4.35
N VAL B 12 11.37 0.89 5.54
CA VAL B 12 10.06 0.44 5.92
C VAL B 12 9.23 1.62 6.32
N SER B 13 7.92 1.60 6.06
CA SER B 13 7.06 2.73 6.23
C SER B 13 5.76 2.38 6.87
N ALA B 14 4.92 3.40 7.14
CA ALA B 14 3.55 3.27 7.53
C ALA B 14 2.80 4.46 7.04
N VAL B 15 1.47 4.33 6.88
CA VAL B 15 0.58 5.38 6.48
C VAL B 15 -0.68 5.16 7.32
N PRO A 1 -11.78 -18.68 -11.36
CA PRO A 1 -10.61 -17.80 -11.50
C PRO A 1 -9.70 -17.99 -10.34
N LYS A 2 -8.51 -17.36 -10.35
CA LYS A 2 -7.56 -17.43 -9.28
C LYS A 2 -7.94 -16.54 -8.15
N PRO A 3 -7.62 -16.79 -6.92
CA PRO A 3 -8.27 -16.19 -5.79
C PRO A 3 -7.80 -14.83 -5.43
N GLY A 4 -7.31 -14.02 -6.40
CA GLY A 4 -6.97 -12.66 -6.20
C GLY A 4 -7.98 -11.73 -6.80
N ASP A 5 -9.10 -11.48 -6.10
CA ASP A 5 -10.13 -10.58 -6.55
C ASP A 5 -9.76 -9.14 -6.51
N ILE A 6 -10.13 -8.42 -7.58
CA ILE A 6 -9.90 -7.02 -7.77
C ILE A 6 -11.05 -6.27 -7.17
N PHE A 7 -10.79 -5.13 -6.51
CA PHE A 7 -11.80 -4.30 -5.95
C PHE A 7 -11.27 -2.92 -5.69
N GLU A 8 -12.15 -1.93 -5.51
CA GLU A 8 -11.80 -0.59 -5.14
C GLU A 8 -12.39 -0.28 -3.81
N VAL A 9 -11.56 0.19 -2.86
CA VAL A 9 -12.00 0.68 -1.58
C VAL A 9 -11.95 2.16 -1.53
N GLU A 10 -13.06 2.77 -1.05
CA GLU A 10 -13.19 4.18 -0.91
C GLU A 10 -13.35 4.55 0.53
N LEU A 11 -12.46 5.41 1.03
CA LEU A 11 -12.51 5.90 2.38
C LEU A 11 -12.28 7.38 2.31
N ALA A 12 -12.50 8.11 3.42
CA ALA A 12 -12.13 9.49 3.52
C ALA A 12 -11.34 9.62 4.77
N LYS A 13 -10.54 10.70 4.92
CA LYS A 13 -9.73 10.92 6.08
C LYS A 13 -10.57 11.26 7.26
N ASN A 14 -10.76 10.28 8.16
CA ASN A 14 -11.73 10.27 9.21
C ASN A 14 -11.07 10.63 10.49
N ASP A 15 -10.62 9.65 11.29
CA ASP A 15 -9.75 9.87 12.41
C ASP A 15 -8.38 10.18 11.91
N ASN A 16 -7.91 9.37 10.95
CA ASN A 16 -6.75 9.63 10.16
C ASN A 16 -7.04 9.01 8.83
N SER A 17 -6.04 8.61 8.04
CA SER A 17 -6.24 7.95 6.79
C SER A 17 -6.46 6.48 6.98
N LEU A 18 -5.40 5.66 6.94
CA LEU A 18 -5.54 4.24 7.00
C LEU A 18 -5.25 3.65 8.34
N GLY A 19 -3.97 3.38 8.64
CA GLY A 19 -3.53 2.64 9.78
C GLY A 19 -3.03 1.29 9.38
N ILE A 20 -2.25 1.22 8.28
CA ILE A 20 -1.78 -0.01 7.74
C ILE A 20 -0.33 0.10 7.41
N SER A 21 0.41 -1.02 7.43
CA SER A 21 1.83 -1.04 7.31
C SER A 21 2.29 -1.86 6.16
N VAL A 22 3.48 -1.51 5.64
CA VAL A 22 3.97 -1.93 4.37
C VAL A 22 5.33 -2.52 4.54
N THR A 23 5.78 -3.33 3.57
CA THR A 23 7.13 -3.84 3.54
C THR A 23 7.59 -3.77 2.13
N GLY A 24 8.88 -3.43 1.92
CA GLY A 24 9.50 -3.25 0.64
C GLY A 24 8.94 -2.13 -0.17
N GLY A 25 8.99 -2.29 -1.50
CA GLY A 25 8.27 -1.49 -2.44
C GLY A 25 9.03 -0.36 -3.05
N VAL A 26 10.34 -0.55 -3.27
CA VAL A 26 11.21 0.47 -3.77
C VAL A 26 11.29 0.41 -5.27
N ASN A 27 12.28 -0.33 -5.82
CA ASN A 27 12.57 -0.36 -7.22
C ASN A 27 11.94 -1.56 -7.84
N THR A 28 12.16 -2.77 -7.29
CA THR A 28 11.52 -3.96 -7.77
C THR A 28 11.30 -4.93 -6.66
N SER A 29 10.08 -5.48 -6.54
CA SER A 29 9.74 -6.50 -5.58
C SER A 29 8.59 -7.30 -6.06
N VAL A 30 7.36 -6.75 -6.02
CA VAL A 30 6.18 -7.42 -6.45
C VAL A 30 6.06 -7.38 -7.93
N ARG A 31 6.24 -6.18 -8.53
CA ARG A 31 6.54 -5.99 -9.92
C ARG A 31 7.67 -5.02 -9.89
N HIS A 32 7.94 -4.29 -10.98
CA HIS A 32 8.75 -3.10 -10.92
C HIS A 32 7.95 -2.04 -10.26
N GLY A 33 8.35 -1.65 -9.03
CA GLY A 33 7.57 -0.83 -8.15
C GLY A 33 6.36 -1.50 -7.60
N GLY A 34 5.58 -0.80 -6.78
CA GLY A 34 4.40 -1.32 -6.16
C GLY A 34 4.64 -1.72 -4.74
N ILE A 35 3.55 -1.86 -3.98
CA ILE A 35 3.49 -1.88 -2.56
C ILE A 35 2.77 -3.11 -2.14
N TYR A 36 3.22 -3.74 -1.04
CA TYR A 36 2.66 -4.94 -0.49
C TYR A 36 2.37 -4.75 0.95
N VAL A 37 1.22 -5.24 1.43
CA VAL A 37 0.82 -5.08 2.80
C VAL A 37 1.53 -5.99 3.73
N LYS A 38 2.03 -5.44 4.86
CA LYS A 38 2.61 -6.19 5.93
C LYS A 38 1.58 -6.57 6.94
N ALA A 39 0.98 -5.59 7.64
CA ALA A 39 0.01 -5.86 8.65
C ALA A 39 -0.82 -4.65 8.96
N VAL A 40 -2.00 -4.86 9.57
CA VAL A 40 -2.88 -3.83 10.02
C VAL A 40 -2.52 -3.42 11.41
N ILE A 41 -2.29 -2.11 11.61
CA ILE A 41 -1.90 -1.54 12.87
C ILE A 41 -3.11 -1.31 13.70
N PRO A 42 -3.21 -1.63 14.96
CA PRO A 42 -4.44 -1.52 15.70
C PRO A 42 -4.76 -0.13 16.16
N GLN A 43 -4.58 0.88 15.29
CA GLN A 43 -4.56 2.26 15.68
C GLN A 43 -4.98 3.11 14.53
N GLY A 44 -6.09 2.74 13.85
CA GLY A 44 -6.59 3.51 12.76
C GLY A 44 -7.89 3.01 12.25
N ALA A 45 -8.36 3.58 11.14
CA ALA A 45 -9.55 3.24 10.42
C ALA A 45 -9.49 1.88 9.81
N ALA A 46 -8.27 1.43 9.46
CA ALA A 46 -7.97 0.11 8.97
C ALA A 46 -8.30 -0.97 9.91
N GLU A 47 -8.02 -0.79 11.22
CA GLU A 47 -8.39 -1.68 12.27
C GLU A 47 -9.85 -1.61 12.57
N SER A 48 -10.38 -0.38 12.64
CA SER A 48 -11.73 -0.10 13.03
C SER A 48 -12.76 -0.68 12.13
N ASP A 49 -12.72 -0.40 10.82
CA ASP A 49 -13.62 -1.01 9.89
C ASP A 49 -13.22 -2.42 9.60
N GLY A 50 -12.00 -2.64 9.08
CA GLY A 50 -11.48 -3.95 8.81
C GLY A 50 -11.80 -4.40 7.43
N ARG A 51 -10.94 -4.07 6.45
CA ARG A 51 -11.26 -4.16 5.07
C ARG A 51 -10.14 -4.71 4.26
N ILE A 52 -8.88 -4.56 4.70
CA ILE A 52 -7.71 -4.88 3.95
C ILE A 52 -6.89 -5.79 4.81
N HIS A 53 -6.31 -6.87 4.25
CA HIS A 53 -5.54 -7.82 5.00
C HIS A 53 -4.13 -7.92 4.52
N LYS A 54 -3.28 -8.64 5.26
CA LYS A 54 -1.91 -8.87 4.90
C LYS A 54 -1.64 -9.53 3.59
N GLY A 55 -0.55 -9.11 2.92
CA GLY A 55 -0.13 -9.62 1.65
C GLY A 55 -0.90 -9.15 0.47
N ASP A 56 -1.69 -8.07 0.60
CA ASP A 56 -2.46 -7.48 -0.45
C ASP A 56 -1.66 -6.55 -1.31
N ARG A 57 -2.13 -6.29 -2.54
CA ARG A 57 -1.45 -5.55 -3.55
C ARG A 57 -2.29 -4.45 -4.09
N VAL A 58 -1.90 -3.18 -3.88
CA VAL A 58 -2.52 -2.06 -4.52
C VAL A 58 -2.07 -1.83 -5.92
N LEU A 59 -2.90 -1.13 -6.71
CA LEU A 59 -2.60 -0.67 -8.03
C LEU A 59 -2.76 0.81 -8.04
N ALA A 60 -3.95 1.34 -8.35
CA ALA A 60 -4.12 2.73 -8.65
C ALA A 60 -4.45 3.57 -7.46
N VAL A 61 -4.21 4.88 -7.57
CA VAL A 61 -4.53 5.89 -6.60
C VAL A 61 -5.58 6.75 -7.22
N ASN A 62 -6.84 6.29 -7.19
CA ASN A 62 -7.99 6.94 -7.76
C ASN A 62 -7.83 7.22 -9.23
N GLY A 63 -7.85 6.14 -10.03
CA GLY A 63 -7.65 6.22 -11.45
C GLY A 63 -6.24 6.04 -11.89
N VAL A 64 -5.30 6.84 -11.37
CA VAL A 64 -3.94 6.88 -11.84
C VAL A 64 -3.07 5.85 -11.22
N SER A 65 -2.22 5.21 -12.03
CA SER A 65 -1.33 4.17 -11.61
C SER A 65 -0.11 4.67 -10.91
N LEU A 66 0.50 3.82 -10.07
CA LEU A 66 1.72 4.09 -9.37
C LEU A 66 2.95 3.77 -10.14
N GLU A 67 2.82 3.38 -11.42
CA GLU A 67 3.91 2.92 -12.23
C GLU A 67 4.97 3.96 -12.46
N GLY A 68 6.20 3.66 -12.04
CA GLY A 68 7.32 4.56 -12.01
C GLY A 68 7.82 4.81 -10.62
N ALA A 69 6.91 4.95 -9.65
CA ALA A 69 7.21 5.43 -8.34
C ALA A 69 7.99 4.51 -7.47
N THR A 70 8.94 5.06 -6.70
CA THR A 70 9.69 4.37 -5.68
C THR A 70 8.98 4.46 -4.39
N HIS A 71 9.53 3.89 -3.30
CA HIS A 71 8.88 3.75 -2.04
C HIS A 71 8.46 5.04 -1.42
N LYS A 72 9.38 6.02 -1.32
CA LYS A 72 9.12 7.34 -0.82
C LYS A 72 8.00 8.02 -1.51
N GLN A 73 7.94 7.91 -2.85
CA GLN A 73 6.93 8.52 -3.67
C GLN A 73 5.61 7.85 -3.52
N ALA A 74 5.58 6.51 -3.45
CA ALA A 74 4.39 5.74 -3.25
C ALA A 74 3.71 5.96 -1.94
N VAL A 75 4.47 6.01 -0.82
CA VAL A 75 3.91 6.23 0.47
C VAL A 75 3.46 7.63 0.67
N GLU A 76 4.22 8.63 0.17
CA GLU A 76 3.92 10.01 0.36
C GLU A 76 2.75 10.48 -0.44
N THR A 77 2.51 9.92 -1.64
CA THR A 77 1.36 10.23 -2.44
C THR A 77 0.10 9.71 -1.87
N LEU A 78 0.15 8.63 -1.08
CA LEU A 78 -0.99 8.12 -0.37
C LEU A 78 -1.26 8.88 0.88
N ARG A 79 -0.21 9.27 1.63
CA ARG A 79 -0.30 10.15 2.76
C ARG A 79 -0.84 11.49 2.42
N ASN A 80 -0.23 12.22 1.47
CA ASN A 80 -0.67 13.49 1.01
C ASN A 80 -1.72 13.35 -0.04
N THR A 81 -2.83 12.68 0.33
CA THR A 81 -4.08 12.64 -0.37
C THR A 81 -4.86 13.84 0.03
N GLY A 82 -5.32 13.87 1.29
CA GLY A 82 -6.13 14.92 1.83
C GLY A 82 -7.47 14.36 2.21
N GLN A 83 -8.56 14.84 1.58
CA GLN A 83 -9.90 14.47 1.92
C GLN A 83 -10.21 13.04 1.66
N VAL A 84 -10.18 12.61 0.39
CA VAL A 84 -10.65 11.32 -0.02
C VAL A 84 -9.53 10.40 -0.31
N VAL A 85 -9.66 9.13 0.13
CA VAL A 85 -8.67 8.10 0.04
C VAL A 85 -9.27 6.98 -0.73
N HIS A 86 -9.17 7.01 -2.07
CA HIS A 86 -9.75 6.04 -2.94
C HIS A 86 -8.67 5.32 -3.65
N LEU A 87 -8.64 3.97 -3.58
CA LEU A 87 -7.62 3.21 -4.23
C LEU A 87 -8.12 1.89 -4.71
N LEU A 88 -7.35 1.28 -5.63
CA LEU A 88 -7.71 0.11 -6.37
C LEU A 88 -6.71 -0.94 -6.09
N LEU A 89 -7.15 -2.16 -5.75
CA LEU A 89 -6.32 -3.22 -5.28
C LEU A 89 -6.73 -4.54 -5.84
N GLU A 90 -5.81 -5.52 -5.75
CA GLU A 90 -6.00 -6.87 -6.21
C GLU A 90 -5.49 -7.77 -5.13
N LYS A 91 -6.35 -8.64 -4.58
CA LYS A 91 -5.97 -9.46 -3.46
C LYS A 91 -4.84 -10.41 -3.72
N GLY A 92 -3.99 -10.61 -2.69
CA GLY A 92 -2.81 -11.41 -2.77
C GLY A 92 -3.08 -12.87 -2.85
N GLN A 93 -2.24 -13.61 -3.61
CA GLN A 93 -2.40 -15.01 -3.79
C GLN A 93 -1.60 -15.78 -2.80
N SER A 94 -2.20 -16.86 -2.26
CA SER A 94 -1.64 -17.70 -1.25
C SER A 94 -0.60 -18.63 -1.78
N PRO A 95 0.27 -19.22 -1.03
CA PRO A 95 1.07 -20.32 -1.47
C PRO A 95 0.27 -21.57 -1.61
N THR A 96 0.85 -22.65 -2.15
CA THR A 96 0.15 -23.87 -2.45
C THR A 96 0.36 -24.94 -1.40
N PHE B 1 17.48 26.94 3.89
CA PHE B 1 16.82 25.74 3.32
C PHE B 1 15.34 25.69 3.53
N ALA B 2 14.65 24.89 2.70
CA ALA B 2 13.28 24.55 2.91
C ALA B 2 13.06 23.17 2.41
N ASP B 3 12.04 22.96 1.55
CA ASP B 3 11.79 21.74 0.86
C ASP B 3 12.58 21.68 -0.39
N SER B 4 12.98 20.48 -0.86
CA SER B 4 13.80 20.34 -2.02
C SER B 4 13.42 19.15 -2.83
N GLU B 5 13.96 17.95 -2.52
CA GLU B 5 13.69 16.75 -3.26
C GLU B 5 13.00 15.75 -2.40
N ALA B 6 12.99 14.47 -2.81
CA ALA B 6 12.21 13.45 -2.18
C ALA B 6 13.00 12.55 -1.30
N ASP B 7 13.69 11.55 -1.88
CA ASP B 7 14.18 10.40 -1.19
C ASP B 7 15.52 10.55 -0.56
N GLU B 8 15.79 9.69 0.45
CA GLU B 8 17.03 9.62 1.16
C GLU B 8 17.36 8.19 1.40
N ASN B 9 16.99 7.58 2.54
CA ASN B 9 17.30 6.23 2.86
C ASN B 9 16.24 5.30 2.38
N GLU B 10 16.44 3.98 2.50
CA GLU B 10 15.49 2.99 2.12
C GLU B 10 15.15 2.14 3.30
N GLN B 11 13.96 2.32 3.89
CA GLN B 11 13.47 1.48 4.94
C GLN B 11 12.01 1.23 4.87
N VAL B 12 11.24 1.39 5.97
CA VAL B 12 9.95 0.80 6.16
C VAL B 12 8.95 1.88 6.39
N SER B 13 7.65 1.63 6.15
CA SER B 13 6.62 2.62 6.19
C SER B 13 5.35 2.16 6.82
N ALA B 14 4.47 3.13 7.11
CA ALA B 14 3.08 2.94 7.37
C ALA B 14 2.33 4.14 6.91
N VAL B 15 1.01 4.01 6.69
CA VAL B 15 0.13 5.08 6.31
C VAL B 15 -1.07 4.98 7.24
N PRO A 1 -15.04 -14.33 -9.96
CA PRO A 1 -14.06 -13.61 -9.12
C PRO A 1 -13.14 -14.57 -8.44
N LYS A 2 -11.84 -14.26 -8.38
CA LYS A 2 -10.82 -15.09 -7.82
C LYS A 2 -10.65 -14.83 -6.36
N PRO A 3 -9.87 -15.55 -5.60
CA PRO A 3 -9.65 -15.25 -4.22
C PRO A 3 -8.92 -13.98 -3.96
N GLY A 4 -7.87 -13.67 -4.74
CA GLY A 4 -7.16 -12.42 -4.67
C GLY A 4 -7.58 -11.50 -5.76
N ASP A 5 -8.86 -11.10 -5.77
CA ASP A 5 -9.41 -10.22 -6.75
C ASP A 5 -9.17 -8.79 -6.44
N ILE A 6 -9.42 -7.90 -7.41
CA ILE A 6 -9.26 -6.48 -7.33
C ILE A 6 -10.42 -5.91 -6.57
N PHE A 7 -10.19 -4.98 -5.64
CA PHE A 7 -11.21 -4.32 -4.90
C PHE A 7 -10.93 -2.86 -4.81
N GLU A 8 -11.97 -2.04 -4.61
CA GLU A 8 -11.85 -0.61 -4.49
C GLU A 8 -12.27 -0.15 -3.14
N VAL A 9 -11.47 0.74 -2.51
CA VAL A 9 -11.80 1.43 -1.31
C VAL A 9 -12.19 2.84 -1.63
N GLU A 10 -13.39 3.25 -1.20
CA GLU A 10 -13.96 4.54 -1.44
C GLU A 10 -14.31 5.15 -0.13
N LEU A 11 -13.29 5.56 0.66
CA LEU A 11 -13.45 5.89 2.04
C LEU A 11 -13.21 7.35 2.24
N ALA A 12 -12.92 7.78 3.49
CA ALA A 12 -12.57 9.12 3.79
C ALA A 12 -11.73 9.10 5.03
N LYS A 13 -10.82 10.07 5.19
CA LYS A 13 -10.07 10.24 6.40
C LYS A 13 -10.89 10.79 7.51
N ASN A 14 -11.33 9.92 8.44
CA ASN A 14 -11.99 10.31 9.66
C ASN A 14 -10.99 10.51 10.75
N ASP A 15 -10.38 9.43 11.26
CA ASP A 15 -9.34 9.45 12.23
C ASP A 15 -8.00 9.59 11.58
N ASN A 16 -7.57 8.52 10.87
CA ASN A 16 -6.38 8.44 10.07
C ASN A 16 -6.88 7.75 8.86
N SER A 17 -6.12 7.75 7.73
CA SER A 17 -6.60 7.20 6.50
C SER A 17 -6.44 5.72 6.45
N LEU A 18 -5.23 5.19 6.71
CA LEU A 18 -5.00 3.79 6.84
C LEU A 18 -4.87 3.34 8.25
N GLY A 19 -3.65 3.33 8.81
CA GLY A 19 -3.31 2.56 9.95
C GLY A 19 -2.75 1.25 9.53
N ILE A 20 -1.72 1.27 8.66
CA ILE A 20 -1.20 0.09 8.05
C ILE A 20 0.28 0.21 7.86
N SER A 21 0.99 -0.92 7.70
CA SER A 21 2.41 -0.96 7.60
C SER A 21 2.80 -1.65 6.33
N VAL A 22 3.92 -1.25 5.71
CA VAL A 22 4.31 -1.60 4.38
C VAL A 22 5.65 -2.24 4.36
N THR A 23 5.89 -3.19 3.43
CA THR A 23 7.11 -3.92 3.33
C THR A 23 7.55 -4.07 1.91
N GLY A 24 8.80 -3.67 1.61
CA GLY A 24 9.51 -4.02 0.41
C GLY A 24 8.96 -3.56 -0.90
N GLY A 25 8.93 -2.23 -1.12
CA GLY A 25 8.44 -1.64 -2.34
C GLY A 25 9.28 -0.47 -2.72
N VAL A 26 10.48 -0.76 -3.26
CA VAL A 26 11.48 0.22 -3.55
C VAL A 26 11.62 0.41 -5.02
N ASN A 27 12.73 -0.06 -5.63
CA ASN A 27 13.01 -0.03 -7.03
C ASN A 27 12.17 -1.01 -7.79
N THR A 28 12.48 -2.31 -7.73
CA THR A 28 11.65 -3.34 -8.27
C THR A 28 11.73 -4.55 -7.41
N SER A 29 10.58 -5.00 -6.87
CA SER A 29 10.53 -6.03 -5.87
C SER A 29 9.42 -7.00 -6.10
N VAL A 30 8.16 -6.59 -5.84
CA VAL A 30 6.99 -7.41 -5.84
C VAL A 30 6.68 -7.91 -7.22
N ARG A 31 6.44 -6.97 -8.14
CA ARG A 31 6.17 -7.23 -9.52
C ARG A 31 7.16 -6.44 -10.31
N HIS A 32 6.70 -5.46 -11.11
CA HIS A 32 7.52 -4.46 -11.73
C HIS A 32 7.52 -3.24 -10.88
N GLY A 33 8.05 -3.36 -9.65
CA GLY A 33 7.83 -2.41 -8.60
C GLY A 33 6.79 -2.98 -7.70
N GLY A 34 5.85 -2.14 -7.23
CA GLY A 34 4.74 -2.56 -6.44
C GLY A 34 4.95 -2.32 -4.98
N ILE A 35 3.83 -2.21 -4.23
CA ILE A 35 3.82 -1.93 -2.83
C ILE A 35 3.01 -3.02 -2.22
N TYR A 36 3.42 -3.48 -1.03
CA TYR A 36 2.94 -4.66 -0.36
C TYR A 36 2.70 -4.38 1.07
N VAL A 37 1.54 -4.80 1.61
CA VAL A 37 1.18 -4.59 2.98
C VAL A 37 1.81 -5.57 3.91
N LYS A 38 2.46 -5.08 4.97
CA LYS A 38 3.16 -5.84 5.96
C LYS A 38 2.24 -6.32 7.03
N ALA A 39 1.49 -5.41 7.68
CA ALA A 39 0.55 -5.75 8.70
C ALA A 39 -0.32 -4.58 9.00
N VAL A 40 -1.44 -4.82 9.70
CA VAL A 40 -2.42 -3.85 10.07
C VAL A 40 -2.22 -3.37 11.47
N ILE A 41 -2.22 -2.03 11.67
CA ILE A 41 -2.09 -1.41 12.95
C ILE A 41 -3.41 -1.36 13.63
N PRO A 42 -3.65 -1.84 14.82
CA PRO A 42 -4.96 -1.91 15.39
C PRO A 42 -5.44 -0.63 16.00
N GLN A 43 -5.03 0.53 15.46
CA GLN A 43 -5.39 1.83 15.94
C GLN A 43 -5.59 2.73 14.77
N GLY A 44 -6.43 2.33 13.81
CA GLY A 44 -6.65 3.09 12.62
C GLY A 44 -7.84 2.60 11.87
N ALA A 45 -8.22 3.34 10.80
CA ALA A 45 -9.38 3.10 10.01
C ALA A 45 -9.41 1.79 9.31
N ALA A 46 -8.25 1.25 8.89
CA ALA A 46 -8.12 -0.04 8.30
C ALA A 46 -8.62 -1.15 9.14
N GLU A 47 -8.21 -1.21 10.43
CA GLU A 47 -8.61 -2.18 11.38
C GLU A 47 -9.97 -1.93 11.92
N SER A 48 -10.39 -0.66 11.98
CA SER A 48 -11.71 -0.25 12.36
C SER A 48 -12.76 -0.71 11.40
N ASP A 49 -12.63 -0.35 10.11
CA ASP A 49 -13.60 -0.58 9.10
C ASP A 49 -13.58 -1.97 8.60
N GLY A 50 -12.40 -2.52 8.27
CA GLY A 50 -12.23 -3.85 7.78
C GLY A 50 -12.26 -3.88 6.29
N ARG A 51 -11.13 -3.55 5.64
CA ARG A 51 -11.05 -3.36 4.22
C ARG A 51 -9.79 -3.91 3.64
N ILE A 52 -8.62 -3.56 4.18
CA ILE A 52 -7.35 -3.82 3.60
C ILE A 52 -6.54 -4.51 4.65
N HIS A 53 -5.80 -5.58 4.32
CA HIS A 53 -5.09 -6.35 5.30
C HIS A 53 -3.77 -6.86 4.84
N LYS A 54 -3.18 -7.81 5.60
CA LYS A 54 -1.88 -8.35 5.35
C LYS A 54 -1.71 -8.98 4.00
N GLY A 55 -0.71 -8.52 3.24
CA GLY A 55 -0.39 -8.98 1.93
C GLY A 55 -1.25 -8.49 0.81
N ASP A 56 -2.05 -7.44 1.02
CA ASP A 56 -2.71 -6.73 -0.03
C ASP A 56 -1.76 -5.86 -0.77
N ARG A 57 -2.07 -5.54 -2.04
CA ARG A 57 -1.19 -4.83 -2.92
C ARG A 57 -1.96 -3.74 -3.60
N VAL A 58 -1.46 -2.50 -3.63
CA VAL A 58 -2.17 -1.40 -4.22
C VAL A 58 -2.01 -1.29 -5.70
N LEU A 59 -3.00 -0.71 -6.38
CA LEU A 59 -3.05 -0.53 -7.80
C LEU A 59 -3.13 0.94 -8.05
N ALA A 60 -4.35 1.52 -8.02
CA ALA A 60 -4.58 2.89 -8.34
C ALA A 60 -4.71 3.77 -7.14
N VAL A 61 -4.20 5.02 -7.24
CA VAL A 61 -4.26 6.02 -6.22
C VAL A 61 -4.99 7.19 -6.77
N ASN A 62 -6.33 7.24 -6.60
CA ASN A 62 -7.20 8.27 -7.10
C ASN A 62 -7.12 8.42 -8.58
N GLY A 63 -7.52 7.35 -9.29
CA GLY A 63 -7.45 7.26 -10.72
C GLY A 63 -6.25 6.54 -11.22
N VAL A 64 -5.04 7.06 -10.94
CA VAL A 64 -3.85 6.66 -11.62
C VAL A 64 -3.23 5.43 -11.04
N SER A 65 -2.84 4.48 -11.91
CA SER A 65 -2.19 3.26 -11.54
C SER A 65 -0.75 3.52 -11.22
N LEU A 66 -0.26 3.13 -10.03
CA LEU A 66 0.97 3.60 -9.49
C LEU A 66 2.16 2.82 -9.93
N GLU A 67 2.25 2.59 -11.25
CA GLU A 67 3.42 2.12 -11.94
C GLU A 67 4.49 3.14 -12.01
N GLY A 68 5.75 2.74 -11.74
CA GLY A 68 6.91 3.58 -11.88
C GLY A 68 7.39 4.17 -10.60
N ALA A 69 6.58 4.14 -9.53
CA ALA A 69 6.90 4.74 -8.28
C ALA A 69 7.90 3.99 -7.47
N THR A 70 8.84 4.70 -6.85
CA THR A 70 9.71 4.24 -5.82
C THR A 70 9.12 4.55 -4.49
N HIS A 71 9.74 4.08 -3.39
CA HIS A 71 9.17 4.13 -2.08
C HIS A 71 8.87 5.48 -1.54
N LYS A 72 9.73 6.48 -1.77
CA LYS A 72 9.53 7.82 -1.31
C LYS A 72 8.43 8.55 -2.02
N GLN A 73 8.16 8.18 -3.29
CA GLN A 73 7.07 8.71 -4.05
C GLN A 73 5.79 8.06 -3.66
N ALA A 74 5.82 6.73 -3.45
CA ALA A 74 4.70 5.95 -3.00
C ALA A 74 4.20 6.28 -1.65
N VAL A 75 5.07 6.56 -0.66
CA VAL A 75 4.65 6.97 0.64
C VAL A 75 3.98 8.29 0.66
N GLU A 76 4.52 9.29 -0.07
CA GLU A 76 4.05 10.64 -0.12
C GLU A 76 2.71 10.79 -0.76
N THR A 77 2.50 10.14 -1.91
CA THR A 77 1.30 10.17 -2.69
C THR A 77 0.11 9.58 -2.01
N LEU A 78 0.31 8.54 -1.17
CA LEU A 78 -0.71 7.90 -0.41
C LEU A 78 -0.89 8.44 0.95
N ARG A 79 0.08 9.21 1.48
CA ARG A 79 -0.10 9.98 2.68
C ARG A 79 -0.90 11.20 2.43
N ASN A 80 -0.48 12.05 1.47
CA ASN A 80 -1.10 13.32 1.22
C ASN A 80 -2.17 13.21 0.18
N THR A 81 -3.23 12.48 0.53
CA THR A 81 -4.47 12.35 -0.19
C THR A 81 -5.40 13.44 0.20
N GLY A 82 -5.73 13.52 1.50
CA GLY A 82 -6.54 14.54 2.09
C GLY A 82 -7.78 13.96 2.69
N GLN A 83 -8.96 14.51 2.34
CA GLN A 83 -10.18 14.15 3.00
C GLN A 83 -10.75 12.87 2.48
N VAL A 84 -10.77 12.70 1.14
CA VAL A 84 -11.39 11.56 0.53
C VAL A 84 -10.37 10.59 0.05
N VAL A 85 -10.66 9.28 0.21
CA VAL A 85 -9.72 8.22 0.05
C VAL A 85 -10.20 7.32 -1.04
N HIS A 86 -9.66 7.44 -2.26
CA HIS A 86 -10.00 6.59 -3.35
C HIS A 86 -8.83 5.79 -3.81
N LEU A 87 -8.87 4.47 -3.67
CA LEU A 87 -7.80 3.62 -4.14
C LEU A 87 -8.32 2.30 -4.57
N LEU A 88 -7.56 1.61 -5.45
CA LEU A 88 -7.89 0.30 -5.92
C LEU A 88 -6.75 -0.58 -5.53
N LEU A 89 -7.05 -1.84 -5.18
CA LEU A 89 -6.10 -2.77 -4.65
C LEU A 89 -6.34 -4.12 -5.25
N GLU A 90 -5.32 -4.99 -5.21
CA GLU A 90 -5.43 -6.39 -5.50
C GLU A 90 -5.29 -7.10 -4.20
N LYS A 91 -6.26 -7.95 -3.84
CA LYS A 91 -6.27 -8.64 -2.58
C LYS A 91 -5.27 -9.75 -2.54
N GLY A 92 -4.68 -10.00 -1.36
CA GLY A 92 -3.59 -10.92 -1.19
C GLY A 92 -3.94 -12.37 -1.19
N GLN A 93 -3.35 -13.11 -0.23
CA GLN A 93 -3.44 -14.54 -0.14
C GLN A 93 -4.54 -14.94 0.78
N SER A 94 -5.19 -16.08 0.49
CA SER A 94 -6.21 -16.62 1.33
C SER A 94 -5.63 -17.36 2.48
N PRO A 95 -6.16 -17.29 3.67
CA PRO A 95 -5.84 -18.23 4.71
C PRO A 95 -6.31 -19.61 4.41
N THR A 96 -7.56 -19.79 3.97
CA THR A 96 -8.08 -21.03 3.47
C THR A 96 -8.71 -20.83 2.10
N PHE B 1 27.33 17.76 -6.52
CA PHE B 1 27.19 16.87 -5.34
C PHE B 1 25.77 16.49 -5.08
N ALA B 2 24.93 17.41 -4.58
CA ALA B 2 23.57 17.12 -4.21
C ALA B 2 22.59 17.33 -5.32
N ASP B 3 21.32 16.97 -5.07
CA ASP B 3 20.20 17.09 -5.94
C ASP B 3 20.40 16.46 -7.28
N SER B 4 20.66 15.14 -7.29
CA SER B 4 20.96 14.44 -8.50
C SER B 4 20.49 13.04 -8.42
N GLU B 5 21.14 12.21 -7.57
CA GLU B 5 20.91 10.80 -7.50
C GLU B 5 20.03 10.47 -6.35
N ALA B 6 20.41 9.53 -5.48
CA ALA B 6 19.58 9.02 -4.42
C ALA B 6 19.79 9.74 -3.12
N ASP B 7 18.73 9.78 -2.29
CA ASP B 7 18.75 10.40 -0.99
C ASP B 7 18.51 9.41 0.09
N GLU B 8 19.06 8.18 -0.04
CA GLU B 8 19.08 7.14 0.93
C GLU B 8 17.80 6.78 1.59
N ASN B 9 16.82 6.22 0.85
CA ASN B 9 15.53 5.92 1.36
C ASN B 9 14.95 4.64 0.85
N GLU B 10 15.47 3.49 1.29
CA GLU B 10 14.92 2.20 0.99
C GLU B 10 14.59 1.45 2.24
N GLN B 11 13.44 1.75 2.87
CA GLN B 11 13.14 1.18 4.16
C GLN B 11 11.72 0.75 4.32
N VAL B 12 11.04 1.14 5.41
CA VAL B 12 9.68 0.80 5.71
C VAL B 12 8.91 2.05 5.97
N SER B 13 7.57 2.00 5.77
CA SER B 13 6.72 3.15 5.82
C SER B 13 5.42 2.87 6.49
N ALA B 14 4.83 3.89 7.14
CA ALA B 14 3.55 3.84 7.77
C ALA B 14 2.67 4.94 7.32
N VAL B 15 1.34 4.70 7.32
CA VAL B 15 0.30 5.66 7.12
C VAL B 15 -0.93 5.10 7.82
N PRO A 1 -12.83 -16.51 -8.99
CA PRO A 1 -11.87 -15.40 -9.24
C PRO A 1 -10.48 -15.94 -9.11
N LYS A 2 -9.45 -15.09 -9.34
CA LYS A 2 -8.08 -15.44 -9.13
C LYS A 2 -7.67 -15.07 -7.75
N PRO A 3 -6.56 -15.47 -7.21
CA PRO A 3 -6.18 -15.13 -5.87
C PRO A 3 -5.92 -13.67 -5.67
N GLY A 4 -5.34 -12.99 -6.68
CA GLY A 4 -5.19 -11.57 -6.72
C GLY A 4 -6.31 -10.95 -7.49
N ASP A 5 -7.51 -10.93 -6.90
CA ASP A 5 -8.66 -10.25 -7.41
C ASP A 5 -8.55 -8.81 -7.10
N ILE A 6 -8.94 -7.93 -8.05
CA ILE A 6 -8.83 -6.51 -7.91
C ILE A 6 -10.01 -6.02 -7.13
N PHE A 7 -9.79 -5.15 -6.14
CA PHE A 7 -10.86 -4.62 -5.34
C PHE A 7 -10.74 -3.14 -5.19
N GLU A 8 -11.88 -2.46 -5.00
CA GLU A 8 -11.96 -1.04 -4.86
C GLU A 8 -12.19 -0.70 -3.43
N VAL A 9 -11.39 0.23 -2.88
CA VAL A 9 -11.65 0.82 -1.60
C VAL A 9 -12.22 2.18 -1.78
N GLU A 10 -13.46 2.40 -1.32
CA GLU A 10 -14.07 3.69 -1.19
C GLU A 10 -14.25 3.94 0.27
N LEU A 11 -13.36 4.74 0.88
CA LEU A 11 -13.35 5.04 2.27
C LEU A 11 -13.14 6.49 2.47
N ALA A 12 -13.29 6.99 3.71
CA ALA A 12 -13.02 8.36 4.02
C ALA A 12 -12.52 8.45 5.42
N LYS A 13 -11.84 9.56 5.76
CA LYS A 13 -11.34 9.87 7.06
C LYS A 13 -12.42 10.18 8.03
N ASN A 14 -12.74 9.24 8.94
CA ASN A 14 -13.55 9.47 10.09
C ASN A 14 -12.71 9.60 11.32
N ASP A 15 -11.97 8.54 11.69
CA ASP A 15 -11.04 8.52 12.77
C ASP A 15 -9.72 9.02 12.32
N ASN A 16 -9.08 8.26 11.40
CA ASN A 16 -7.82 8.57 10.80
C ASN A 16 -7.93 8.23 9.36
N SER A 17 -6.89 8.50 8.54
CA SER A 17 -6.91 8.22 7.13
C SER A 17 -6.56 6.81 6.86
N LEU A 18 -5.30 6.36 7.07
CA LEU A 18 -4.95 4.98 7.00
C LEU A 18 -4.77 4.39 8.36
N GLY A 19 -3.51 4.12 8.77
CA GLY A 19 -3.18 3.40 9.95
C GLY A 19 -2.86 1.97 9.66
N ILE A 20 -1.86 1.73 8.79
CA ILE A 20 -1.45 0.43 8.38
C ILE A 20 0.02 0.42 8.19
N SER A 21 0.70 -0.74 8.12
CA SER A 21 2.12 -0.80 8.04
C SER A 21 2.55 -1.52 6.80
N VAL A 22 3.60 -1.01 6.13
CA VAL A 22 3.96 -1.39 4.80
C VAL A 22 5.39 -1.85 4.82
N THR A 23 5.78 -2.72 3.86
CA THR A 23 7.11 -3.20 3.75
C THR A 23 7.57 -3.22 2.33
N GLY A 24 8.24 -2.14 1.91
CA GLY A 24 9.00 -2.10 0.70
C GLY A 24 8.26 -2.01 -0.59
N GLY A 25 8.89 -2.55 -1.65
CA GLY A 25 8.48 -2.36 -3.00
C GLY A 25 9.30 -1.29 -3.64
N VAL A 26 10.55 -1.64 -4.06
CA VAL A 26 11.55 -0.66 -4.34
C VAL A 26 11.99 -0.66 -5.76
N ASN A 27 13.19 -1.19 -6.06
CA ASN A 27 13.91 -0.94 -7.28
C ASN A 27 13.31 -1.73 -8.39
N THR A 28 13.14 -3.05 -8.16
CA THR A 28 12.18 -3.85 -8.83
C THR A 28 11.85 -4.89 -7.81
N SER A 29 10.58 -5.27 -7.63
CA SER A 29 10.19 -6.04 -6.49
C SER A 29 9.00 -6.88 -6.80
N VAL A 30 7.77 -6.35 -6.63
CA VAL A 30 6.55 -7.05 -6.79
C VAL A 30 6.30 -7.27 -8.24
N ARG A 31 6.20 -6.17 -9.00
CA ARG A 31 6.16 -6.15 -10.42
C ARG A 31 6.91 -4.95 -10.88
N HIS A 32 6.32 -4.04 -11.67
CA HIS A 32 6.92 -2.79 -12.02
C HIS A 32 6.69 -1.77 -10.97
N GLY A 33 7.25 -2.02 -9.78
CA GLY A 33 6.93 -1.36 -8.55
C GLY A 33 6.16 -2.31 -7.72
N GLY A 34 4.99 -1.84 -7.21
CA GLY A 34 4.13 -2.56 -6.31
C GLY A 34 4.55 -2.40 -4.89
N ILE A 35 3.58 -2.11 -4.00
CA ILE A 35 3.83 -1.79 -2.63
C ILE A 35 2.99 -2.72 -1.83
N TYR A 36 3.53 -3.29 -0.74
CA TYR A 36 2.97 -4.44 -0.09
C TYR A 36 2.74 -4.20 1.36
N VAL A 37 1.53 -4.50 1.87
CA VAL A 37 1.20 -4.36 3.25
C VAL A 37 1.80 -5.43 4.09
N LYS A 38 2.36 -5.03 5.24
CA LYS A 38 3.00 -5.89 6.20
C LYS A 38 2.02 -6.42 7.18
N ALA A 39 1.38 -5.52 7.95
CA ALA A 39 0.42 -5.88 8.95
C ALA A 39 -0.41 -4.68 9.23
N VAL A 40 -1.59 -4.87 9.87
CA VAL A 40 -2.42 -3.80 10.31
C VAL A 40 -2.09 -3.40 11.70
N ILE A 41 -1.98 -2.08 11.96
CA ILE A 41 -1.84 -1.54 13.26
C ILE A 41 -3.22 -1.40 13.85
N PRO A 42 -3.57 -1.75 15.05
CA PRO A 42 -4.85 -1.41 15.60
C PRO A 42 -4.95 0.04 15.97
N GLN A 43 -5.13 0.93 14.99
CA GLN A 43 -5.00 2.34 15.19
C GLN A 43 -6.01 3.14 14.45
N GLY A 44 -6.34 2.79 13.19
CA GLY A 44 -7.09 3.64 12.33
C GLY A 44 -8.05 2.88 11.49
N ALA A 45 -8.24 3.34 10.23
CA ALA A 45 -9.32 3.03 9.36
C ALA A 45 -9.40 1.60 8.95
N ALA A 46 -8.23 0.99 8.69
CA ALA A 46 -8.06 -0.36 8.24
C ALA A 46 -8.67 -1.38 9.15
N GLU A 47 -8.36 -1.32 10.45
CA GLU A 47 -8.94 -2.13 11.49
C GLU A 47 -10.31 -1.67 11.87
N SER A 48 -10.56 -0.35 11.92
CA SER A 48 -11.79 0.22 12.37
C SER A 48 -12.98 -0.16 11.55
N ASP A 49 -12.88 -0.06 10.21
CA ASP A 49 -13.89 -0.56 9.33
C ASP A 49 -13.71 -2.03 9.13
N GLY A 50 -12.48 -2.49 8.85
CA GLY A 50 -12.16 -3.86 8.60
C GLY A 50 -12.19 -4.13 7.14
N ARG A 51 -11.19 -3.64 6.38
CA ARG A 51 -11.28 -3.57 4.96
C ARG A 51 -10.03 -3.94 4.23
N ILE A 52 -8.85 -3.52 4.71
CA ILE A 52 -7.59 -3.73 4.08
C ILE A 52 -6.72 -4.34 5.13
N HIS A 53 -5.95 -5.40 4.82
CA HIS A 53 -5.15 -6.06 5.80
C HIS A 53 -3.83 -6.48 5.29
N LYS A 54 -3.17 -7.43 5.98
CA LYS A 54 -1.90 -7.99 5.65
C LYS A 54 -1.83 -8.57 4.28
N GLY A 55 -0.75 -8.27 3.54
CA GLY A 55 -0.50 -8.74 2.21
C GLY A 55 -1.25 -8.10 1.09
N ASP A 56 -2.15 -7.14 1.35
CA ASP A 56 -2.86 -6.47 0.30
C ASP A 56 -2.01 -5.47 -0.40
N ARG A 57 -2.31 -5.22 -1.69
CA ARG A 57 -1.45 -4.55 -2.62
C ARG A 57 -2.17 -3.37 -3.20
N VAL A 58 -1.53 -2.20 -3.38
CA VAL A 58 -2.14 -1.11 -4.08
C VAL A 58 -1.84 -1.14 -5.54
N LEU A 59 -2.72 -0.53 -6.34
CA LEU A 59 -2.56 -0.41 -7.76
C LEU A 59 -2.50 1.04 -8.09
N ALA A 60 -3.65 1.71 -8.34
CA ALA A 60 -3.75 3.11 -8.59
C ALA A 60 -4.19 3.84 -7.36
N VAL A 61 -3.70 5.07 -7.13
CA VAL A 61 -4.15 5.95 -6.10
C VAL A 61 -5.03 7.01 -6.65
N ASN A 62 -6.35 6.76 -6.67
CA ASN A 62 -7.37 7.66 -7.10
C ASN A 62 -7.20 8.10 -8.51
N GLY A 63 -7.12 7.14 -9.45
CA GLY A 63 -6.97 7.39 -10.85
C GLY A 63 -5.57 7.58 -11.31
N VAL A 64 -4.60 7.76 -10.39
CA VAL A 64 -3.22 7.98 -10.70
C VAL A 64 -2.44 6.74 -10.48
N SER A 65 -1.69 6.28 -11.50
CA SER A 65 -0.89 5.09 -11.41
C SER A 65 0.39 5.27 -10.67
N LEU A 66 0.97 4.16 -10.18
CA LEU A 66 2.23 4.11 -9.51
C LEU A 66 3.17 3.27 -10.31
N GLU A 67 3.08 3.33 -11.65
CA GLU A 67 3.87 2.56 -12.56
C GLU A 67 5.32 2.93 -12.55
N GLY A 68 6.20 1.99 -12.14
CA GLY A 68 7.61 2.21 -12.08
C GLY A 68 8.09 2.97 -10.89
N ALA A 69 7.25 3.09 -9.84
CA ALA A 69 7.62 3.76 -8.63
C ALA A 69 8.49 2.95 -7.74
N THR A 70 9.38 3.62 -6.99
CA THR A 70 10.05 3.07 -5.84
C THR A 70 9.23 3.34 -4.63
N HIS A 71 9.65 2.80 -3.47
CA HIS A 71 8.98 2.98 -2.22
C HIS A 71 8.91 4.39 -1.75
N LYS A 72 9.94 5.21 -1.96
CA LYS A 72 9.94 6.60 -1.63
C LYS A 72 8.97 7.38 -2.46
N GLN A 73 8.89 7.07 -3.77
CA GLN A 73 8.09 7.74 -4.74
C GLN A 73 6.63 7.45 -4.53
N ALA A 74 6.31 6.19 -4.21
CA ALA A 74 4.99 5.75 -3.88
C ALA A 74 4.45 6.32 -2.61
N VAL A 75 5.20 6.30 -1.50
CA VAL A 75 4.67 6.69 -0.22
C VAL A 75 4.24 8.12 -0.11
N GLU A 76 4.94 9.09 -0.72
CA GLU A 76 4.49 10.44 -0.78
C GLU A 76 3.22 10.60 -1.54
N THR A 77 3.14 9.96 -2.71
CA THR A 77 2.01 9.95 -3.58
C THR A 77 0.79 9.39 -2.93
N LEU A 78 0.97 8.37 -2.08
CA LEU A 78 -0.03 7.75 -1.26
C LEU A 78 -0.38 8.46 -0.01
N ARG A 79 0.57 9.10 0.69
CA ARG A 79 0.34 9.83 1.90
C ARG A 79 -0.54 11.02 1.70
N ASN A 80 -0.30 11.80 0.64
CA ASN A 80 -0.86 13.11 0.47
C ASN A 80 -2.22 13.11 -0.12
N THR A 81 -3.12 12.27 0.45
CA THR A 81 -4.49 12.08 0.09
C THR A 81 -5.36 12.88 1.00
N GLY A 82 -5.55 12.40 2.24
CA GLY A 82 -6.15 13.14 3.32
C GLY A 82 -7.52 12.67 3.66
N GLN A 83 -8.53 13.48 3.29
CA GLN A 83 -9.90 13.29 3.64
C GLN A 83 -10.57 12.11 3.03
N VAL A 84 -10.52 11.98 1.70
CA VAL A 84 -11.16 10.92 0.98
C VAL A 84 -10.15 9.96 0.46
N VAL A 85 -10.46 8.65 0.57
CA VAL A 85 -9.59 7.57 0.24
C VAL A 85 -10.30 6.69 -0.73
N HIS A 86 -10.07 6.88 -2.04
CA HIS A 86 -10.85 6.21 -3.04
C HIS A 86 -9.98 5.67 -4.11
N LEU A 87 -9.53 4.40 -3.98
CA LEU A 87 -8.46 3.85 -4.75
C LEU A 87 -8.65 2.40 -5.07
N LEU A 88 -7.72 1.82 -5.85
CA LEU A 88 -7.83 0.52 -6.40
C LEU A 88 -6.70 -0.33 -5.93
N LEU A 89 -7.03 -1.53 -5.44
CA LEU A 89 -6.12 -2.47 -4.84
C LEU A 89 -6.22 -3.79 -5.52
N GLU A 90 -5.25 -4.69 -5.23
CA GLU A 90 -5.26 -6.06 -5.63
C GLU A 90 -5.10 -6.88 -4.41
N LYS A 91 -5.80 -8.02 -4.31
CA LYS A 91 -5.78 -8.86 -3.14
C LYS A 91 -4.52 -9.63 -2.96
N GLY A 92 -4.10 -9.84 -1.70
CA GLY A 92 -2.91 -10.55 -1.39
C GLY A 92 -3.03 -12.02 -1.54
N GLN A 93 -1.88 -12.72 -1.74
CA GLN A 93 -1.84 -14.09 -2.16
C GLN A 93 -2.15 -15.08 -1.10
N SER A 94 -2.38 -16.35 -1.50
CA SER A 94 -2.73 -17.42 -0.64
C SER A 94 -1.55 -18.05 0.00
N PRO A 95 -1.62 -18.66 1.16
CA PRO A 95 -0.50 -19.34 1.73
C PRO A 95 -0.05 -20.58 1.03
N THR A 96 -0.95 -21.53 0.77
CA THR A 96 -0.62 -22.87 0.36
C THR A 96 -1.13 -23.17 -1.04
N PHE B 1 6.71 -17.85 7.49
CA PHE B 1 8.12 -17.51 7.20
C PHE B 1 9.05 -18.21 8.12
N ALA B 2 10.02 -18.98 7.59
CA ALA B 2 10.91 -19.78 8.37
C ALA B 2 12.33 -19.34 8.22
N ASP B 3 12.89 -19.43 7.01
CA ASP B 3 14.26 -19.12 6.71
C ASP B 3 14.43 -17.65 6.51
N SER B 4 15.68 -17.18 6.37
CA SER B 4 16.04 -15.80 6.48
C SER B 4 15.74 -14.94 5.30
N GLU B 5 16.78 -14.61 4.51
CA GLU B 5 16.82 -13.62 3.48
C GLU B 5 16.69 -12.21 3.97
N ALA B 6 16.83 -11.24 3.06
CA ALA B 6 16.63 -9.84 3.26
C ALA B 6 17.39 -9.23 4.40
N ASP B 7 18.73 -9.26 4.35
CA ASP B 7 19.59 -8.78 5.39
C ASP B 7 19.65 -7.29 5.40
N GLU B 8 20.09 -6.65 4.29
CA GLU B 8 19.97 -5.23 4.13
C GLU B 8 18.83 -4.91 3.24
N ASN B 9 18.10 -3.82 3.53
CA ASN B 9 16.91 -3.46 2.81
C ASN B 9 17.00 -2.04 2.38
N GLU B 10 15.88 -1.30 2.32
CA GLU B 10 15.87 0.06 1.87
C GLU B 10 15.28 0.92 2.95
N GLN B 11 13.95 1.08 3.04
CA GLN B 11 13.33 1.71 4.16
C GLN B 11 12.02 1.06 4.42
N VAL B 12 11.35 1.35 5.56
CA VAL B 12 10.01 0.93 5.84
C VAL B 12 9.19 2.14 6.10
N SER B 13 7.87 2.06 5.87
CA SER B 13 7.01 3.20 5.94
C SER B 13 5.71 2.85 6.58
N ALA B 14 5.03 3.87 7.15
CA ALA B 14 3.67 3.76 7.59
C ALA B 14 2.92 5.00 7.24
N VAL B 15 1.58 4.90 7.17
CA VAL B 15 0.66 5.97 6.96
C VAL B 15 -0.64 5.49 7.59
N PRO A 1 -13.21 -16.26 -11.58
CA PRO A 1 -12.51 -15.08 -11.02
C PRO A 1 -11.53 -15.60 -10.03
N LYS A 2 -10.46 -14.83 -9.69
CA LYS A 2 -9.45 -15.32 -8.81
C LYS A 2 -9.90 -15.26 -7.40
N PRO A 3 -9.34 -15.99 -6.47
CA PRO A 3 -9.65 -15.81 -5.08
C PRO A 3 -9.16 -14.51 -4.58
N GLY A 4 -7.95 -14.08 -5.02
CA GLY A 4 -7.44 -12.77 -4.77
C GLY A 4 -7.51 -11.91 -5.99
N ASP A 5 -8.73 -11.58 -6.46
CA ASP A 5 -8.97 -10.71 -7.57
C ASP A 5 -8.94 -9.27 -7.20
N ILE A 6 -9.09 -8.36 -8.18
CA ILE A 6 -9.05 -6.94 -8.03
C ILE A 6 -10.29 -6.39 -7.40
N PHE A 7 -10.17 -5.35 -6.54
CA PHE A 7 -11.28 -4.62 -6.03
C PHE A 7 -10.90 -3.19 -5.82
N GLU A 8 -11.90 -2.28 -5.72
CA GLU A 8 -11.67 -0.87 -5.59
C GLU A 8 -12.42 -0.31 -4.43
N VAL A 9 -11.70 0.34 -3.49
CA VAL A 9 -12.24 0.92 -2.31
C VAL A 9 -12.30 2.41 -2.40
N GLU A 10 -13.45 3.02 -2.05
CA GLU A 10 -13.51 4.40 -1.65
C GLU A 10 -13.84 4.47 -0.21
N LEU A 11 -12.98 5.11 0.59
CA LEU A 11 -13.17 5.34 1.99
C LEU A 11 -12.84 6.77 2.27
N ALA A 12 -12.71 7.15 3.56
CA ALA A 12 -12.38 8.48 3.95
C ALA A 12 -11.75 8.45 5.30
N LYS A 13 -11.17 9.58 5.74
CA LYS A 13 -10.56 9.75 7.01
C LYS A 13 -11.55 9.81 8.12
N ASN A 14 -11.68 8.72 8.90
CA ASN A 14 -12.57 8.64 10.02
C ASN A 14 -11.87 9.06 11.28
N ASP A 15 -11.16 8.13 11.95
CA ASP A 15 -10.33 8.39 13.09
C ASP A 15 -8.96 8.77 12.66
N ASN A 16 -8.42 8.02 11.68
CA ASN A 16 -7.17 8.25 11.02
C ASN A 16 -7.43 7.97 9.58
N SER A 17 -6.46 8.14 8.67
CA SER A 17 -6.65 7.94 7.27
C SER A 17 -6.52 6.50 6.89
N LEU A 18 -5.32 5.90 6.99
CA LEU A 18 -5.13 4.51 6.66
C LEU A 18 -5.09 3.66 7.88
N GLY A 19 -3.95 3.60 8.59
CA GLY A 19 -3.73 2.74 9.69
C GLY A 19 -3.02 1.48 9.29
N ILE A 20 -1.94 1.59 8.52
CA ILE A 20 -1.31 0.45 7.91
C ILE A 20 0.16 0.58 7.82
N SER A 21 0.88 -0.55 7.71
CA SER A 21 2.31 -0.60 7.58
C SER A 21 2.67 -1.33 6.35
N VAL A 22 3.77 -0.93 5.69
CA VAL A 22 4.11 -1.27 4.34
C VAL A 22 5.42 -1.95 4.30
N THR A 23 5.64 -2.86 3.33
CA THR A 23 6.87 -3.56 3.16
C THR A 23 7.27 -3.63 1.73
N GLY A 24 8.31 -2.86 1.37
CA GLY A 24 8.94 -2.86 0.09
C GLY A 24 8.38 -1.82 -0.81
N GLY A 25 7.76 -2.24 -1.93
CA GLY A 25 7.10 -1.36 -2.84
C GLY A 25 7.98 -0.48 -3.67
N VAL A 26 9.16 -1.02 -4.06
CA VAL A 26 10.19 -0.26 -4.69
C VAL A 26 10.32 -0.56 -6.15
N ASN A 27 11.51 -1.03 -6.59
CA ASN A 27 11.89 -1.20 -7.95
C ASN A 27 11.34 -2.44 -8.56
N THR A 28 11.96 -3.61 -8.33
CA THR A 28 11.47 -4.87 -8.79
C THR A 28 11.47 -5.76 -7.60
N SER A 29 10.25 -6.18 -7.20
CA SER A 29 10.03 -6.79 -5.93
C SER A 29 8.82 -7.67 -5.98
N VAL A 30 7.62 -7.12 -5.76
CA VAL A 30 6.38 -7.82 -5.91
C VAL A 30 6.03 -8.00 -7.36
N ARG A 31 6.05 -6.90 -8.12
CA ARG A 31 6.18 -6.85 -9.54
C ARG A 31 7.19 -5.79 -9.78
N HIS A 32 7.16 -5.13 -10.96
CA HIS A 32 7.68 -3.81 -11.16
C HIS A 32 6.72 -2.85 -10.55
N GLY A 33 7.00 -2.40 -9.30
CA GLY A 33 6.06 -1.64 -8.55
C GLY A 33 4.93 -2.44 -8.00
N GLY A 34 3.93 -1.74 -7.41
CA GLY A 34 2.98 -2.33 -6.53
C GLY A 34 3.47 -2.15 -5.13
N ILE A 35 2.56 -1.99 -4.14
CA ILE A 35 2.97 -1.80 -2.79
C ILE A 35 2.27 -2.87 -2.03
N TYR A 36 2.94 -3.47 -1.03
CA TYR A 36 2.49 -4.68 -0.40
C TYR A 36 2.38 -4.40 1.06
N VAL A 37 1.36 -4.99 1.71
CA VAL A 37 1.05 -4.71 3.09
C VAL A 37 1.82 -5.59 4.00
N LYS A 38 2.44 -4.97 5.03
CA LYS A 38 3.19 -5.65 6.04
C LYS A 38 2.29 -6.12 7.13
N ALA A 39 1.48 -5.20 7.68
CA ALA A 39 0.55 -5.49 8.73
C ALA A 39 -0.40 -4.33 8.83
N VAL A 40 -1.59 -4.56 9.40
CA VAL A 40 -2.51 -3.51 9.73
C VAL A 40 -2.28 -3.05 11.12
N ILE A 41 -2.32 -1.72 11.37
CA ILE A 41 -2.19 -1.17 12.68
C ILE A 41 -3.51 -1.19 13.35
N PRO A 42 -3.77 -1.80 14.48
CA PRO A 42 -5.04 -1.76 15.12
C PRO A 42 -5.27 -0.49 15.86
N GLN A 43 -5.24 0.65 15.16
CA GLN A 43 -5.46 1.95 15.73
C GLN A 43 -5.90 2.87 14.64
N GLY A 44 -6.65 2.36 13.65
CA GLY A 44 -7.11 3.20 12.58
C GLY A 44 -8.04 2.49 11.66
N ALA A 45 -8.56 3.25 10.68
CA ALA A 45 -9.50 2.90 9.66
C ALA A 45 -9.44 1.54 9.06
N ALA A 46 -8.24 1.06 8.69
CA ALA A 46 -8.03 -0.18 8.01
C ALA A 46 -8.50 -1.40 8.73
N GLU A 47 -8.28 -1.44 10.06
CA GLU A 47 -8.74 -2.48 10.93
C GLU A 47 -10.14 -2.21 11.40
N SER A 48 -10.47 -0.95 11.72
CA SER A 48 -11.76 -0.54 12.18
C SER A 48 -12.87 -0.80 11.22
N ASP A 49 -12.77 -0.28 9.99
CA ASP A 49 -13.72 -0.50 8.95
C ASP A 49 -13.54 -1.85 8.36
N GLY A 50 -12.30 -2.38 8.38
CA GLY A 50 -12.00 -3.74 8.08
C GLY A 50 -11.86 -4.00 6.63
N ARG A 51 -10.70 -3.63 6.04
CA ARG A 51 -10.56 -3.58 4.62
C ARG A 51 -9.26 -4.14 4.17
N ILE A 52 -8.11 -3.67 4.69
CA ILE A 52 -6.83 -3.94 4.11
C ILE A 52 -5.98 -4.48 5.21
N HIS A 53 -5.38 -5.66 5.00
CA HIS A 53 -4.62 -6.37 5.98
C HIS A 53 -3.36 -6.85 5.34
N LYS A 54 -2.58 -7.69 6.04
CA LYS A 54 -1.33 -8.22 5.59
C LYS A 54 -1.40 -8.94 4.29
N GLY A 55 -0.52 -8.58 3.34
CA GLY A 55 -0.43 -9.22 2.06
C GLY A 55 -1.46 -8.90 1.05
N ASP A 56 -2.16 -7.75 1.16
CA ASP A 56 -2.88 -7.17 0.06
C ASP A 56 -1.93 -6.41 -0.81
N ARG A 57 -2.28 -6.17 -2.08
CA ARG A 57 -1.45 -5.46 -3.00
C ARG A 57 -2.20 -4.27 -3.50
N VAL A 58 -1.71 -3.05 -3.22
CA VAL A 58 -2.35 -1.83 -3.60
C VAL A 58 -1.67 -1.26 -4.79
N LEU A 59 -2.46 -0.75 -5.75
CA LEU A 59 -1.98 -0.35 -7.04
C LEU A 59 -2.28 1.10 -7.27
N ALA A 60 -3.47 1.45 -7.78
CA ALA A 60 -3.74 2.78 -8.21
C ALA A 60 -4.23 3.67 -7.11
N VAL A 61 -3.65 4.88 -6.99
CA VAL A 61 -3.98 5.86 -6.01
C VAL A 61 -4.80 6.92 -6.66
N ASN A 62 -6.13 6.77 -6.60
CA ASN A 62 -7.11 7.58 -7.24
C ASN A 62 -6.94 7.66 -8.73
N GLY A 63 -6.88 6.49 -9.38
CA GLY A 63 -6.75 6.39 -10.81
C GLY A 63 -5.35 6.12 -11.26
N VAL A 64 -4.36 6.85 -10.71
CA VAL A 64 -3.01 6.83 -11.18
C VAL A 64 -2.23 5.71 -10.57
N SER A 65 -1.56 4.89 -11.38
CA SER A 65 -0.73 3.83 -10.89
C SER A 65 0.59 4.31 -10.41
N LEU A 66 1.24 3.54 -9.52
CA LEU A 66 2.46 3.88 -8.87
C LEU A 66 3.68 3.32 -9.54
N GLU A 67 3.50 2.36 -10.46
CA GLU A 67 4.55 1.57 -11.03
C GLU A 67 5.52 2.32 -11.87
N GLY A 68 6.82 2.15 -11.58
CA GLY A 68 7.89 2.92 -12.15
C GLY A 68 8.53 3.74 -11.09
N ALA A 69 7.71 4.49 -10.33
CA ALA A 69 8.09 5.20 -9.15
C ALA A 69 8.21 4.29 -7.97
N THR A 70 9.07 4.63 -6.98
CA THR A 70 9.32 3.83 -5.84
C THR A 70 8.46 4.22 -4.67
N HIS A 71 8.64 3.53 -3.53
CA HIS A 71 8.09 3.76 -2.24
C HIS A 71 8.23 5.16 -1.73
N LYS A 72 9.38 5.80 -2.01
CA LYS A 72 9.67 7.18 -1.72
C LYS A 72 8.70 8.14 -2.32
N GLN A 73 8.37 7.95 -3.61
CA GLN A 73 7.48 8.77 -4.35
C GLN A 73 6.06 8.48 -4.02
N ALA A 74 5.74 7.21 -3.73
CA ALA A 74 4.47 6.75 -3.28
C ALA A 74 4.02 7.36 -2.00
N VAL A 75 4.87 7.37 -0.95
CA VAL A 75 4.50 7.90 0.33
C VAL A 75 4.30 9.37 0.35
N GLU A 76 4.99 10.13 -0.53
CA GLU A 76 4.71 11.52 -0.73
C GLU A 76 3.42 11.75 -1.43
N THR A 77 3.09 10.90 -2.42
CA THR A 77 1.89 10.96 -3.20
C THR A 77 0.67 10.69 -2.37
N LEU A 78 0.71 9.68 -1.48
CA LEU A 78 -0.42 9.29 -0.71
C LEU A 78 -0.68 10.13 0.49
N ARG A 79 0.33 10.47 1.33
CA ARG A 79 0.11 11.22 2.52
C ARG A 79 -0.50 12.56 2.30
N ASN A 80 -0.13 13.24 1.19
CA ASN A 80 -0.60 14.56 0.92
C ASN A 80 -1.84 14.54 0.09
N THR A 81 -2.87 13.82 0.59
CA THR A 81 -4.19 13.73 0.05
C THR A 81 -5.15 14.45 0.94
N GLY A 82 -5.40 13.92 2.14
CA GLY A 82 -6.23 14.54 3.14
C GLY A 82 -7.44 13.74 3.48
N GLN A 83 -8.63 14.17 3.01
CA GLN A 83 -9.88 13.72 3.53
C GLN A 83 -10.35 12.40 3.02
N VAL A 84 -10.26 12.17 1.70
CA VAL A 84 -10.78 10.99 1.07
C VAL A 84 -9.68 10.03 0.71
N VAL A 85 -10.04 8.74 0.61
CA VAL A 85 -9.13 7.69 0.25
C VAL A 85 -9.75 6.89 -0.83
N HIS A 86 -9.19 6.91 -2.06
CA HIS A 86 -9.72 6.16 -3.16
C HIS A 86 -8.63 5.35 -3.78
N LEU A 87 -8.74 4.01 -3.77
CA LEU A 87 -7.68 3.18 -4.25
C LEU A 87 -8.14 1.90 -4.87
N LEU A 88 -7.26 1.28 -5.67
CA LEU A 88 -7.53 0.06 -6.39
C LEU A 88 -6.52 -0.94 -5.94
N LEU A 89 -6.99 -2.13 -5.53
CA LEU A 89 -6.21 -3.17 -4.96
C LEU A 89 -6.35 -4.44 -5.75
N GLU A 90 -5.38 -5.36 -5.61
CA GLU A 90 -5.60 -6.76 -5.83
C GLU A 90 -5.55 -7.44 -4.51
N LYS A 91 -6.60 -8.24 -4.21
CA LYS A 91 -6.83 -8.85 -2.93
C LYS A 91 -5.86 -9.92 -2.58
N GLY A 92 -5.37 -9.93 -1.33
CA GLY A 92 -4.59 -11.01 -0.81
C GLY A 92 -5.46 -12.11 -0.31
N GLN A 93 -5.01 -13.37 -0.40
CA GLN A 93 -5.80 -14.50 -0.05
C GLN A 93 -5.68 -14.79 1.41
N SER A 94 -6.83 -14.88 2.11
CA SER A 94 -6.95 -14.61 3.50
C SER A 94 -6.45 -15.70 4.38
N PRO A 95 -5.95 -15.53 5.56
CA PRO A 95 -5.52 -16.60 6.40
C PRO A 95 -6.59 -17.52 6.89
N THR A 96 -6.20 -18.60 7.60
CA THR A 96 -7.09 -19.54 8.19
C THR A 96 -6.81 -19.64 9.68
N PHE B 1 28.61 -19.33 -1.57
CA PHE B 1 27.27 -18.78 -1.23
C PHE B 1 27.08 -18.49 0.21
N ALA B 2 26.34 -17.40 0.53
CA ALA B 2 25.96 -17.00 1.84
C ALA B 2 27.07 -16.73 2.80
N ASP B 3 27.59 -15.49 2.79
CA ASP B 3 28.55 -14.99 3.71
C ASP B 3 27.82 -14.22 4.76
N SER B 4 28.48 -13.28 5.47
CA SER B 4 27.94 -12.67 6.64
C SER B 4 27.10 -11.47 6.36
N GLU B 5 27.69 -10.28 6.10
CA GLU B 5 26.98 -9.05 6.05
C GLU B 5 26.01 -8.90 4.93
N ALA B 6 24.77 -8.47 5.25
CA ALA B 6 23.68 -8.34 4.35
C ALA B 6 23.57 -7.03 3.68
N ASP B 7 22.90 -6.97 2.51
CA ASP B 7 22.92 -5.86 1.60
C ASP B 7 21.57 -5.61 1.03
N GLU B 8 20.69 -4.92 1.78
CA GLU B 8 19.40 -4.49 1.32
C GLU B 8 19.33 -3.00 1.25
N ASN B 9 18.83 -2.33 2.30
CA ASN B 9 18.58 -0.92 2.38
C ASN B 9 17.48 -0.38 1.53
N GLU B 10 16.25 -0.86 1.77
CA GLU B 10 15.03 -0.16 1.50
C GLU B 10 14.30 -0.21 2.81
N GLN B 11 13.41 0.74 3.12
CA GLN B 11 12.87 0.91 4.44
C GLN B 11 11.40 0.79 4.46
N VAL B 12 10.72 1.28 5.52
CA VAL B 12 9.32 1.13 5.77
C VAL B 12 8.68 2.46 5.98
N SER B 13 7.36 2.56 5.74
CA SER B 13 6.62 3.75 5.94
C SER B 13 5.26 3.46 6.49
N ALA B 14 4.75 4.32 7.39
CA ALA B 14 3.50 4.19 8.05
C ALA B 14 2.61 5.36 7.84
N VAL B 15 1.28 5.14 7.78
CA VAL B 15 0.26 6.12 7.80
C VAL B 15 -1.00 5.44 8.32
N PRO A 1 -12.00 -15.22 -13.06
CA PRO A 1 -12.43 -14.98 -11.66
C PRO A 1 -11.34 -15.51 -10.78
N LYS A 2 -10.64 -14.64 -10.02
CA LYS A 2 -9.52 -15.05 -9.22
C LYS A 2 -9.95 -15.36 -7.83
N PRO A 3 -9.18 -15.98 -6.98
CA PRO A 3 -9.53 -16.15 -5.60
C PRO A 3 -9.50 -14.87 -4.86
N GLY A 4 -8.38 -14.13 -4.95
CA GLY A 4 -8.25 -12.78 -4.49
C GLY A 4 -8.25 -11.84 -5.66
N ASP A 5 -9.44 -11.36 -6.07
CA ASP A 5 -9.60 -10.50 -7.20
C ASP A 5 -9.34 -9.06 -6.90
N ILE A 6 -9.46 -8.19 -7.93
CA ILE A 6 -9.26 -6.77 -7.84
C ILE A 6 -10.47 -6.08 -7.31
N PHE A 7 -10.30 -4.95 -6.61
CA PHE A 7 -11.38 -4.17 -6.08
C PHE A 7 -11.05 -2.73 -6.00
N GLU A 8 -12.02 -1.87 -6.34
CA GLU A 8 -11.92 -0.44 -6.32
C GLU A 8 -12.67 0.14 -5.18
N VAL A 9 -11.95 0.60 -4.13
CA VAL A 9 -12.52 1.08 -2.91
C VAL A 9 -12.53 2.56 -2.83
N GLU A 10 -13.67 3.14 -2.41
CA GLU A 10 -13.79 4.51 -2.04
C GLU A 10 -14.04 4.58 -0.57
N LEU A 11 -13.24 5.36 0.19
CA LEU A 11 -13.50 5.59 1.57
C LEU A 11 -13.31 7.04 1.88
N ALA A 12 -13.09 7.41 3.15
CA ALA A 12 -12.75 8.73 3.55
C ALA A 12 -11.98 8.66 4.82
N LYS A 13 -11.35 9.78 5.25
CA LYS A 13 -10.87 9.95 6.58
C LYS A 13 -12.00 10.16 7.51
N ASN A 14 -12.24 9.20 8.43
CA ASN A 14 -13.24 9.31 9.45
C ASN A 14 -12.59 9.85 10.68
N ASP A 15 -12.04 8.97 11.52
CA ASP A 15 -11.13 9.29 12.59
C ASP A 15 -9.77 9.47 12.02
N ASN A 16 -9.28 8.46 11.28
CA ASN A 16 -7.93 8.42 10.79
C ASN A 16 -7.96 7.97 9.38
N SER A 17 -6.78 8.03 8.71
CA SER A 17 -6.63 7.65 7.34
C SER A 17 -6.48 6.16 7.24
N LEU A 18 -5.26 5.61 7.33
CA LEU A 18 -5.05 4.20 7.27
C LEU A 18 -4.80 3.59 8.61
N GLY A 19 -3.53 3.54 9.05
CA GLY A 19 -3.10 2.74 10.14
C GLY A 19 -2.69 1.38 9.67
N ILE A 20 -1.84 1.34 8.63
CA ILE A 20 -1.39 0.10 8.07
C ILE A 20 0.08 0.20 7.86
N SER A 21 0.77 -0.95 7.71
CA SER A 21 2.19 -1.00 7.53
C SER A 21 2.47 -1.69 6.24
N VAL A 22 3.49 -1.21 5.53
CA VAL A 22 3.68 -1.44 4.13
C VAL A 22 5.01 -2.08 3.94
N THR A 23 5.22 -2.89 2.88
CA THR A 23 6.51 -3.46 2.63
C THR A 23 6.80 -3.58 1.17
N GLY A 24 8.02 -3.17 0.78
CA GLY A 24 8.58 -3.28 -0.53
C GLY A 24 8.18 -2.19 -1.47
N GLY A 25 7.96 -2.56 -2.75
CA GLY A 25 7.57 -1.65 -3.78
C GLY A 25 8.63 -0.70 -4.24
N VAL A 26 9.90 -1.13 -4.22
CA VAL A 26 11.04 -0.30 -4.43
C VAL A 26 11.49 -0.25 -5.85
N ASN A 27 12.77 -0.58 -6.12
CA ASN A 27 13.37 -0.54 -7.42
C ASN A 27 12.86 -1.63 -8.29
N THR A 28 13.00 -2.90 -7.87
CA THR A 28 12.03 -3.90 -8.21
C THR A 28 11.88 -4.74 -6.99
N SER A 29 10.71 -5.39 -6.83
CA SER A 29 10.29 -5.95 -5.60
C SER A 29 9.31 -7.03 -5.91
N VAL A 30 8.01 -6.76 -5.70
CA VAL A 30 6.91 -7.47 -6.27
C VAL A 30 6.93 -7.36 -7.75
N ARG A 31 6.90 -6.13 -8.30
CA ARG A 31 7.27 -5.81 -9.64
C ARG A 31 7.93 -4.46 -9.55
N HIS A 32 8.08 -3.74 -10.67
CA HIS A 32 8.57 -2.40 -10.76
C HIS A 32 7.53 -1.39 -10.40
N GLY A 33 6.77 -1.65 -9.32
CA GLY A 33 5.60 -0.90 -8.98
C GLY A 33 4.55 -1.80 -8.42
N GLY A 34 3.70 -1.23 -7.55
CA GLY A 34 2.80 -1.98 -6.73
C GLY A 34 3.44 -2.28 -5.43
N ILE A 35 2.67 -2.26 -4.33
CA ILE A 35 3.20 -2.38 -3.01
C ILE A 35 2.41 -3.45 -2.33
N TYR A 36 2.91 -4.02 -1.22
CA TYR A 36 2.26 -5.07 -0.50
C TYR A 36 2.09 -4.62 0.90
N VAL A 37 1.04 -5.13 1.58
CA VAL A 37 0.79 -4.88 2.97
C VAL A 37 1.59 -5.78 3.84
N LYS A 38 2.21 -5.22 4.89
CA LYS A 38 2.94 -5.95 5.88
C LYS A 38 2.01 -6.44 6.94
N ALA A 39 1.31 -5.53 7.65
CA ALA A 39 0.32 -5.86 8.63
C ALA A 39 -0.44 -4.63 8.96
N VAL A 40 -1.56 -4.76 9.70
CA VAL A 40 -2.36 -3.67 10.14
C VAL A 40 -2.00 -3.24 11.53
N ILE A 41 -1.91 -1.92 11.76
CA ILE A 41 -1.56 -1.33 13.01
C ILE A 41 -2.81 -1.28 13.82
N PRO A 42 -2.89 -1.68 15.07
CA PRO A 42 -4.13 -1.77 15.78
C PRO A 42 -4.59 -0.45 16.30
N GLN A 43 -4.36 0.65 15.56
CA GLN A 43 -4.61 1.99 15.97
C GLN A 43 -4.90 2.79 14.74
N GLY A 44 -5.99 2.43 14.04
CA GLY A 44 -6.39 3.11 12.85
C GLY A 44 -7.70 2.62 12.33
N ALA A 45 -8.33 3.43 11.47
CA ALA A 45 -9.50 3.13 10.71
C ALA A 45 -9.49 1.83 9.97
N ALA A 46 -8.35 1.43 9.39
CA ALA A 46 -8.17 0.19 8.71
C ALA A 46 -8.47 -1.02 9.51
N GLU A 47 -8.05 -1.04 10.79
CA GLU A 47 -8.35 -2.06 11.75
C GLU A 47 -9.75 -1.95 12.25
N SER A 48 -10.16 -0.76 12.72
CA SER A 48 -11.45 -0.49 13.30
C SER A 48 -12.61 -0.82 12.44
N ASP A 49 -12.62 -0.30 11.20
CA ASP A 49 -13.69 -0.46 10.27
C ASP A 49 -13.56 -1.78 9.58
N GLY A 50 -12.32 -2.21 9.29
CA GLY A 50 -12.01 -3.53 8.82
C GLY A 50 -12.07 -3.62 7.33
N ARG A 51 -11.00 -3.16 6.66
CA ARG A 51 -11.08 -2.75 5.29
C ARG A 51 -9.95 -3.25 4.45
N ILE A 52 -8.69 -3.18 4.94
CA ILE A 52 -7.54 -3.66 4.24
C ILE A 52 -6.83 -4.53 5.22
N HIS A 53 -6.24 -5.65 4.78
CA HIS A 53 -5.71 -6.65 5.65
C HIS A 53 -4.32 -7.04 5.27
N LYS A 54 -3.72 -7.95 6.06
CA LYS A 54 -2.43 -8.50 5.84
C LYS A 54 -2.25 -9.18 4.52
N GLY A 55 -1.25 -8.72 3.75
CA GLY A 55 -0.89 -9.25 2.47
C GLY A 55 -1.74 -8.90 1.30
N ASP A 56 -2.55 -7.84 1.33
CA ASP A 56 -3.16 -7.29 0.16
C ASP A 56 -2.16 -6.58 -0.70
N ARG A 57 -2.45 -6.43 -2.00
CA ARG A 57 -1.52 -5.90 -2.95
C ARG A 57 -2.13 -4.71 -3.62
N VAL A 58 -1.57 -3.51 -3.39
CA VAL A 58 -2.13 -2.29 -3.88
C VAL A 58 -1.46 -1.83 -5.13
N LEU A 59 -2.17 -1.00 -5.92
CA LEU A 59 -1.60 -0.37 -7.07
C LEU A 59 -1.91 1.09 -7.10
N ALA A 60 -3.10 1.47 -7.57
CA ALA A 60 -3.37 2.79 -8.02
C ALA A 60 -4.05 3.64 -7.01
N VAL A 61 -3.50 4.84 -6.73
CA VAL A 61 -4.09 5.81 -5.86
C VAL A 61 -4.92 6.75 -6.67
N ASN A 62 -6.25 6.70 -6.48
CA ASN A 62 -7.24 7.49 -7.14
C ASN A 62 -7.22 7.34 -8.63
N GLY A 63 -6.84 6.15 -9.13
CA GLY A 63 -6.82 5.82 -10.52
C GLY A 63 -5.48 5.87 -11.16
N VAL A 64 -4.46 6.42 -10.48
CA VAL A 64 -3.16 6.64 -11.04
C VAL A 64 -2.22 5.55 -10.68
N SER A 65 -1.72 4.77 -11.66
CA SER A 65 -0.71 3.78 -11.44
C SER A 65 0.64 4.38 -11.25
N LEU A 66 1.35 3.95 -10.20
CA LEU A 66 2.60 4.48 -9.76
C LEU A 66 3.77 3.87 -10.46
N GLU A 67 3.58 2.74 -11.16
CA GLU A 67 4.62 1.90 -11.67
C GLU A 67 5.67 2.61 -12.46
N GLY A 68 6.95 2.35 -12.10
CA GLY A 68 8.06 3.20 -12.44
C GLY A 68 8.59 3.93 -11.27
N ALA A 69 7.71 4.35 -10.32
CA ALA A 69 8.11 4.98 -9.11
C ALA A 69 8.65 4.00 -8.11
N THR A 70 9.49 4.48 -7.18
CA THR A 70 9.89 3.74 -6.02
C THR A 70 9.00 4.09 -4.88
N HIS A 71 8.97 3.21 -3.86
CA HIS A 71 8.31 3.32 -2.59
C HIS A 71 8.38 4.66 -1.92
N LYS A 72 9.55 5.31 -1.87
CA LYS A 72 9.72 6.60 -1.26
C LYS A 72 8.89 7.68 -1.87
N GLN A 73 8.73 7.65 -3.21
CA GLN A 73 7.88 8.54 -3.94
C GLN A 73 6.45 8.14 -3.85
N ALA A 74 6.14 6.84 -3.93
CA ALA A 74 4.81 6.31 -3.83
C ALA A 74 4.14 6.60 -2.54
N VAL A 75 4.87 6.57 -1.41
CA VAL A 75 4.34 6.93 -0.13
C VAL A 75 4.10 8.40 0.00
N GLU A 76 4.92 9.26 -0.62
CA GLU A 76 4.72 10.68 -0.68
C GLU A 76 3.46 11.06 -1.37
N THR A 77 3.17 10.45 -2.53
CA THR A 77 1.95 10.58 -3.27
C THR A 77 0.76 10.23 -2.46
N LEU A 78 0.79 9.08 -1.77
CA LEU A 78 -0.34 8.52 -1.07
C LEU A 78 -0.63 9.14 0.24
N ARG A 79 0.38 9.55 1.03
CA ARG A 79 0.20 10.22 2.28
C ARG A 79 -0.54 11.51 2.16
N ASN A 80 -0.31 12.29 1.08
CA ASN A 80 -0.81 13.61 0.96
C ASN A 80 -2.10 13.69 0.22
N THR A 81 -3.13 13.01 0.76
CA THR A 81 -4.47 12.95 0.28
C THR A 81 -5.36 13.88 1.03
N GLY A 82 -5.71 13.54 2.29
CA GLY A 82 -6.50 14.33 3.17
C GLY A 82 -7.80 13.68 3.52
N GLN A 83 -8.92 14.30 3.13
CA GLN A 83 -10.23 13.92 3.58
C GLN A 83 -10.78 12.72 2.89
N VAL A 84 -10.50 12.56 1.58
CA VAL A 84 -11.07 11.51 0.78
C VAL A 84 -10.09 10.42 0.51
N VAL A 85 -10.60 9.25 0.10
CA VAL A 85 -9.82 8.10 -0.26
C VAL A 85 -10.42 7.48 -1.48
N HIS A 86 -9.62 7.19 -2.51
CA HIS A 86 -10.01 6.27 -3.55
C HIS A 86 -8.81 5.46 -3.92
N LEU A 87 -8.88 4.12 -3.93
CA LEU A 87 -7.76 3.31 -4.28
C LEU A 87 -8.15 2.03 -4.93
N LEU A 88 -7.21 1.42 -5.67
CA LEU A 88 -7.42 0.21 -6.42
C LEU A 88 -6.47 -0.81 -5.91
N LEU A 89 -7.01 -1.93 -5.41
CA LEU A 89 -6.29 -2.98 -4.77
C LEU A 89 -6.54 -4.29 -5.45
N GLU A 90 -5.67 -5.27 -5.21
CA GLU A 90 -5.89 -6.66 -5.47
C GLU A 90 -5.90 -7.35 -4.15
N LYS A 91 -6.87 -8.26 -3.93
CA LYS A 91 -7.01 -8.95 -2.68
C LYS A 91 -5.99 -10.02 -2.48
N GLY A 92 -5.39 -10.04 -1.28
CA GLY A 92 -4.40 -10.99 -0.86
C GLY A 92 -4.95 -12.29 -0.36
N GLN A 93 -4.03 -13.16 0.11
CA GLN A 93 -4.38 -14.45 0.62
C GLN A 93 -4.93 -14.42 2.00
N SER A 94 -5.91 -15.29 2.29
CA SER A 94 -6.52 -15.42 3.58
C SER A 94 -5.73 -16.36 4.44
N PRO A 95 -5.15 -15.99 5.55
CA PRO A 95 -4.21 -16.83 6.24
C PRO A 95 -4.84 -17.92 7.03
N THR A 96 -4.05 -18.95 7.39
CA THR A 96 -4.48 -20.03 8.22
C THR A 96 -3.84 -19.99 9.60
N PHE B 1 29.02 -21.63 0.26
CA PHE B 1 27.69 -21.03 0.45
C PHE B 1 27.48 -20.48 1.81
N ALA B 2 26.32 -19.85 2.06
CA ALA B 2 25.93 -19.22 3.29
C ALA B 2 26.85 -18.15 3.80
N ASP B 3 26.70 -16.91 3.31
CA ASP B 3 27.38 -15.78 3.87
C ASP B 3 26.63 -15.23 5.02
N SER B 4 27.23 -14.30 5.78
CA SER B 4 26.64 -13.72 6.94
C SER B 4 25.81 -12.50 6.65
N GLU B 5 26.39 -11.46 6.03
CA GLU B 5 25.81 -10.15 5.97
C GLU B 5 24.84 -9.95 4.85
N ALA B 6 23.88 -9.04 5.07
CA ALA B 6 22.84 -8.70 4.14
C ALA B 6 22.98 -7.28 3.69
N ASP B 7 22.53 -6.94 2.47
CA ASP B 7 22.75 -5.65 1.90
C ASP B 7 21.80 -5.36 0.80
N GLU B 8 20.61 -4.82 1.10
CA GLU B 8 19.65 -4.34 0.15
C GLU B 8 19.45 -2.88 0.27
N ASN B 9 19.19 -2.37 1.49
CA ASN B 9 19.18 -0.99 1.84
C ASN B 9 18.09 -0.15 1.25
N GLU B 10 16.83 -0.60 1.42
CA GLU B 10 15.65 0.16 1.18
C GLU B 10 14.85 0.19 2.44
N GLN B 11 13.82 1.03 2.53
CA GLN B 11 13.19 1.39 3.77
C GLN B 11 11.74 1.05 3.78
N VAL B 12 11.09 1.18 4.95
CA VAL B 12 9.70 0.86 5.16
C VAL B 12 8.97 2.05 5.67
N SER B 13 7.64 2.08 5.49
CA SER B 13 6.80 3.20 5.80
C SER B 13 5.52 2.84 6.46
N ALA B 14 5.02 3.75 7.31
CA ALA B 14 3.70 3.71 7.87
C ALA B 14 2.93 4.96 7.58
N VAL B 15 1.60 4.82 7.50
CA VAL B 15 0.62 5.86 7.60
C VAL B 15 -0.67 5.20 8.05
N PRO A 1 -13.96 -17.60 -9.72
CA PRO A 1 -13.24 -16.52 -9.00
C PRO A 1 -11.81 -16.48 -9.43
N LYS A 2 -11.08 -15.40 -9.13
CA LYS A 2 -9.65 -15.41 -9.11
C LYS A 2 -9.22 -15.43 -7.69
N PRO A 3 -8.11 -15.96 -7.29
CA PRO A 3 -7.60 -15.80 -5.96
C PRO A 3 -7.24 -14.39 -5.66
N GLY A 4 -6.74 -13.66 -6.68
CA GLY A 4 -6.53 -12.25 -6.65
C GLY A 4 -7.57 -11.51 -7.42
N ASP A 5 -8.80 -11.45 -6.90
CA ASP A 5 -9.83 -10.59 -7.39
C ASP A 5 -9.68 -9.21 -6.86
N ILE A 6 -10.04 -8.20 -7.67
CA ILE A 6 -9.85 -6.80 -7.46
C ILE A 6 -11.00 -6.19 -6.74
N PHE A 7 -10.76 -5.21 -5.86
CA PHE A 7 -11.81 -4.46 -5.23
C PHE A 7 -11.41 -3.03 -4.99
N GLU A 8 -12.39 -2.17 -4.70
CA GLU A 8 -12.21 -0.77 -4.51
C GLU A 8 -12.49 -0.35 -3.10
N VAL A 9 -11.60 0.48 -2.53
CA VAL A 9 -11.84 1.17 -1.29
C VAL A 9 -12.17 2.59 -1.58
N GLU A 10 -13.43 3.00 -1.32
CA GLU A 10 -13.85 4.36 -1.36
C GLU A 10 -14.18 4.74 0.04
N LEU A 11 -13.28 5.48 0.71
CA LEU A 11 -13.47 5.90 2.07
C LEU A 11 -13.12 7.33 2.26
N ALA A 12 -13.32 7.85 3.48
CA ALA A 12 -12.84 9.11 3.93
C ALA A 12 -12.24 8.89 5.28
N LYS A 13 -11.35 9.77 5.76
CA LYS A 13 -10.74 9.61 7.04
C LYS A 13 -11.65 9.82 8.20
N ASN A 14 -11.38 9.17 9.34
CA ASN A 14 -12.00 9.48 10.59
C ASN A 14 -10.94 9.86 11.57
N ASP A 15 -10.32 8.86 12.22
CA ASP A 15 -9.17 9.02 13.07
C ASP A 15 -7.96 9.21 12.24
N ASN A 16 -7.74 8.30 11.27
CA ASN A 16 -6.69 8.35 10.30
C ASN A 16 -7.32 7.94 9.02
N SER A 17 -6.56 7.94 7.91
CA SER A 17 -7.02 7.49 6.63
C SER A 17 -6.92 6.01 6.51
N LEU A 18 -5.72 5.40 6.65
CA LEU A 18 -5.64 3.97 6.71
C LEU A 18 -5.46 3.46 8.09
N GLY A 19 -4.20 3.30 8.54
CA GLY A 19 -3.85 2.55 9.71
C GLY A 19 -3.20 1.28 9.31
N ILE A 20 -2.17 1.35 8.43
CA ILE A 20 -1.53 0.21 7.88
C ILE A 20 -0.05 0.41 7.84
N SER A 21 0.71 -0.69 7.65
CA SER A 21 2.14 -0.71 7.58
C SER A 21 2.51 -1.31 6.27
N VAL A 22 3.51 -0.73 5.58
CA VAL A 22 3.75 -0.93 4.17
C VAL A 22 5.14 -1.40 3.96
N THR A 23 5.36 -2.29 2.98
CA THR A 23 6.67 -2.80 2.69
C THR A 23 6.93 -2.91 1.22
N GLY A 24 8.10 -2.38 0.79
CA GLY A 24 8.65 -2.51 -0.53
C GLY A 24 8.30 -1.39 -1.45
N GLY A 25 8.47 -1.61 -2.76
CA GLY A 25 8.06 -0.71 -3.79
C GLY A 25 9.18 0.11 -4.36
N VAL A 26 10.33 -0.53 -4.58
CA VAL A 26 11.53 0.15 -4.96
C VAL A 26 11.83 -0.09 -6.40
N ASN A 27 12.85 -0.92 -6.69
CA ASN A 27 13.33 -1.26 -7.99
C ASN A 27 12.64 -2.49 -8.48
N THR A 28 12.76 -3.61 -7.76
CA THR A 28 11.90 -4.76 -7.90
C THR A 28 11.51 -5.17 -6.53
N SER A 29 10.24 -5.55 -6.33
CA SER A 29 9.74 -5.93 -5.05
C SER A 29 8.73 -7.02 -5.22
N VAL A 30 7.49 -6.68 -5.59
CA VAL A 30 6.48 -7.62 -5.98
C VAL A 30 6.55 -7.80 -7.46
N ARG A 31 6.52 -6.70 -8.21
CA ARG A 31 6.78 -6.66 -9.63
C ARG A 31 7.97 -5.77 -9.83
N HIS A 32 7.99 -4.95 -10.90
CA HIS A 32 8.95 -3.93 -11.13
C HIS A 32 8.70 -2.74 -10.25
N GLY A 33 8.85 -2.95 -8.93
CA GLY A 33 8.42 -2.07 -7.89
C GLY A 33 7.19 -2.67 -7.29
N GLY A 34 6.17 -1.84 -7.01
CA GLY A 34 4.93 -2.27 -6.47
C GLY A 34 4.94 -2.40 -4.99
N ILE A 35 3.79 -2.12 -4.33
CA ILE A 35 3.74 -1.77 -2.95
C ILE A 35 2.85 -2.79 -2.30
N TYR A 36 3.31 -3.38 -1.19
CA TYR A 36 2.70 -4.53 -0.59
C TYR A 36 2.40 -4.25 0.85
N VAL A 37 1.34 -4.87 1.38
CA VAL A 37 0.94 -4.68 2.75
C VAL A 37 1.76 -5.51 3.67
N LYS A 38 2.39 -4.88 4.69
CA LYS A 38 3.11 -5.59 5.71
C LYS A 38 2.14 -6.09 6.73
N ALA A 39 1.45 -5.18 7.43
CA ALA A 39 0.53 -5.54 8.47
C ALA A 39 -0.42 -4.41 8.70
N VAL A 40 -1.57 -4.68 9.35
CA VAL A 40 -2.52 -3.69 9.74
C VAL A 40 -2.26 -3.24 11.13
N ILE A 41 -2.35 -1.91 11.38
CA ILE A 41 -2.27 -1.33 12.67
C ILE A 41 -3.62 -1.36 13.29
N PRO A 42 -3.92 -1.91 14.44
CA PRO A 42 -5.27 -2.02 14.92
C PRO A 42 -5.80 -0.79 15.55
N GLN A 43 -5.38 0.40 15.08
CA GLN A 43 -5.74 1.68 15.64
C GLN A 43 -5.90 2.64 14.52
N GLY A 44 -6.86 2.36 13.63
CA GLY A 44 -7.13 3.23 12.52
C GLY A 44 -8.34 2.74 11.79
N ALA A 45 -8.83 3.56 10.84
CA ALA A 45 -9.97 3.35 10.02
C ALA A 45 -10.03 2.01 9.34
N ALA A 46 -8.87 1.51 8.88
CA ALA A 46 -8.69 0.21 8.31
C ALA A 46 -9.19 -0.92 9.14
N GLU A 47 -8.87 -0.96 10.44
CA GLU A 47 -9.28 -2.02 11.33
C GLU A 47 -10.62 -1.74 11.92
N SER A 48 -10.94 -0.47 12.20
CA SER A 48 -12.21 -0.01 12.65
C SER A 48 -13.35 -0.42 11.78
N ASP A 49 -13.29 -0.11 10.47
CA ASP A 49 -14.30 -0.50 9.53
C ASP A 49 -14.11 -1.92 9.11
N GLY A 50 -12.90 -2.28 8.63
CA GLY A 50 -12.57 -3.60 8.20
C GLY A 50 -12.55 -3.69 6.71
N ARG A 51 -11.35 -3.67 6.09
CA ARG A 51 -11.23 -3.41 4.69
C ARG A 51 -10.22 -4.24 3.99
N ILE A 52 -9.02 -4.44 4.56
CA ILE A 52 -7.91 -5.03 3.88
C ILE A 52 -7.37 -6.14 4.71
N HIS A 53 -6.38 -6.91 4.23
CA HIS A 53 -5.67 -7.87 5.00
C HIS A 53 -4.19 -7.71 4.79
N LYS A 54 -3.36 -8.27 5.71
CA LYS A 54 -1.96 -8.42 5.51
C LYS A 54 -1.58 -9.19 4.30
N GLY A 55 -0.56 -8.71 3.57
CA GLY A 55 -0.06 -9.34 2.38
C GLY A 55 -0.89 -9.22 1.15
N ASP A 56 -1.78 -8.21 1.09
CA ASP A 56 -2.47 -7.80 -0.09
C ASP A 56 -1.66 -6.86 -0.92
N ARG A 57 -2.13 -6.51 -2.13
CA ARG A 57 -1.48 -5.57 -2.98
C ARG A 57 -2.38 -4.47 -3.38
N VAL A 58 -1.93 -3.20 -3.28
CA VAL A 58 -2.61 -2.09 -3.87
C VAL A 58 -2.32 -2.00 -5.32
N LEU A 59 -3.18 -1.31 -6.09
CA LEU A 59 -3.03 -1.16 -7.51
C LEU A 59 -2.97 0.29 -7.85
N ALA A 60 -4.11 0.99 -7.92
CA ALA A 60 -4.17 2.39 -8.18
C ALA A 60 -4.42 3.21 -6.95
N VAL A 61 -3.91 4.45 -6.95
CA VAL A 61 -4.13 5.46 -5.96
C VAL A 61 -4.94 6.56 -6.56
N ASN A 62 -6.24 6.59 -6.24
CA ASN A 62 -7.22 7.51 -6.73
C ASN A 62 -7.39 7.57 -8.21
N GLY A 63 -7.32 6.38 -8.86
CA GLY A 63 -7.47 6.21 -10.27
C GLY A 63 -6.18 5.99 -10.99
N VAL A 64 -5.06 6.49 -10.41
CA VAL A 64 -3.78 6.57 -11.04
C VAL A 64 -2.90 5.47 -10.59
N SER A 65 -2.19 4.79 -11.51
CA SER A 65 -1.26 3.75 -11.18
C SER A 65 0.04 4.27 -10.67
N LEU A 66 0.82 3.43 -9.95
CA LEU A 66 2.05 3.84 -9.35
C LEU A 66 3.28 3.59 -10.17
N GLU A 67 3.21 2.76 -11.22
CA GLU A 67 4.35 2.24 -11.92
C GLU A 67 5.32 3.25 -12.41
N GLY A 68 6.61 3.04 -12.10
CA GLY A 68 7.67 3.96 -12.40
C GLY A 68 8.33 4.45 -11.16
N ALA A 69 7.58 4.47 -10.05
CA ALA A 69 7.99 4.96 -8.76
C ALA A 69 8.88 4.05 -7.99
N THR A 70 9.84 4.63 -7.23
CA THR A 70 10.42 4.01 -6.09
C THR A 70 9.63 4.40 -4.88
N HIS A 71 10.02 3.93 -3.68
CA HIS A 71 9.27 4.01 -2.47
C HIS A 71 8.96 5.40 -2.02
N LYS A 72 9.91 6.34 -2.05
CA LYS A 72 9.70 7.71 -1.68
C LYS A 72 8.67 8.41 -2.50
N GLN A 73 8.55 8.09 -3.80
CA GLN A 73 7.61 8.70 -4.67
C GLN A 73 6.22 8.25 -4.36
N ALA A 74 6.05 6.94 -4.11
CA ALA A 74 4.80 6.33 -3.74
C ALA A 74 4.26 6.80 -2.43
N VAL A 75 5.08 6.93 -1.38
CA VAL A 75 4.63 7.32 -0.09
C VAL A 75 4.14 8.73 0.00
N GLU A 76 4.81 9.70 -0.65
CA GLU A 76 4.39 11.06 -0.67
C GLU A 76 3.13 11.26 -1.46
N THR A 77 2.87 10.42 -2.47
CA THR A 77 1.69 10.43 -3.28
C THR A 77 0.45 10.28 -2.48
N LEU A 78 0.37 9.27 -1.60
CA LEU A 78 -0.80 9.06 -0.79
C LEU A 78 -0.84 9.95 0.40
N ARG A 79 0.30 10.30 1.01
CA ARG A 79 0.34 11.21 2.12
C ARG A 79 -0.17 12.57 1.81
N ASN A 80 -0.01 13.07 0.57
CA ASN A 80 -0.64 14.28 0.14
C ASN A 80 -2.02 14.06 -0.38
N THR A 81 -2.87 13.39 0.41
CA THR A 81 -4.28 13.30 0.21
C THR A 81 -5.01 14.04 1.29
N GLY A 82 -5.05 13.49 2.52
CA GLY A 82 -5.57 14.14 3.68
C GLY A 82 -6.91 13.64 4.09
N GLN A 83 -7.97 14.16 3.46
CA GLN A 83 -9.34 13.88 3.80
C GLN A 83 -9.88 12.61 3.23
N VAL A 84 -9.73 12.40 1.91
CA VAL A 84 -10.42 11.40 1.17
C VAL A 84 -9.51 10.26 0.84
N VAL A 85 -10.00 9.01 0.97
CA VAL A 85 -9.23 7.81 0.84
C VAL A 85 -9.76 6.95 -0.25
N HIS A 86 -9.29 7.12 -1.50
CA HIS A 86 -9.77 6.34 -2.60
C HIS A 86 -8.67 5.57 -3.24
N LEU A 87 -8.78 4.22 -3.27
CA LEU A 87 -7.80 3.38 -3.89
C LEU A 87 -8.39 2.13 -4.43
N LEU A 88 -7.62 1.41 -5.27
CA LEU A 88 -7.99 0.17 -5.86
C LEU A 88 -6.97 -0.85 -5.46
N LEU A 89 -7.42 -2.06 -5.11
CA LEU A 89 -6.59 -3.07 -4.53
C LEU A 89 -6.86 -4.39 -5.16
N GLU A 90 -5.90 -5.34 -5.09
CA GLU A 90 -6.12 -6.70 -5.44
C GLU A 90 -5.86 -7.53 -4.24
N LYS A 91 -6.58 -8.66 -4.12
CA LYS A 91 -6.37 -9.61 -3.07
C LYS A 91 -5.09 -10.35 -3.23
N GLY A 92 -4.24 -10.36 -2.19
CA GLY A 92 -2.97 -11.04 -2.20
C GLY A 92 -3.05 -12.48 -1.84
N GLN A 93 -1.92 -13.09 -1.47
CA GLN A 93 -1.88 -14.45 -1.05
C GLN A 93 -2.14 -14.59 0.40
N SER A 94 -2.93 -15.61 0.81
CA SER A 94 -3.21 -15.93 2.17
C SER A 94 -2.20 -16.82 2.80
N PRO A 95 -1.92 -18.04 2.44
CA PRO A 95 -1.15 -18.93 3.25
C PRO A 95 0.32 -18.80 3.06
N THR A 96 0.89 -17.58 3.13
CA THR A 96 2.30 -17.35 2.99
C THR A 96 2.86 -16.59 4.18
N PHE B 1 18.20 12.87 -15.41
CA PHE B 1 19.26 13.87 -15.12
C PHE B 1 20.59 13.21 -15.20
N ALA B 2 21.66 13.88 -14.72
CA ALA B 2 22.98 13.35 -14.74
C ALA B 2 23.23 12.48 -13.56
N ASP B 3 23.35 13.07 -12.36
CA ASP B 3 23.66 12.35 -11.16
C ASP B 3 22.47 11.71 -10.54
N SER B 4 22.67 10.48 -10.02
CA SER B 4 21.61 9.62 -9.59
C SER B 4 21.41 9.63 -8.12
N GLU B 5 22.49 9.80 -7.33
CA GLU B 5 22.51 9.57 -5.91
C GLU B 5 22.07 10.77 -5.15
N ALA B 6 20.80 10.81 -4.74
CA ALA B 6 20.23 11.88 -4.00
C ALA B 6 19.11 11.42 -3.12
N ASP B 7 17.93 11.17 -3.71
CA ASP B 7 16.72 10.93 -2.98
C ASP B 7 16.49 9.52 -2.54
N GLU B 8 16.89 8.50 -3.32
CA GLU B 8 16.38 7.17 -3.20
C GLU B 8 16.90 6.34 -2.09
N ASN B 9 16.62 6.71 -0.83
CA ASN B 9 16.91 5.92 0.33
C ASN B 9 15.79 4.97 0.56
N GLU B 10 16.07 3.78 1.14
CA GLU B 10 15.27 2.62 0.96
C GLU B 10 14.80 2.02 2.24
N GLN B 11 13.68 2.49 2.82
CA GLN B 11 13.25 2.10 4.12
C GLN B 11 11.86 1.55 4.12
N VAL B 12 11.09 1.76 5.20
CA VAL B 12 9.81 1.18 5.48
C VAL B 12 8.90 2.29 5.87
N SER B 13 7.59 2.19 5.57
CA SER B 13 6.66 3.27 5.68
C SER B 13 5.39 2.90 6.34
N ALA B 14 4.53 3.88 6.65
CA ALA B 14 3.23 3.66 7.21
C ALA B 14 2.27 4.70 6.76
N VAL B 15 0.96 4.36 6.76
CA VAL B 15 -0.10 5.19 6.30
C VAL B 15 -1.24 5.13 7.31
N PRO A 1 -15.28 -14.79 -8.88
CA PRO A 1 -14.02 -14.13 -8.45
C PRO A 1 -13.29 -15.01 -7.49
N LYS A 2 -12.00 -14.75 -7.25
CA LYS A 2 -11.15 -15.55 -6.42
C LYS A 2 -11.16 -15.03 -5.03
N PRO A 3 -10.59 -15.67 -4.04
CA PRO A 3 -10.38 -15.09 -2.75
C PRO A 3 -9.44 -13.92 -2.79
N GLY A 4 -8.32 -14.04 -3.51
CA GLY A 4 -7.35 -12.99 -3.66
C GLY A 4 -7.55 -12.18 -4.89
N ASP A 5 -8.80 -11.71 -5.12
CA ASP A 5 -9.15 -10.88 -6.22
C ASP A 5 -8.85 -9.43 -6.00
N ILE A 6 -9.21 -8.60 -6.99
CA ILE A 6 -9.13 -7.17 -6.94
C ILE A 6 -10.33 -6.59 -6.29
N PHE A 7 -10.12 -5.59 -5.40
CA PHE A 7 -11.17 -4.93 -4.70
C PHE A 7 -11.00 -3.45 -4.74
N GLU A 8 -12.13 -2.73 -4.81
CA GLU A 8 -12.16 -1.30 -4.92
C GLU A 8 -12.71 -0.71 -3.67
N VAL A 9 -11.98 0.20 -3.00
CA VAL A 9 -12.47 0.87 -1.83
C VAL A 9 -12.89 2.27 -2.14
N GLU A 10 -13.88 2.77 -1.39
CA GLU A 10 -14.45 4.06 -1.53
C GLU A 10 -14.68 4.58 -0.15
N LEU A 11 -13.66 5.23 0.44
CA LEU A 11 -13.69 5.60 1.82
C LEU A 11 -13.22 7.01 1.98
N ALA A 12 -13.26 7.53 3.22
CA ALA A 12 -12.68 8.78 3.60
C ALA A 12 -12.08 8.64 4.96
N LYS A 13 -11.36 9.68 5.43
CA LYS A 13 -10.66 9.72 6.67
C LYS A 13 -11.56 9.74 7.86
N ASN A 14 -11.27 8.91 8.88
CA ASN A 14 -12.03 8.84 10.09
C ASN A 14 -11.16 9.13 11.26
N ASP A 15 -10.71 8.12 12.02
CA ASP A 15 -9.73 8.30 13.06
C ASP A 15 -8.37 8.53 12.49
N ASN A 16 -8.10 7.89 11.34
CA ASN A 16 -6.91 8.06 10.56
C ASN A 16 -7.34 7.83 9.16
N SER A 17 -6.39 7.86 8.20
CA SER A 17 -6.61 7.57 6.82
C SER A 17 -6.59 6.09 6.63
N LEU A 18 -5.44 5.42 6.79
CA LEU A 18 -5.40 3.99 6.78
C LEU A 18 -5.30 3.45 8.16
N GLY A 19 -4.09 3.41 8.74
CA GLY A 19 -3.79 2.69 9.94
C GLY A 19 -3.13 1.40 9.59
N ILE A 20 -2.05 1.49 8.78
CA ILE A 20 -1.39 0.33 8.25
C ILE A 20 0.09 0.52 8.30
N SER A 21 0.85 -0.57 8.19
CA SER A 21 2.28 -0.56 8.03
C SER A 21 2.58 -1.28 6.77
N VAL A 22 3.58 -0.79 6.01
CA VAL A 22 3.86 -1.18 4.66
C VAL A 22 5.33 -1.46 4.56
N THR A 23 5.72 -2.44 3.73
CA THR A 23 7.07 -2.89 3.67
C THR A 23 7.49 -3.08 2.26
N GLY A 24 8.46 -2.26 1.82
CA GLY A 24 9.15 -2.40 0.58
C GLY A 24 8.36 -2.10 -0.65
N GLY A 25 9.03 -2.22 -1.81
CA GLY A 25 8.43 -1.96 -3.09
C GLY A 25 9.08 -0.82 -3.79
N VAL A 26 10.36 -1.00 -4.13
CA VAL A 26 11.19 0.01 -4.69
C VAL A 26 11.48 -0.24 -6.14
N ASN A 27 12.19 -1.35 -6.45
CA ASN A 27 12.76 -1.57 -7.75
C ASN A 27 12.08 -2.67 -8.49
N THR A 28 12.60 -3.92 -8.45
CA THR A 28 12.09 -5.02 -9.21
C THR A 28 11.90 -6.17 -8.29
N SER A 29 10.70 -6.30 -7.69
CA SER A 29 10.41 -7.30 -6.71
C SER A 29 9.10 -7.94 -7.01
N VAL A 30 8.01 -7.38 -6.47
CA VAL A 30 6.65 -7.79 -6.67
C VAL A 30 6.23 -7.56 -8.08
N ARG A 31 6.29 -6.30 -8.56
CA ARG A 31 6.21 -5.92 -9.94
C ARG A 31 7.40 -5.06 -10.20
N HIS A 32 7.33 -4.15 -11.18
CA HIS A 32 8.24 -3.06 -11.33
C HIS A 32 7.80 -1.93 -10.45
N GLY A 33 8.28 -1.94 -9.19
CA GLY A 33 7.69 -1.25 -8.10
C GLY A 33 6.59 -2.06 -7.50
N GLY A 34 5.67 -1.41 -6.78
CA GLY A 34 4.52 -2.04 -6.20
C GLY A 34 4.70 -2.30 -4.74
N ILE A 35 3.64 -2.09 -3.94
CA ILE A 35 3.74 -1.82 -2.55
C ILE A 35 2.95 -2.83 -1.79
N TYR A 36 3.50 -3.36 -0.68
CA TYR A 36 2.95 -4.47 0.03
C TYR A 36 2.75 -4.14 1.47
N VAL A 37 1.63 -4.62 2.06
CA VAL A 37 1.31 -4.43 3.43
C VAL A 37 2.12 -5.31 4.32
N LYS A 38 2.66 -4.74 5.41
CA LYS A 38 3.36 -5.44 6.45
C LYS A 38 2.39 -5.98 7.44
N ALA A 39 1.57 -5.12 8.06
CA ALA A 39 0.52 -5.51 8.95
C ALA A 39 -0.40 -4.36 9.18
N VAL A 40 -1.60 -4.62 9.73
CA VAL A 40 -2.60 -3.63 10.00
C VAL A 40 -2.49 -3.15 11.40
N ILE A 41 -2.34 -1.82 11.60
CA ILE A 41 -2.15 -1.22 12.88
C ILE A 41 -3.46 -1.02 13.56
N PRO A 42 -3.71 -1.39 14.79
CA PRO A 42 -4.91 -1.04 15.48
C PRO A 42 -4.95 0.38 15.88
N GLN A 43 -5.31 1.27 14.93
CA GLN A 43 -5.34 2.69 15.12
C GLN A 43 -6.50 3.32 14.42
N GLY A 44 -6.86 2.86 13.21
CA GLY A 44 -7.87 3.52 12.44
C GLY A 44 -8.61 2.65 11.48
N ALA A 45 -9.00 3.26 10.35
CA ALA A 45 -9.94 2.79 9.38
C ALA A 45 -9.71 1.43 8.83
N ALA A 46 -8.46 1.05 8.52
CA ALA A 46 -8.09 -0.22 7.99
C ALA A 46 -8.52 -1.37 8.84
N GLU A 47 -8.24 -1.28 10.16
CA GLU A 47 -8.67 -2.19 11.17
C GLU A 47 -10.12 -2.05 11.46
N SER A 48 -10.58 -0.85 11.80
CA SER A 48 -11.90 -0.57 12.28
C SER A 48 -13.00 -0.94 11.34
N ASP A 49 -12.96 -0.40 10.11
CA ASP A 49 -13.93 -0.66 9.10
C ASP A 49 -13.79 -2.05 8.58
N GLY A 50 -12.54 -2.52 8.42
CA GLY A 50 -12.22 -3.85 7.97
C GLY A 50 -12.03 -3.84 6.50
N ARG A 51 -10.87 -3.36 6.03
CA ARG A 51 -10.79 -2.80 4.72
C ARG A 51 -9.57 -3.22 3.96
N ILE A 52 -8.36 -3.09 4.53
CA ILE A 52 -7.14 -3.45 3.87
C ILE A 52 -6.42 -4.34 4.83
N HIS A 53 -5.88 -5.48 4.37
CA HIS A 53 -5.40 -6.51 5.22
C HIS A 53 -3.94 -6.83 5.04
N LYS A 54 -3.41 -7.71 5.90
CA LYS A 54 -2.04 -8.13 5.92
C LYS A 54 -1.56 -8.73 4.65
N GLY A 55 -0.60 -8.07 3.97
CA GLY A 55 -0.08 -8.50 2.71
C GLY A 55 -0.96 -8.25 1.53
N ASP A 56 -1.86 -7.26 1.59
CA ASP A 56 -2.56 -6.80 0.43
C ASP A 56 -1.72 -5.87 -0.37
N ARG A 57 -2.07 -5.70 -1.66
CA ARG A 57 -1.30 -4.95 -2.61
C ARG A 57 -2.15 -3.88 -3.22
N VAL A 58 -1.68 -2.62 -3.22
CA VAL A 58 -2.37 -1.53 -3.84
C VAL A 58 -1.95 -1.38 -5.27
N LEU A 59 -2.70 -0.60 -6.07
CA LEU A 59 -2.31 -0.20 -7.37
C LEU A 59 -2.51 1.27 -7.55
N ALA A 60 -3.73 1.72 -7.86
CA ALA A 60 -4.00 3.10 -8.16
C ALA A 60 -4.57 3.82 -6.99
N VAL A 61 -4.22 5.11 -6.80
CA VAL A 61 -4.80 5.93 -5.79
C VAL A 61 -5.55 7.08 -6.40
N ASN A 62 -6.88 6.99 -6.40
CA ASN A 62 -7.81 7.96 -6.90
C ASN A 62 -7.60 8.30 -8.33
N GLY A 63 -7.51 7.27 -9.19
CA GLY A 63 -7.21 7.41 -10.58
C GLY A 63 -5.76 7.43 -10.91
N VAL A 64 -4.89 7.83 -9.96
CA VAL A 64 -3.49 7.98 -10.16
C VAL A 64 -2.78 6.69 -9.99
N SER A 65 -2.43 6.03 -11.10
CA SER A 65 -1.47 4.97 -11.16
C SER A 65 -0.08 5.53 -11.15
N LEU A 66 0.76 5.07 -10.21
CA LEU A 66 2.07 5.59 -9.97
C LEU A 66 3.11 4.63 -10.44
N GLU A 67 3.04 4.24 -11.72
CA GLU A 67 3.83 3.18 -12.27
C GLU A 67 5.30 3.43 -12.34
N GLY A 68 6.09 2.44 -11.91
CA GLY A 68 7.53 2.46 -11.95
C GLY A 68 8.19 3.22 -10.85
N ALA A 69 7.41 3.77 -9.90
CA ALA A 69 7.92 4.56 -8.82
C ALA A 69 8.58 3.75 -7.75
N THR A 70 9.49 4.37 -6.98
CA THR A 70 10.18 3.77 -5.88
C THR A 70 9.40 3.89 -4.62
N HIS A 71 9.88 3.28 -3.53
CA HIS A 71 9.12 3.06 -2.33
C HIS A 71 8.63 4.31 -1.69
N LYS A 72 9.50 5.32 -1.53
CA LYS A 72 9.12 6.57 -0.94
C LYS A 72 8.21 7.38 -1.81
N GLN A 73 8.37 7.35 -3.14
CA GLN A 73 7.57 8.13 -4.04
C GLN A 73 6.17 7.63 -4.14
N ALA A 74 5.98 6.30 -4.03
CA ALA A 74 4.70 5.68 -3.90
C ALA A 74 3.99 6.06 -2.64
N VAL A 75 4.61 5.90 -1.45
CA VAL A 75 3.97 6.20 -0.21
C VAL A 75 3.82 7.65 0.08
N GLU A 76 4.61 8.53 -0.56
CA GLU A 76 4.41 9.95 -0.57
C GLU A 76 3.17 10.31 -1.30
N THR A 77 2.92 9.64 -2.45
CA THR A 77 1.74 9.77 -3.26
C THR A 77 0.51 9.32 -2.57
N LEU A 78 0.62 8.35 -1.64
CA LEU A 78 -0.46 7.91 -0.82
C LEU A 78 -0.73 8.84 0.31
N ARG A 79 0.30 9.46 0.93
CA ARG A 79 0.10 10.45 1.94
C ARG A 79 -0.46 11.73 1.44
N ASN A 80 -0.09 12.23 0.25
CA ASN A 80 -0.72 13.38 -0.33
C ASN A 80 -2.02 13.08 -0.98
N THR A 81 -2.94 12.47 -0.22
CA THR A 81 -4.32 12.26 -0.51
C THR A 81 -5.12 13.26 0.27
N GLY A 82 -5.27 13.02 1.58
CA GLY A 82 -5.89 13.92 2.51
C GLY A 82 -7.15 13.37 3.10
N GLN A 83 -8.30 13.97 2.78
CA GLN A 83 -9.55 13.65 3.41
C GLN A 83 -10.21 12.44 2.85
N VAL A 84 -10.02 12.18 1.55
CA VAL A 84 -10.66 11.11 0.84
C VAL A 84 -9.69 10.00 0.58
N VAL A 85 -10.14 8.74 0.76
CA VAL A 85 -9.33 7.56 0.71
C VAL A 85 -9.90 6.64 -0.31
N HIS A 86 -9.61 6.89 -1.60
CA HIS A 86 -10.21 6.19 -2.70
C HIS A 86 -9.15 5.48 -3.48
N LEU A 87 -9.09 4.13 -3.43
CA LEU A 87 -8.01 3.44 -4.06
C LEU A 87 -8.37 2.10 -4.56
N LEU A 88 -7.46 1.47 -5.33
CA LEU A 88 -7.68 0.28 -6.09
C LEU A 88 -6.70 -0.75 -5.68
N LEU A 89 -7.15 -1.92 -5.20
CA LEU A 89 -6.32 -2.87 -4.53
C LEU A 89 -6.50 -4.26 -5.05
N GLU A 90 -5.62 -5.19 -4.62
CA GLU A 90 -5.74 -6.60 -4.75
C GLU A 90 -5.49 -7.26 -3.43
N LYS A 91 -6.33 -8.24 -3.06
CA LYS A 91 -6.17 -9.07 -1.90
C LYS A 91 -5.09 -10.08 -2.13
N GLY A 92 -4.20 -10.28 -1.16
CA GLY A 92 -3.02 -11.07 -1.33
C GLY A 92 -3.16 -12.54 -1.20
N GLN A 93 -2.21 -13.16 -0.46
CA GLN A 93 -2.16 -14.57 -0.23
C GLN A 93 -3.18 -15.05 0.74
N SER A 94 -3.57 -16.33 0.61
CA SER A 94 -4.52 -16.97 1.45
C SER A 94 -4.00 -17.23 2.82
N PRO A 95 -4.76 -17.49 3.85
CA PRO A 95 -4.27 -17.44 5.21
C PRO A 95 -3.29 -18.49 5.58
N THR A 96 -2.24 -18.12 6.33
CA THR A 96 -1.28 -19.02 6.89
C THR A 96 -1.48 -19.13 8.39
N PHE B 1 16.59 -2.52 -19.95
CA PHE B 1 16.59 -1.27 -19.16
C PHE B 1 17.60 -1.26 -18.07
N ALA B 2 17.83 -0.11 -17.44
CA ALA B 2 18.80 0.13 -16.42
C ALA B 2 20.19 0.28 -16.94
N ASP B 3 21.15 0.65 -16.07
CA ASP B 3 22.50 0.95 -16.45
C ASP B 3 23.44 0.17 -15.59
N SER B 4 23.60 0.55 -14.31
CA SER B 4 24.49 -0.12 -13.42
C SER B 4 23.89 -0.28 -12.07
N GLU B 5 24.48 0.29 -11.00
CA GLU B 5 24.08 0.07 -9.64
C GLU B 5 22.90 0.90 -9.27
N ALA B 6 23.05 2.23 -9.28
CA ALA B 6 22.07 3.22 -8.99
C ALA B 6 21.27 3.00 -7.75
N ASP B 7 21.95 2.74 -6.62
CA ASP B 7 21.33 2.31 -5.40
C ASP B 7 21.00 3.46 -4.52
N GLU B 8 19.75 3.51 -4.00
CA GLU B 8 19.23 4.65 -3.32
C GLU B 8 18.82 4.33 -1.92
N ASN B 9 17.88 5.10 -1.34
CA ASN B 9 17.43 4.99 0.01
C ASN B 9 16.23 4.12 0.09
N GLU B 10 16.22 3.10 0.99
CA GLU B 10 15.13 2.17 1.07
C GLU B 10 14.75 1.98 2.50
N GLN B 11 13.49 2.24 2.87
CA GLN B 11 13.06 2.26 4.24
C GLN B 11 11.95 1.30 4.51
N VAL B 12 10.91 1.74 5.23
CA VAL B 12 9.73 1.02 5.61
C VAL B 12 8.73 2.10 5.78
N SER B 13 7.40 1.84 5.72
CA SER B 13 6.45 2.90 5.61
C SER B 13 5.23 2.66 6.44
N ALA B 14 4.50 3.74 6.79
CA ALA B 14 3.25 3.62 7.49
C ALA B 14 2.37 4.78 7.16
N VAL B 15 1.04 4.56 7.13
CA VAL B 15 0.04 5.54 6.84
C VAL B 15 -1.13 5.29 7.79
N PRO A 1 -11.83 -14.08 -13.55
CA PRO A 1 -12.34 -14.18 -12.16
C PRO A 1 -11.33 -14.93 -11.35
N LYS A 2 -10.60 -14.25 -10.46
CA LYS A 2 -9.70 -14.87 -9.54
C LYS A 2 -10.36 -15.02 -8.21
N PRO A 3 -9.96 -15.87 -7.32
CA PRO A 3 -10.50 -15.93 -5.99
C PRO A 3 -10.12 -14.73 -5.19
N GLY A 4 -8.87 -14.24 -5.32
CA GLY A 4 -8.47 -12.95 -4.84
C GLY A 4 -8.35 -12.00 -5.98
N ASP A 5 -9.48 -11.52 -6.52
CA ASP A 5 -9.49 -10.58 -7.60
C ASP A 5 -9.33 -9.16 -7.17
N ILE A 6 -9.42 -8.25 -8.13
CA ILE A 6 -9.31 -6.83 -7.99
C ILE A 6 -10.58 -6.24 -7.48
N PHE A 7 -10.48 -5.19 -6.63
CA PHE A 7 -11.60 -4.52 -6.06
C PHE A 7 -11.24 -3.10 -5.80
N GLU A 8 -12.25 -2.21 -5.73
CA GLU A 8 -12.06 -0.80 -5.57
C GLU A 8 -12.89 -0.28 -4.45
N VAL A 9 -12.23 0.25 -3.40
CA VAL A 9 -12.84 0.77 -2.22
C VAL A 9 -12.80 2.26 -2.17
N GLU A 10 -13.93 2.92 -1.89
CA GLU A 10 -14.05 4.32 -1.64
C GLU A 10 -14.39 4.55 -0.21
N LEU A 11 -13.52 5.23 0.55
CA LEU A 11 -13.71 5.60 1.92
C LEU A 11 -13.30 7.02 2.11
N ALA A 12 -13.64 7.66 3.24
CA ALA A 12 -13.12 8.95 3.59
C ALA A 12 -12.65 8.97 5.00
N LYS A 13 -11.71 9.88 5.32
CA LYS A 13 -11.10 10.07 6.60
C LYS A 13 -12.05 10.35 7.71
N ASN A 14 -11.92 9.60 8.81
CA ASN A 14 -12.79 9.66 9.96
C ASN A 14 -12.01 9.99 11.19
N ASP A 15 -11.62 8.99 11.99
CA ASP A 15 -10.69 9.09 13.08
C ASP A 15 -9.35 9.41 12.54
N ASN A 16 -8.85 8.53 11.65
CA ASN A 16 -7.61 8.67 10.96
C ASN A 16 -7.85 8.28 9.54
N SER A 17 -6.81 8.34 8.68
CA SER A 17 -6.88 7.92 7.32
C SER A 17 -6.67 6.45 7.18
N LEU A 18 -5.43 5.94 7.20
CA LEU A 18 -5.19 4.54 7.04
C LEU A 18 -4.86 3.85 8.32
N GLY A 19 -3.58 3.77 8.69
CA GLY A 19 -3.12 3.02 9.83
C GLY A 19 -2.81 1.60 9.50
N ILE A 20 -1.91 1.38 8.52
CA ILE A 20 -1.49 0.07 8.11
C ILE A 20 -0.02 0.13 7.87
N SER A 21 0.67 -0.98 7.63
CA SER A 21 2.09 -1.00 7.40
C SER A 21 2.37 -1.64 6.09
N VAL A 22 3.46 -1.21 5.42
CA VAL A 22 3.77 -1.51 4.06
C VAL A 22 5.11 -2.16 4.00
N THR A 23 5.41 -2.93 2.94
CA THR A 23 6.73 -3.43 2.69
C THR A 23 7.02 -3.33 1.23
N GLY A 24 8.32 -3.19 0.90
CA GLY A 24 8.86 -3.15 -0.42
C GLY A 24 8.48 -1.97 -1.25
N GLY A 25 8.17 -2.22 -2.54
CA GLY A 25 7.77 -1.23 -3.49
C GLY A 25 8.87 -0.39 -4.05
N VAL A 26 10.14 -0.81 -3.89
CA VAL A 26 11.30 -0.03 -4.19
C VAL A 26 11.69 -0.09 -5.62
N ASN A 27 12.95 -0.43 -5.93
CA ASN A 27 13.48 -0.47 -7.27
C ASN A 27 12.91 -1.63 -8.03
N THR A 28 13.10 -2.87 -7.55
CA THR A 28 12.34 -4.00 -7.98
C THR A 28 11.86 -4.67 -6.74
N SER A 29 10.63 -5.21 -6.77
CA SER A 29 9.98 -5.71 -5.60
C SER A 29 9.00 -6.74 -6.04
N VAL A 30 7.69 -6.46 -5.92
CA VAL A 30 6.63 -7.26 -6.45
C VAL A 30 6.63 -7.24 -7.94
N ARG A 31 6.75 -6.05 -8.55
CA ARG A 31 7.19 -5.82 -9.89
C ARG A 31 8.01 -4.57 -9.86
N HIS A 32 8.01 -3.78 -10.94
CA HIS A 32 8.59 -2.48 -11.09
C HIS A 32 7.77 -1.42 -10.43
N GLY A 33 7.45 -1.62 -9.14
CA GLY A 33 6.46 -0.88 -8.43
C GLY A 33 5.32 -1.80 -8.12
N GLY A 34 4.31 -1.29 -7.40
CA GLY A 34 3.30 -2.10 -6.76
C GLY A 34 3.66 -2.21 -5.31
N ILE A 35 2.66 -2.11 -4.41
CA ILE A 35 2.91 -1.93 -3.02
C ILE A 35 2.17 -3.00 -2.29
N TYR A 36 2.77 -3.58 -1.23
CA TYR A 36 2.25 -4.74 -0.58
C TYR A 36 2.06 -4.46 0.88
N VAL A 37 0.98 -5.00 1.46
CA VAL A 37 0.66 -4.85 2.84
C VAL A 37 1.47 -5.77 3.70
N LYS A 38 2.16 -5.20 4.70
CA LYS A 38 2.97 -5.89 5.66
C LYS A 38 2.12 -6.43 6.76
N ALA A 39 1.40 -5.56 7.48
CA ALA A 39 0.48 -5.94 8.51
C ALA A 39 -0.32 -4.77 8.94
N VAL A 40 -1.33 -4.98 9.79
CA VAL A 40 -2.19 -3.97 10.32
C VAL A 40 -1.65 -3.36 11.57
N ILE A 41 -1.78 -2.03 11.72
CA ILE A 41 -1.59 -1.35 12.97
C ILE A 41 -2.88 -1.40 13.72
N PRO A 42 -3.06 -1.93 14.89
CA PRO A 42 -4.32 -1.96 15.56
C PRO A 42 -4.66 -0.67 16.24
N GLN A 43 -4.26 0.47 15.64
CA GLN A 43 -4.50 1.80 16.11
C GLN A 43 -4.72 2.62 14.89
N GLY A 44 -5.85 2.37 14.20
CA GLY A 44 -6.15 3.02 12.96
C GLY A 44 -7.52 2.69 12.49
N ALA A 45 -7.97 3.41 11.45
CA ALA A 45 -9.24 3.23 10.82
C ALA A 45 -9.39 1.95 10.07
N ALA A 46 -8.30 1.40 9.51
CA ALA A 46 -8.31 0.17 8.79
C ALA A 46 -8.80 -1.01 9.56
N GLU A 47 -8.23 -1.27 10.75
CA GLU A 47 -8.65 -2.29 11.66
C GLU A 47 -10.05 -2.11 12.13
N SER A 48 -10.43 -0.88 12.54
CA SER A 48 -11.73 -0.52 12.99
C SER A 48 -12.83 -0.71 12.00
N ASP A 49 -12.72 -0.14 10.79
CA ASP A 49 -13.71 -0.20 9.77
C ASP A 49 -13.73 -1.52 9.09
N GLY A 50 -12.54 -2.12 8.86
CA GLY A 50 -12.36 -3.42 8.30
C GLY A 50 -12.31 -3.37 6.81
N ARG A 51 -11.11 -3.17 6.23
CA ARG A 51 -10.98 -2.66 4.90
C ARG A 51 -9.93 -3.35 4.10
N ILE A 52 -8.67 -3.31 4.57
CA ILE A 52 -7.52 -3.79 3.85
C ILE A 52 -6.84 -4.73 4.78
N HIS A 53 -6.48 -5.93 4.33
CA HIS A 53 -5.98 -6.95 5.21
C HIS A 53 -4.59 -7.33 4.86
N LYS A 54 -3.97 -8.16 5.73
CA LYS A 54 -2.60 -8.56 5.60
C LYS A 54 -2.31 -9.29 4.34
N GLY A 55 -1.39 -8.76 3.52
CA GLY A 55 -1.05 -9.31 2.24
C GLY A 55 -2.01 -9.03 1.13
N ASP A 56 -2.80 -7.94 1.20
CA ASP A 56 -3.41 -7.37 0.04
C ASP A 56 -2.41 -6.63 -0.76
N ARG A 57 -2.65 -6.49 -2.08
CA ARG A 57 -1.69 -5.99 -3.02
C ARG A 57 -2.28 -4.84 -3.75
N VAL A 58 -1.79 -3.61 -3.51
CA VAL A 58 -2.42 -2.41 -4.00
C VAL A 58 -1.72 -1.87 -5.18
N LEU A 59 -2.46 -1.16 -6.06
CA LEU A 59 -1.94 -0.62 -7.27
C LEU A 59 -2.16 0.85 -7.35
N ALA A 60 -3.40 1.28 -7.68
CA ALA A 60 -3.65 2.64 -8.05
C ALA A 60 -4.06 3.48 -6.90
N VAL A 61 -3.47 4.68 -6.77
CA VAL A 61 -3.72 5.64 -5.73
C VAL A 61 -4.60 6.70 -6.30
N ASN A 62 -5.93 6.50 -6.17
CA ASN A 62 -6.96 7.28 -6.79
C ASN A 62 -6.84 7.34 -8.27
N GLY A 63 -6.92 6.17 -8.95
CA GLY A 63 -6.86 6.10 -10.37
C GLY A 63 -5.48 5.93 -10.91
N VAL A 64 -4.48 6.67 -10.39
CA VAL A 64 -3.17 6.74 -10.94
C VAL A 64 -2.27 5.68 -10.42
N SER A 65 -1.64 4.88 -11.30
CA SER A 65 -0.70 3.87 -10.94
C SER A 65 0.61 4.44 -10.58
N LEU A 66 1.35 3.78 -9.67
CA LEU A 66 2.65 4.21 -9.23
C LEU A 66 3.76 3.56 -9.99
N GLU A 67 3.46 2.57 -10.84
CA GLU A 67 4.44 1.72 -11.44
C GLU A 67 5.45 2.41 -12.29
N GLY A 68 6.74 2.18 -12.00
CA GLY A 68 7.83 2.99 -12.43
C GLY A 68 8.52 3.65 -11.29
N ALA A 69 7.77 4.23 -10.35
CA ALA A 69 8.27 4.92 -9.20
C ALA A 69 8.72 4.01 -8.11
N THR A 70 9.48 4.53 -7.13
CA THR A 70 9.87 3.85 -5.94
C THR A 70 8.90 4.10 -4.83
N HIS A 71 9.03 3.30 -3.76
CA HIS A 71 8.40 3.40 -2.47
C HIS A 71 8.32 4.76 -1.87
N LYS A 72 9.44 5.50 -1.79
CA LYS A 72 9.51 6.82 -1.24
C LYS A 72 8.83 7.85 -2.06
N GLN A 73 8.76 7.65 -3.39
CA GLN A 73 8.03 8.48 -4.30
C GLN A 73 6.56 8.24 -4.18
N ALA A 74 6.13 6.97 -4.16
CA ALA A 74 4.77 6.55 -4.00
C ALA A 74 4.14 6.88 -2.70
N VAL A 75 4.89 6.85 -1.57
CA VAL A 75 4.38 7.20 -0.28
C VAL A 75 4.12 8.66 -0.16
N GLU A 76 4.89 9.51 -0.86
CA GLU A 76 4.67 10.93 -0.93
C GLU A 76 3.39 11.29 -1.57
N THR A 77 3.08 10.68 -2.73
CA THR A 77 1.82 10.76 -3.41
C THR A 77 0.67 10.33 -2.56
N LEU A 78 0.85 9.27 -1.76
CA LEU A 78 -0.18 8.70 -0.96
C LEU A 78 -0.45 9.40 0.33
N ARG A 79 0.56 9.99 0.99
CA ARG A 79 0.38 10.77 2.17
C ARG A 79 -0.28 12.08 1.92
N ASN A 80 -0.06 12.71 0.74
CA ASN A 80 -0.64 13.97 0.42
C ASN A 80 -1.97 13.83 -0.23
N THR A 81 -2.95 13.26 0.50
CA THR A 81 -4.30 13.08 0.10
C THR A 81 -5.20 14.01 0.84
N GLY A 82 -5.58 13.67 2.08
CA GLY A 82 -6.41 14.45 2.94
C GLY A 82 -7.71 13.79 3.24
N GLN A 83 -8.74 14.12 2.45
CA GLN A 83 -10.10 13.77 2.74
C GLN A 83 -10.47 12.38 2.35
N VAL A 84 -10.30 12.03 1.07
CA VAL A 84 -10.82 10.82 0.51
C VAL A 84 -9.76 9.79 0.29
N VAL A 85 -10.14 8.52 0.50
CA VAL A 85 -9.31 7.37 0.36
C VAL A 85 -9.94 6.52 -0.70
N HIS A 86 -9.50 6.66 -1.97
CA HIS A 86 -10.01 5.88 -3.06
C HIS A 86 -8.89 5.11 -3.65
N LEU A 87 -8.97 3.76 -3.70
CA LEU A 87 -7.90 2.97 -4.20
C LEU A 87 -8.36 1.72 -4.86
N LEU A 88 -7.44 1.11 -5.64
CA LEU A 88 -7.68 -0.08 -6.40
C LEU A 88 -6.70 -1.11 -5.91
N LEU A 89 -7.22 -2.25 -5.42
CA LEU A 89 -6.47 -3.28 -4.79
C LEU A 89 -6.66 -4.56 -5.54
N GLU A 90 -5.83 -5.58 -5.22
CA GLU A 90 -6.06 -6.96 -5.52
C GLU A 90 -6.01 -7.70 -4.24
N LYS A 91 -7.03 -8.56 -3.97
CA LYS A 91 -7.18 -9.28 -2.75
C LYS A 91 -6.16 -10.35 -2.56
N GLY A 92 -5.65 -10.51 -1.33
CA GLY A 92 -4.60 -11.44 -1.02
C GLY A 92 -4.98 -12.86 -0.86
N GLN A 93 -4.15 -13.60 -0.11
CA GLN A 93 -4.33 -14.99 0.21
C GLN A 93 -4.97 -15.15 1.55
N SER A 94 -5.63 -16.29 1.79
CA SER A 94 -6.31 -16.57 3.02
C SER A 94 -5.37 -17.04 4.09
N PRO A 95 -5.27 -16.44 5.24
CA PRO A 95 -4.24 -16.75 6.18
C PRO A 95 -4.45 -18.04 6.91
N THR A 96 -3.44 -18.93 6.92
CA THR A 96 -3.50 -20.18 7.61
C THR A 96 -2.87 -20.11 9.00
N PHE B 1 29.71 -20.28 -0.95
CA PHE B 1 28.51 -19.72 -0.28
C PHE B 1 28.58 -19.74 1.21
N ALA B 2 27.44 -19.62 1.91
CA ALA B 2 27.31 -19.66 3.33
C ALA B 2 27.83 -18.45 4.02
N ASP B 3 27.54 -17.27 3.45
CA ASP B 3 27.83 -15.98 4.01
C ASP B 3 26.70 -15.54 4.88
N SER B 4 26.98 -14.95 6.06
CA SER B 4 25.97 -14.53 6.97
C SER B 4 25.25 -13.28 6.59
N GLU B 5 25.99 -12.19 6.28
CA GLU B 5 25.45 -10.89 6.08
C GLU B 5 24.77 -10.69 4.76
N ALA B 6 23.72 -9.84 4.76
CA ALA B 6 23.04 -9.37 3.59
C ALA B 6 23.14 -7.89 3.59
N ASP B 7 23.06 -7.24 2.40
CA ASP B 7 23.41 -5.88 2.27
C ASP B 7 22.69 -5.25 1.11
N GLU B 8 21.41 -4.90 1.29
CA GLU B 8 20.57 -4.36 0.26
C GLU B 8 20.40 -2.88 0.42
N ASN B 9 19.95 -2.45 1.61
CA ASN B 9 19.76 -1.08 2.01
C ASN B 9 18.66 -0.36 1.30
N GLU B 10 17.39 -0.71 1.55
CA GLU B 10 16.25 0.10 1.28
C GLU B 10 15.44 0.23 2.53
N GLN B 11 14.38 1.07 2.54
CA GLN B 11 13.74 1.52 3.73
C GLN B 11 12.28 1.19 3.75
N VAL B 12 11.63 1.36 4.92
CA VAL B 12 10.27 1.03 5.18
C VAL B 12 9.51 2.23 5.65
N SER B 13 8.19 2.25 5.38
CA SER B 13 7.29 3.34 5.63
C SER B 13 6.02 2.91 6.27
N ALA B 14 5.21 3.87 6.74
CA ALA B 14 3.88 3.64 7.23
C ALA B 14 3.06 4.87 7.09
N VAL B 15 1.73 4.73 6.94
CA VAL B 15 0.72 5.73 7.14
C VAL B 15 -0.60 5.02 7.43
N PRO A 1 -14.24 -13.95 -10.25
CA PRO A 1 -13.67 -13.48 -8.97
C PRO A 1 -12.51 -14.35 -8.67
N LYS A 2 -11.26 -13.83 -8.71
CA LYS A 2 -10.11 -14.63 -8.46
C LYS A 2 -9.79 -14.71 -7.00
N PRO A 3 -8.87 -15.53 -6.59
CA PRO A 3 -8.23 -15.38 -5.31
C PRO A 3 -7.44 -14.13 -5.19
N GLY A 4 -6.70 -13.73 -6.25
CA GLY A 4 -6.03 -12.48 -6.36
C GLY A 4 -6.74 -11.52 -7.24
N ASP A 5 -7.98 -11.14 -6.89
CA ASP A 5 -8.81 -10.27 -7.67
C ASP A 5 -8.48 -8.83 -7.45
N ILE A 6 -8.77 -7.96 -8.44
CA ILE A 6 -8.59 -6.54 -8.33
C ILE A 6 -9.83 -5.93 -7.79
N PHE A 7 -9.73 -5.02 -6.79
CA PHE A 7 -10.87 -4.42 -6.18
C PHE A 7 -10.60 -3.00 -5.80
N GLU A 8 -11.64 -2.14 -5.72
CA GLU A 8 -11.47 -0.77 -5.37
C GLU A 8 -12.33 -0.37 -4.21
N VAL A 9 -11.72 0.10 -3.11
CA VAL A 9 -12.41 0.60 -1.97
C VAL A 9 -12.36 2.09 -1.88
N GLU A 10 -13.49 2.72 -1.54
CA GLU A 10 -13.59 4.13 -1.29
C GLU A 10 -13.85 4.39 0.15
N LEU A 11 -13.03 5.24 0.78
CA LEU A 11 -13.14 5.61 2.16
C LEU A 11 -12.97 7.08 2.31
N ALA A 12 -12.91 7.59 3.55
CA ALA A 12 -12.57 8.94 3.87
C ALA A 12 -11.73 8.94 5.10
N LYS A 13 -10.93 9.99 5.34
CA LYS A 13 -10.08 10.10 6.48
C LYS A 13 -10.83 10.34 7.74
N ASN A 14 -10.81 9.34 8.64
CA ASN A 14 -11.58 9.29 9.84
C ASN A 14 -10.73 9.69 10.99
N ASP A 15 -10.11 8.71 11.67
CA ASP A 15 -8.98 8.88 12.54
C ASP A 15 -7.75 8.90 11.70
N ASN A 16 -7.67 7.98 10.71
CA ASN A 16 -6.61 7.94 9.77
C ASN A 16 -7.19 7.68 8.42
N SER A 17 -6.35 7.64 7.37
CA SER A 17 -6.72 7.31 6.04
C SER A 17 -6.73 5.83 5.84
N LEU A 18 -5.54 5.19 5.81
CA LEU A 18 -5.39 3.77 5.70
C LEU A 18 -5.06 3.17 7.02
N GLY A 19 -3.81 3.32 7.50
CA GLY A 19 -3.38 2.84 8.79
C GLY A 19 -2.82 1.47 8.74
N ILE A 20 -1.88 1.21 7.81
CA ILE A 20 -1.34 -0.11 7.66
C ILE A 20 0.12 -0.09 7.33
N SER A 21 0.88 -1.08 7.81
CA SER A 21 2.30 -1.12 7.68
C SER A 21 2.72 -1.73 6.38
N VAL A 22 3.82 -1.24 5.80
CA VAL A 22 4.24 -1.50 4.46
C VAL A 22 5.44 -2.38 4.42
N THR A 23 5.61 -3.18 3.36
CA THR A 23 6.82 -3.92 3.12
C THR A 23 7.20 -3.86 1.68
N GLY A 24 8.36 -3.23 1.40
CA GLY A 24 8.99 -3.26 0.11
C GLY A 24 8.59 -2.13 -0.76
N GLY A 25 8.06 -2.44 -1.96
CA GLY A 25 7.48 -1.48 -2.86
C GLY A 25 8.45 -0.63 -3.61
N VAL A 26 9.67 -1.14 -3.84
CA VAL A 26 10.74 -0.40 -4.45
C VAL A 26 10.97 -0.83 -5.85
N ASN A 27 12.23 -0.75 -6.33
CA ASN A 27 12.60 -0.84 -7.70
C ASN A 27 12.48 -2.22 -8.26
N THR A 28 12.79 -3.25 -7.45
CA THR A 28 12.41 -4.60 -7.72
C THR A 28 11.82 -5.10 -6.45
N SER A 29 10.53 -5.48 -6.47
CA SER A 29 9.85 -5.91 -5.28
C SER A 29 8.79 -6.87 -5.71
N VAL A 30 7.52 -6.45 -5.70
CA VAL A 30 6.40 -7.18 -6.19
C VAL A 30 6.38 -7.15 -7.67
N ARG A 31 6.46 -5.94 -8.26
CA ARG A 31 6.67 -5.70 -9.65
C ARG A 31 7.75 -4.67 -9.72
N HIS A 32 7.86 -3.94 -10.84
CA HIS A 32 8.58 -2.71 -10.96
C HIS A 32 7.76 -1.63 -10.36
N GLY A 33 7.89 -1.38 -9.05
CA GLY A 33 6.98 -0.54 -8.32
C GLY A 33 5.68 -1.19 -8.03
N GLY A 34 4.82 -0.52 -7.23
CA GLY A 34 3.66 -1.11 -6.67
C GLY A 34 3.95 -1.58 -5.29
N ILE A 35 2.99 -1.51 -4.36
CA ILE A 35 3.30 -1.49 -2.95
C ILE A 35 2.55 -2.59 -2.28
N TYR A 36 3.18 -3.25 -1.28
CA TYR A 36 2.71 -4.46 -0.69
C TYR A 36 2.55 -4.31 0.78
N VAL A 37 1.50 -4.92 1.36
CA VAL A 37 1.11 -4.75 2.73
C VAL A 37 1.75 -5.74 3.64
N LYS A 38 2.27 -5.26 4.78
CA LYS A 38 2.92 -6.04 5.79
C LYS A 38 1.99 -6.54 6.83
N ALA A 39 1.37 -5.64 7.63
CA ALA A 39 0.56 -6.03 8.73
C ALA A 39 -0.24 -4.87 9.22
N VAL A 40 -1.35 -5.12 9.93
CA VAL A 40 -2.28 -4.11 10.35
C VAL A 40 -1.92 -3.50 11.65
N ILE A 41 -2.01 -2.17 11.75
CA ILE A 41 -1.88 -1.40 12.95
C ILE A 41 -3.19 -1.33 13.66
N PRO A 42 -3.41 -1.76 14.86
CA PRO A 42 -4.67 -1.61 15.53
C PRO A 42 -5.00 -0.24 16.01
N GLN A 43 -4.81 0.82 15.20
CA GLN A 43 -4.94 2.17 15.67
C GLN A 43 -5.29 3.06 14.55
N GLY A 44 -6.21 2.62 13.67
CA GLY A 44 -6.59 3.39 12.51
C GLY A 44 -7.72 2.77 11.78
N ALA A 45 -8.03 3.34 10.59
CA ALA A 45 -9.10 2.97 9.72
C ALA A 45 -9.18 1.54 9.32
N ALA A 46 -8.04 0.92 8.97
CA ALA A 46 -7.92 -0.47 8.66
C ALA A 46 -8.48 -1.41 9.69
N GLU A 47 -8.18 -1.13 10.97
CA GLU A 47 -8.76 -1.79 12.10
C GLU A 47 -10.19 -1.44 12.30
N SER A 48 -10.50 -0.16 12.53
CA SER A 48 -11.80 0.34 12.87
C SER A 48 -12.89 0.01 11.92
N ASP A 49 -12.70 0.28 10.62
CA ASP A 49 -13.68 0.04 9.62
C ASP A 49 -13.67 -1.40 9.18
N GLY A 50 -12.51 -2.07 9.29
CA GLY A 50 -12.34 -3.45 8.96
C GLY A 50 -12.10 -3.64 7.50
N ARG A 51 -10.89 -3.27 7.02
CA ARG A 51 -10.76 -2.87 5.66
C ARG A 51 -9.58 -3.37 4.93
N ILE A 52 -8.36 -3.37 5.51
CA ILE A 52 -7.15 -3.67 4.81
C ILE A 52 -6.42 -4.72 5.58
N HIS A 53 -5.90 -5.77 4.90
CA HIS A 53 -5.24 -6.85 5.57
C HIS A 53 -3.87 -7.09 5.02
N LYS A 54 -3.12 -7.97 5.71
CA LYS A 54 -1.82 -8.44 5.35
C LYS A 54 -1.71 -9.10 4.02
N GLY A 55 -0.68 -8.71 3.25
CA GLY A 55 -0.35 -9.28 1.98
C GLY A 55 -1.16 -8.86 0.81
N ASP A 56 -2.00 -7.81 0.94
CA ASP A 56 -2.63 -7.19 -0.18
C ASP A 56 -1.69 -6.26 -0.86
N ARG A 57 -2.04 -5.79 -2.08
CA ARG A 57 -1.19 -5.02 -2.92
C ARG A 57 -1.95 -3.84 -3.40
N VAL A 58 -1.38 -2.62 -3.41
CA VAL A 58 -2.02 -1.45 -3.93
C VAL A 58 -1.34 -1.00 -5.18
N LEU A 59 -2.10 -0.45 -6.14
CA LEU A 59 -1.56 -0.09 -7.41
C LEU A 59 -2.00 1.25 -7.90
N ALA A 60 -3.31 1.50 -8.10
CA ALA A 60 -3.79 2.80 -8.44
C ALA A 60 -4.38 3.54 -7.30
N VAL A 61 -4.11 4.85 -7.15
CA VAL A 61 -4.75 5.71 -6.21
C VAL A 61 -5.38 6.85 -6.93
N ASN A 62 -6.71 6.86 -7.05
CA ASN A 62 -7.50 7.96 -7.54
C ASN A 62 -7.14 8.48 -8.89
N GLY A 63 -6.82 7.59 -9.85
CA GLY A 63 -6.40 7.97 -11.16
C GLY A 63 -4.94 8.18 -11.31
N VAL A 64 -4.15 8.03 -10.24
CA VAL A 64 -2.72 7.98 -10.28
C VAL A 64 -2.26 6.59 -10.03
N SER A 65 -1.78 5.87 -11.06
CA SER A 65 -1.16 4.59 -10.90
C SER A 65 0.24 4.73 -10.40
N LEU A 66 0.60 4.11 -9.27
CA LEU A 66 1.94 4.13 -8.76
C LEU A 66 2.75 2.96 -9.21
N GLU A 67 2.43 2.42 -10.39
CA GLU A 67 3.26 1.53 -11.14
C GLU A 67 4.52 2.21 -11.55
N GLY A 68 5.68 1.55 -11.45
CA GLY A 68 6.95 2.17 -11.69
C GLY A 68 7.52 2.89 -10.52
N ALA A 69 6.66 3.53 -9.70
CA ALA A 69 7.08 4.35 -8.60
C ALA A 69 7.55 3.58 -7.42
N THR A 70 8.59 4.10 -6.76
CA THR A 70 9.22 3.55 -5.60
C THR A 70 8.52 3.94 -4.35
N HIS A 71 8.81 3.23 -3.24
CA HIS A 71 8.19 3.31 -1.96
C HIS A 71 8.03 4.68 -1.39
N LYS A 72 9.12 5.47 -1.29
CA LYS A 72 9.09 6.79 -0.74
C LYS A 72 8.33 7.77 -1.57
N GLN A 73 8.32 7.56 -2.90
CA GLN A 73 7.59 8.36 -3.84
C GLN A 73 6.13 8.09 -3.78
N ALA A 74 5.75 6.80 -3.74
CA ALA A 74 4.40 6.32 -3.65
C ALA A 74 3.74 6.61 -2.34
N VAL A 75 4.44 6.46 -1.20
CA VAL A 75 3.87 6.73 0.09
C VAL A 75 3.47 8.16 0.27
N GLU A 76 4.21 9.11 -0.33
CA GLU A 76 3.86 10.50 -0.35
C GLU A 76 2.61 10.79 -1.10
N THR A 77 2.34 10.06 -2.20
CA THR A 77 1.14 10.12 -2.98
C THR A 77 -0.04 9.59 -2.24
N LEU A 78 0.13 8.56 -1.39
CA LEU A 78 -0.91 7.99 -0.62
C LEU A 78 -1.23 8.82 0.59
N ARG A 79 -0.22 9.42 1.23
CA ARG A 79 -0.36 10.35 2.30
C ARG A 79 -1.08 11.60 1.91
N ASN A 80 -0.67 12.25 0.81
CA ASN A 80 -1.32 13.43 0.32
C ASN A 80 -2.47 13.10 -0.57
N THR A 81 -3.46 12.38 0.00
CA THR A 81 -4.76 12.12 -0.54
C THR A 81 -5.71 13.07 0.09
N GLY A 82 -5.86 13.01 1.43
CA GLY A 82 -6.39 14.07 2.22
C GLY A 82 -7.69 13.72 2.89
N GLN A 83 -8.81 14.25 2.36
CA GLN A 83 -10.10 14.06 2.92
C GLN A 83 -10.72 12.76 2.54
N VAL A 84 -10.78 12.49 1.23
CA VAL A 84 -11.41 11.33 0.66
C VAL A 84 -10.37 10.45 0.07
N VAL A 85 -10.57 9.12 0.11
CA VAL A 85 -9.60 8.15 -0.27
C VAL A 85 -10.22 7.18 -1.23
N HIS A 86 -9.64 7.01 -2.43
CA HIS A 86 -10.07 5.99 -3.34
C HIS A 86 -8.89 5.31 -3.95
N LEU A 87 -8.79 3.98 -3.82
CA LEU A 87 -7.67 3.26 -4.37
C LEU A 87 -8.03 1.88 -4.81
N LEU A 88 -7.15 1.30 -5.65
CA LEU A 88 -7.35 0.06 -6.34
C LEU A 88 -6.29 -0.87 -5.87
N LEU A 89 -6.74 -2.06 -5.42
CA LEU A 89 -5.92 -3.08 -4.85
C LEU A 89 -5.98 -4.30 -5.68
N GLU A 90 -4.96 -5.18 -5.53
CA GLU A 90 -5.00 -6.53 -6.00
C GLU A 90 -4.84 -7.40 -4.82
N LYS A 91 -5.75 -8.36 -4.59
CA LYS A 91 -5.70 -9.24 -3.46
C LYS A 91 -4.54 -10.17 -3.51
N GLY A 92 -3.98 -10.54 -2.34
CA GLY A 92 -2.81 -11.33 -2.23
C GLY A 92 -2.97 -12.81 -2.37
N GLN A 93 -2.33 -13.56 -1.47
CA GLN A 93 -2.20 -14.98 -1.49
C GLN A 93 -3.15 -15.67 -0.57
N SER A 94 -3.46 -16.95 -0.81
CA SER A 94 -4.40 -17.71 -0.04
C SER A 94 -3.72 -18.36 1.12
N PRO A 95 -4.14 -18.27 2.34
CA PRO A 95 -3.35 -18.62 3.49
C PRO A 95 -3.18 -20.08 3.73
N THR A 96 -2.57 -20.45 4.87
CA THR A 96 -2.18 -21.78 5.21
C THR A 96 -3.21 -22.53 6.02
N PHE B 1 27.36 -18.80 -0.64
CA PHE B 1 26.18 -19.14 0.20
C PHE B 1 26.42 -18.99 1.66
N ALA B 2 25.34 -18.72 2.42
CA ALA B 2 25.31 -18.72 3.85
C ALA B 2 26.20 -17.77 4.57
N ASP B 3 26.25 -16.51 4.10
CA ASP B 3 26.71 -15.40 4.87
C ASP B 3 25.51 -14.66 5.35
N SER B 4 25.53 -14.22 6.62
CA SER B 4 24.53 -13.35 7.19
C SER B 4 24.84 -11.92 6.88
N GLU B 5 23.97 -10.99 7.30
CA GLU B 5 24.05 -9.58 7.04
C GLU B 5 23.92 -9.20 5.61
N ALA B 6 22.68 -9.08 5.09
CA ALA B 6 22.45 -8.51 3.80
C ALA B 6 22.20 -7.05 3.93
N ASP B 7 23.08 -6.20 3.34
CA ASP B 7 23.02 -4.79 3.47
C ASP B 7 22.42 -4.23 2.22
N GLU B 8 21.10 -4.44 2.05
CA GLU B 8 20.40 -4.18 0.83
C GLU B 8 19.71 -2.86 0.80
N ASN B 9 19.74 -2.06 1.89
CA ASN B 9 19.34 -0.70 1.97
C ASN B 9 18.12 -0.22 1.27
N GLU B 10 16.93 -0.62 1.76
CA GLU B 10 15.68 0.04 1.55
C GLU B 10 14.97 -0.05 2.85
N GLN B 11 13.95 0.77 3.12
CA GLN B 11 13.44 1.00 4.43
C GLN B 11 11.99 0.66 4.56
N VAL B 12 11.28 1.23 5.55
CA VAL B 12 9.89 0.95 5.81
C VAL B 12 9.14 2.20 6.09
N SER B 13 7.83 2.18 5.81
CA SER B 13 6.94 3.28 5.99
C SER B 13 5.66 2.82 6.58
N ALA B 14 4.73 3.76 6.85
CA ALA B 14 3.36 3.48 7.18
C ALA B 14 2.52 4.62 6.73
N VAL B 15 1.26 4.34 6.35
CA VAL B 15 0.27 5.32 6.01
C VAL B 15 -1.07 4.67 6.29
#